data_1U5W
#
_entry.id   1U5W
#
_cell.length_a   70.996
_cell.length_b   129.336
_cell.length_c   85.378
_cell.angle_alpha   90.00
_cell.angle_beta   90.227
_cell.angle_gamma   90.00
#
_symmetry.space_group_name_H-M   'P 1 21 1'
#
loop_
_entity.id
_entity.type
_entity.pdbx_description
1 polymer 'Hypothetical UPF0244 protein yjjX'
2 non-polymer 'SULFATE ION'
3 water water
#
_entity_poly.entity_id   1
_entity_poly.type   'polypeptide(L)'
_entity_poly.pdbx_seq_one_letter_code
;MLIMHQVVCATTNPAKIQAILQAFHEIFGEGSCHIASVAVESGVPEQPFGSEETRAGARNRVANARRLLPEADFWVAIEA
GIDGDSTFSWVVIENASQRGEARSATLPLPAVILEKVREGEALGPVMSRYTGIDEIGRKEGAIGVFTAGKLTRASVYHQA
VILALSPFHNAVYSGRVEHHHHHH
;
_entity_poly.pdbx_strand_id   A,B,C,D,E,F,G,H
#
# COMPACT_ATOMS: atom_id res chain seq x y z
N MET A 4 5.89 -49.90 -43.38
CA MET A 4 5.29 -49.15 -42.23
C MET A 4 6.21 -48.02 -41.77
N HIS A 5 5.66 -47.08 -41.01
CA HIS A 5 6.45 -45.97 -40.48
C HIS A 5 6.85 -46.35 -39.07
N GLN A 6 8.09 -46.07 -38.70
CA GLN A 6 8.54 -46.40 -37.36
C GLN A 6 8.28 -45.13 -36.53
N VAL A 7 7.31 -45.22 -35.62
CA VAL A 7 6.98 -44.08 -34.78
C VAL A 7 7.44 -44.30 -33.35
N VAL A 8 8.27 -43.39 -32.88
CA VAL A 8 8.76 -43.47 -31.49
C VAL A 8 8.03 -42.40 -30.66
N CYS A 9 7.37 -42.85 -29.60
CA CYS A 9 6.79 -42.11 -28.53
C CYS A 9 7.68 -41.93 -27.29
N ALA A 10 8.06 -40.72 -27.01
CA ALA A 10 8.83 -40.27 -25.78
C ALA A 10 7.98 -40.26 -24.54
N THR A 11 7.37 -41.42 -24.27
CA THR A 11 6.47 -41.60 -23.13
C THR A 11 6.15 -43.08 -22.96
N THR A 12 5.97 -43.52 -21.73
CA THR A 12 5.64 -44.90 -21.45
C THR A 12 4.22 -44.99 -20.88
N ASN A 13 3.44 -43.94 -21.10
CA ASN A 13 2.06 -43.89 -20.62
C ASN A 13 1.14 -44.49 -21.66
N PRO A 14 0.37 -45.53 -21.29
CA PRO A 14 -0.57 -46.19 -22.20
C PRO A 14 -1.63 -45.27 -22.82
N ALA A 15 -2.16 -44.34 -22.04
CA ALA A 15 -3.18 -43.42 -22.56
C ALA A 15 -2.59 -42.63 -23.72
N LYS A 16 -1.44 -42.00 -23.49
CA LYS A 16 -0.79 -41.23 -24.53
C LYS A 16 -0.38 -42.11 -25.71
N ILE A 17 0.21 -43.26 -25.42
CA ILE A 17 0.63 -44.18 -26.49
C ILE A 17 -0.56 -44.50 -27.38
N GLN A 18 -1.70 -44.82 -26.75
CA GLN A 18 -2.94 -45.14 -27.44
C GLN A 18 -3.43 -44.02 -28.38
N ALA A 19 -3.40 -42.79 -27.88
CA ALA A 19 -3.84 -41.64 -28.66
C ALA A 19 -2.92 -41.42 -29.86
N ILE A 20 -1.60 -41.53 -29.64
CA ILE A 20 -0.65 -41.33 -30.72
C ILE A 20 -0.85 -42.35 -31.83
N LEU A 21 -0.99 -43.62 -31.46
CA LEU A 21 -1.18 -44.68 -32.46
C LEU A 21 -2.45 -44.45 -33.28
N GLN A 22 -3.57 -44.23 -32.59
CA GLN A 22 -4.86 -43.98 -33.22
C GLN A 22 -4.78 -42.80 -34.18
N ALA A 23 -4.23 -41.68 -33.70
CA ALA A 23 -4.09 -40.48 -34.51
C ALA A 23 -3.22 -40.74 -35.73
N PHE A 24 -2.15 -41.52 -35.55
CA PHE A 24 -1.25 -41.81 -36.67
C PHE A 24 -1.88 -42.76 -37.68
N HIS A 25 -2.71 -43.67 -37.19
CA HIS A 25 -3.37 -44.61 -38.08
C HIS A 25 -4.46 -43.92 -38.90
N GLU A 26 -5.13 -42.94 -38.30
CA GLU A 26 -6.19 -42.21 -38.98
C GLU A 26 -5.69 -41.38 -40.15
N ILE A 27 -4.47 -40.87 -40.02
CA ILE A 27 -3.89 -40.04 -41.06
C ILE A 27 -3.12 -40.85 -42.10
N PHE A 28 -2.35 -41.84 -41.66
CA PHE A 28 -1.56 -42.63 -42.59
C PHE A 28 -2.16 -43.99 -42.98
N GLY A 29 -3.31 -44.34 -42.39
CA GLY A 29 -3.94 -45.60 -42.72
C GLY A 29 -3.82 -46.66 -41.65
N GLU A 30 -4.85 -47.49 -41.54
CA GLU A 30 -4.88 -48.56 -40.55
C GLU A 30 -3.69 -49.50 -40.68
N GLY A 31 -3.09 -49.85 -39.55
CA GLY A 31 -1.96 -50.76 -39.54
C GLY A 31 -0.72 -50.34 -40.31
N SER A 32 -0.60 -49.06 -40.64
CA SER A 32 0.55 -48.58 -41.39
C SER A 32 1.64 -48.03 -40.47
N CYS A 33 1.46 -48.17 -39.16
CA CYS A 33 2.43 -47.65 -38.22
C CYS A 33 2.78 -48.58 -37.06
N HIS A 34 4.07 -48.60 -36.73
CA HIS A 34 4.56 -49.40 -35.61
C HIS A 34 5.04 -48.40 -34.57
N ILE A 35 4.53 -48.48 -33.35
CA ILE A 35 4.95 -47.56 -32.29
C ILE A 35 5.80 -48.23 -31.23
N ALA A 36 6.74 -47.45 -30.69
CA ALA A 36 7.64 -47.89 -29.63
C ALA A 36 7.88 -46.70 -28.71
N SER A 37 8.22 -46.97 -27.46
CA SER A 37 8.46 -45.92 -26.49
C SER A 37 9.91 -45.78 -26.06
N VAL A 38 10.29 -44.55 -25.73
CA VAL A 38 11.64 -44.27 -25.25
C VAL A 38 11.47 -43.28 -24.09
N ALA A 39 12.15 -43.55 -22.97
CA ALA A 39 12.06 -42.68 -21.80
C ALA A 39 13.22 -41.70 -21.79
N VAL A 40 12.91 -40.41 -21.94
CA VAL A 40 13.94 -39.39 -21.97
C VAL A 40 13.69 -38.24 -21.00
N GLU A 41 14.67 -37.35 -20.90
CA GLU A 41 14.58 -36.18 -20.02
C GLU A 41 13.78 -35.08 -20.70
N SER A 42 13.10 -34.27 -19.90
CA SER A 42 12.30 -33.16 -20.42
C SER A 42 13.05 -31.85 -20.27
N GLY A 43 14.08 -31.86 -19.42
CA GLY A 43 14.88 -30.67 -19.17
C GLY A 43 14.03 -29.57 -18.56
N VAL A 44 12.84 -29.97 -18.13
CA VAL A 44 11.88 -29.05 -17.54
C VAL A 44 11.37 -29.69 -16.24
N PRO A 45 10.84 -28.88 -15.31
CA PRO A 45 10.36 -29.45 -14.06
C PRO A 45 9.23 -30.48 -14.20
N GLU A 46 9.18 -31.42 -13.26
CA GLU A 46 8.18 -32.48 -13.27
C GLU A 46 6.76 -31.95 -13.49
N GLN A 47 6.50 -30.75 -12.97
CA GLN A 47 5.20 -30.12 -13.13
C GLN A 47 5.44 -28.77 -13.82
N PRO A 48 5.48 -28.76 -15.16
CA PRO A 48 5.71 -27.50 -15.88
C PRO A 48 4.57 -26.51 -15.65
N PHE A 49 4.95 -25.24 -15.50
CA PHE A 49 4.00 -24.17 -15.24
C PHE A 49 4.02 -23.24 -16.45
N GLY A 50 2.86 -22.91 -16.98
CA GLY A 50 2.80 -22.03 -18.13
C GLY A 50 2.84 -22.79 -19.44
N SER A 51 2.20 -22.23 -20.47
CA SER A 51 2.16 -22.85 -21.78
C SER A 51 3.55 -23.09 -22.37
N GLU A 52 4.39 -22.06 -22.37
CA GLU A 52 5.72 -22.17 -22.95
C GLU A 52 6.61 -23.25 -22.35
N GLU A 53 6.73 -23.28 -21.02
CA GLU A 53 7.58 -24.27 -20.37
C GLU A 53 7.11 -25.71 -20.63
N THR A 54 5.80 -25.94 -20.62
CA THR A 54 5.28 -27.28 -20.87
C THR A 54 5.62 -27.70 -22.32
N ARG A 55 5.42 -26.77 -23.27
CA ARG A 55 5.74 -27.06 -24.67
C ARG A 55 7.25 -27.28 -24.85
N ALA A 56 8.05 -26.54 -24.09
CA ALA A 56 9.51 -26.67 -24.18
C ALA A 56 9.94 -28.08 -23.78
N GLY A 57 9.28 -28.62 -22.77
CA GLY A 57 9.59 -29.98 -22.35
C GLY A 57 9.28 -30.96 -23.46
N ALA A 58 8.12 -30.79 -24.10
CA ALA A 58 7.73 -31.69 -25.19
C ALA A 58 8.80 -31.68 -26.27
N ARG A 59 9.28 -30.49 -26.60
CA ARG A 59 10.31 -30.33 -27.62
C ARG A 59 11.62 -30.99 -27.18
N ASN A 60 11.97 -30.85 -25.90
CA ASN A 60 13.19 -31.43 -25.39
C ASN A 60 13.11 -32.96 -25.45
N ARG A 61 11.93 -33.49 -25.14
CA ARG A 61 11.76 -34.93 -25.20
C ARG A 61 11.93 -35.44 -26.62
N VAL A 62 11.41 -34.71 -27.60
CA VAL A 62 11.53 -35.12 -28.99
C VAL A 62 12.98 -35.10 -29.47
N ALA A 63 13.72 -34.07 -29.07
CA ALA A 63 15.12 -33.97 -29.48
C ALA A 63 15.93 -35.11 -28.89
N ASN A 64 15.67 -35.43 -27.62
CA ASN A 64 16.39 -36.52 -26.94
C ASN A 64 16.02 -37.87 -27.56
N ALA A 65 14.74 -38.06 -27.84
CA ALA A 65 14.28 -39.30 -28.45
C ALA A 65 14.86 -39.44 -29.85
N ARG A 66 14.88 -38.33 -30.58
CA ARG A 66 15.39 -38.33 -31.95
C ARG A 66 16.87 -38.72 -32.03
N ARG A 67 17.67 -38.24 -31.08
CA ARG A 67 19.10 -38.57 -31.10
C ARG A 67 19.36 -40.02 -30.66
N LEU A 68 18.56 -40.51 -29.71
CA LEU A 68 18.71 -41.88 -29.22
C LEU A 68 18.28 -42.92 -30.24
N LEU A 69 17.20 -42.66 -30.96
CA LEU A 69 16.72 -43.60 -31.97
C LEU A 69 16.61 -42.94 -33.34
N PRO A 70 17.76 -42.56 -33.93
CA PRO A 70 17.84 -41.92 -35.24
C PRO A 70 17.27 -42.70 -36.42
N GLU A 71 17.05 -43.99 -36.25
CA GLU A 71 16.51 -44.81 -37.33
C GLU A 71 15.01 -44.59 -37.57
N ALA A 72 14.25 -44.30 -36.52
CA ALA A 72 12.81 -44.09 -36.65
C ALA A 72 12.43 -43.06 -37.71
N ASP A 73 11.13 -42.99 -38.03
CA ASP A 73 10.64 -42.03 -39.02
C ASP A 73 10.04 -40.81 -38.35
N PHE A 74 9.37 -41.03 -37.22
CA PHE A 74 8.75 -39.96 -36.47
C PHE A 74 9.10 -40.03 -34.99
N TRP A 75 9.20 -38.85 -34.37
CA TRP A 75 9.47 -38.73 -32.95
C TRP A 75 8.34 -37.84 -32.40
N VAL A 76 7.63 -38.32 -31.38
CA VAL A 76 6.52 -37.56 -30.82
C VAL A 76 6.43 -37.58 -29.31
N ALA A 77 6.06 -36.44 -28.74
CA ALA A 77 5.92 -36.29 -27.31
C ALA A 77 4.63 -35.54 -26.97
N ILE A 78 4.11 -35.79 -25.76
CA ILE A 78 2.92 -35.11 -25.27
C ILE A 78 3.21 -34.72 -23.82
N GLU A 79 3.44 -33.42 -23.59
CA GLU A 79 3.78 -32.90 -22.26
C GLU A 79 2.62 -32.19 -21.56
N ALA A 80 2.31 -32.63 -20.34
CA ALA A 80 1.22 -32.04 -19.55
C ALA A 80 1.74 -30.88 -18.68
N GLY A 81 0.89 -29.89 -18.46
CA GLY A 81 1.29 -28.75 -17.65
C GLY A 81 0.08 -28.02 -17.11
N ILE A 82 0.30 -27.08 -16.19
CA ILE A 82 -0.83 -26.34 -15.66
C ILE A 82 -0.68 -24.86 -15.90
N ASP A 83 -1.83 -24.20 -15.92
CA ASP A 83 -1.97 -22.78 -16.13
C ASP A 83 -2.32 -22.09 -14.82
N GLY A 84 -2.67 -20.81 -14.90
CA GLY A 84 -3.05 -20.09 -13.71
C GLY A 84 -4.43 -20.55 -13.29
N ASP A 85 -5.09 -21.31 -14.16
CA ASP A 85 -6.42 -21.79 -13.85
C ASP A 85 -6.83 -23.05 -14.62
N SER A 86 -5.85 -23.79 -15.14
CA SER A 86 -6.19 -24.98 -15.90
C SER A 86 -5.03 -25.92 -16.16
N THR A 87 -5.36 -27.10 -16.66
CA THR A 87 -4.35 -28.09 -17.01
C THR A 87 -4.58 -28.43 -18.48
N PHE A 88 -3.50 -28.83 -19.16
CA PHE A 88 -3.54 -29.14 -20.59
C PHE A 88 -2.20 -29.78 -20.95
N SER A 89 -1.99 -30.03 -22.24
CA SER A 89 -0.72 -30.61 -22.69
C SER A 89 -0.32 -30.14 -24.07
N TRP A 90 0.96 -30.30 -24.41
CA TRP A 90 1.47 -29.94 -25.72
C TRP A 90 1.95 -31.19 -26.44
N VAL A 91 1.62 -31.28 -27.73
CA VAL A 91 2.01 -32.40 -28.57
C VAL A 91 3.04 -31.87 -29.57
N VAL A 92 4.19 -32.51 -29.65
CA VAL A 92 5.20 -32.09 -30.62
C VAL A 92 5.60 -33.31 -31.45
N ILE A 93 5.67 -33.12 -32.76
CA ILE A 93 6.02 -34.20 -33.68
C ILE A 93 7.14 -33.79 -34.63
N GLU A 94 8.03 -34.74 -34.89
CA GLU A 94 9.15 -34.49 -35.79
C GLU A 94 9.47 -35.69 -36.67
N ASN A 95 9.92 -35.42 -37.89
CA ASN A 95 10.34 -36.49 -38.78
C ASN A 95 11.64 -35.95 -39.36
N ALA A 96 12.21 -36.60 -40.36
CA ALA A 96 13.46 -36.11 -40.91
C ALA A 96 13.33 -34.68 -41.42
N SER A 97 12.23 -34.42 -42.10
CA SER A 97 11.97 -33.12 -42.73
C SER A 97 11.41 -31.96 -41.92
N GLN A 98 10.25 -32.14 -41.29
CA GLN A 98 9.65 -31.02 -40.56
C GLN A 98 9.14 -31.30 -39.14
N ARG A 99 8.42 -30.32 -38.60
CA ARG A 99 7.87 -30.42 -37.25
C ARG A 99 6.41 -29.95 -37.18
N GLY A 100 5.66 -30.53 -36.25
CA GLY A 100 4.27 -30.17 -36.06
C GLY A 100 3.99 -30.04 -34.57
N GLU A 101 3.35 -28.94 -34.17
CA GLU A 101 3.05 -28.72 -32.76
C GLU A 101 1.59 -28.33 -32.52
N ALA A 102 1.02 -28.82 -31.42
CA ALA A 102 -0.35 -28.50 -31.09
C ALA A 102 -0.60 -28.62 -29.61
N ARG A 103 -1.36 -27.67 -29.07
CA ARG A 103 -1.71 -27.65 -27.67
C ARG A 103 -3.11 -28.27 -27.54
N SER A 104 -3.32 -29.08 -26.50
CA SER A 104 -4.61 -29.73 -26.30
C SER A 104 -5.67 -28.78 -25.78
N ALA A 105 -6.89 -29.30 -25.65
CA ALA A 105 -7.99 -28.52 -25.13
C ALA A 105 -7.69 -28.30 -23.64
N THR A 106 -8.21 -27.21 -23.09
CA THR A 106 -8.00 -26.84 -21.70
C THR A 106 -9.06 -27.30 -20.70
N LEU A 107 -8.62 -27.68 -19.51
CA LEU A 107 -9.54 -28.11 -18.45
C LEU A 107 -9.47 -27.12 -17.29
N PRO A 108 -10.53 -26.33 -17.07
CA PRO A 108 -10.51 -25.36 -15.96
C PRO A 108 -10.51 -26.16 -14.66
N LEU A 109 -9.63 -25.79 -13.72
CA LEU A 109 -9.52 -26.51 -12.45
C LEU A 109 -10.09 -25.81 -11.24
N PRO A 110 -10.59 -26.61 -10.28
CA PRO A 110 -11.17 -26.07 -9.06
C PRO A 110 -10.18 -25.12 -8.38
N ALA A 111 -10.70 -24.04 -7.82
CA ALA A 111 -9.85 -23.06 -7.14
C ALA A 111 -8.92 -23.75 -6.14
N VAL A 112 -9.50 -24.60 -5.30
CA VAL A 112 -8.72 -25.31 -4.29
C VAL A 112 -7.65 -26.22 -4.87
N ILE A 113 -7.99 -26.94 -5.93
CA ILE A 113 -7.02 -27.84 -6.55
C ILE A 113 -5.85 -27.02 -7.07
N LEU A 114 -6.16 -25.89 -7.69
CA LEU A 114 -5.14 -25.01 -8.24
C LEU A 114 -4.18 -24.51 -7.16
N GLU A 115 -4.72 -23.91 -6.11
CA GLU A 115 -3.87 -23.39 -5.04
C GLU A 115 -3.01 -24.48 -4.40
N LYS A 116 -3.50 -25.72 -4.39
CA LYS A 116 -2.75 -26.82 -3.80
C LYS A 116 -1.52 -27.21 -4.65
N VAL A 117 -1.66 -27.17 -5.97
CA VAL A 117 -0.52 -27.50 -6.83
C VAL A 117 0.41 -26.30 -6.85
N ARG A 118 -0.14 -25.11 -6.61
CA ARG A 118 0.63 -23.87 -6.58
C ARG A 118 1.38 -23.78 -5.25
N GLU A 119 1.16 -24.77 -4.39
CA GLU A 119 1.81 -24.82 -3.08
C GLU A 119 2.94 -25.84 -3.02
N GLY A 120 3.21 -26.53 -4.14
CA GLY A 120 4.30 -27.50 -4.14
C GLY A 120 4.01 -28.88 -4.69
N GLU A 121 2.78 -29.34 -4.55
CA GLU A 121 2.41 -30.67 -5.03
C GLU A 121 2.12 -30.78 -6.51
N ALA A 122 2.39 -31.95 -7.07
CA ALA A 122 2.13 -32.21 -8.47
C ALA A 122 0.64 -32.48 -8.61
N LEU A 123 0.10 -32.21 -9.79
CA LEU A 123 -1.32 -32.42 -10.05
C LEU A 123 -1.71 -33.88 -9.81
N GLY A 124 -0.82 -34.79 -10.20
CA GLY A 124 -1.10 -36.21 -10.02
C GLY A 124 -1.47 -36.54 -8.59
N PRO A 125 -0.62 -36.12 -7.65
CA PRO A 125 -0.85 -36.38 -6.24
C PRO A 125 -2.09 -35.68 -5.67
N VAL A 126 -2.31 -34.43 -6.06
CA VAL A 126 -3.46 -33.68 -5.57
C VAL A 126 -4.78 -34.27 -6.06
N MET A 127 -4.76 -34.89 -7.23
CA MET A 127 -5.94 -35.52 -7.80
C MET A 127 -6.03 -36.96 -7.32
N SER A 128 -4.87 -37.63 -7.27
CA SER A 128 -4.78 -39.02 -6.82
C SER A 128 -5.22 -39.12 -5.35
N ARG A 129 -4.67 -38.25 -4.52
CA ARG A 129 -4.99 -38.22 -3.10
C ARG A 129 -6.43 -37.70 -2.92
N TYR A 130 -7.03 -37.29 -4.03
CA TYR A 130 -8.39 -36.78 -4.04
C TYR A 130 -9.29 -37.75 -4.80
N GLU A 140 -7.38 -41.73 -18.09
CA GLU A 140 -8.58 -41.10 -17.55
C GLU A 140 -8.25 -39.71 -16.99
N GLY A 141 -7.19 -39.63 -16.20
CA GLY A 141 -6.78 -38.37 -15.61
C GLY A 141 -7.88 -37.56 -14.95
N ALA A 142 -7.61 -36.27 -14.76
CA ALA A 142 -8.56 -35.36 -14.15
C ALA A 142 -9.71 -35.04 -15.10
N ILE A 143 -9.48 -35.27 -16.38
CA ILE A 143 -10.51 -35.01 -17.39
C ILE A 143 -11.69 -35.93 -17.15
N GLY A 144 -11.40 -37.20 -16.92
CA GLY A 144 -12.44 -38.18 -16.69
C GLY A 144 -13.30 -37.86 -15.48
N VAL A 145 -12.66 -37.51 -14.38
CA VAL A 145 -13.40 -37.23 -13.17
C VAL A 145 -14.30 -35.98 -13.26
N PHE A 146 -13.83 -34.94 -13.94
CA PHE A 146 -14.61 -33.71 -14.06
C PHE A 146 -15.60 -33.65 -15.23
N THR A 147 -15.46 -34.53 -16.21
CA THR A 147 -16.39 -34.54 -17.32
C THR A 147 -17.38 -35.68 -17.06
N ALA A 148 -17.46 -36.10 -15.80
CA ALA A 148 -18.35 -37.18 -15.38
C ALA A 148 -18.24 -38.38 -16.31
N GLY A 149 -17.03 -38.63 -16.81
CA GLY A 149 -16.81 -39.76 -17.68
C GLY A 149 -17.08 -39.54 -19.16
N LYS A 150 -17.64 -38.38 -19.52
CA LYS A 150 -17.95 -38.11 -20.92
C LYS A 150 -16.74 -37.90 -21.82
N LEU A 151 -15.57 -37.66 -21.21
CA LEU A 151 -14.34 -37.49 -21.97
C LEU A 151 -13.20 -38.18 -21.25
N THR A 152 -12.29 -38.77 -22.02
CA THR A 152 -11.13 -39.44 -21.45
C THR A 152 -9.88 -38.69 -21.86
N ARG A 153 -8.83 -38.82 -21.07
CA ARG A 153 -7.56 -38.17 -21.34
C ARG A 153 -7.09 -38.54 -22.76
N ALA A 154 -7.21 -39.81 -23.10
CA ALA A 154 -6.80 -40.31 -24.41
C ALA A 154 -7.59 -39.63 -25.52
N SER A 155 -8.86 -39.35 -25.22
CA SER A 155 -9.75 -38.72 -26.18
C SER A 155 -9.33 -37.29 -26.54
N VAL A 156 -8.79 -36.54 -25.59
CA VAL A 156 -8.38 -35.17 -25.90
C VAL A 156 -6.94 -35.14 -26.44
N TYR A 157 -6.12 -36.11 -26.05
CA TYR A 157 -4.74 -36.17 -26.54
C TYR A 157 -4.83 -36.46 -28.03
N HIS A 158 -5.70 -37.41 -28.36
CA HIS A 158 -5.93 -37.86 -29.71
C HIS A 158 -6.17 -36.73 -30.71
N GLN A 159 -7.14 -35.87 -30.42
CA GLN A 159 -7.43 -34.75 -31.29
C GLN A 159 -6.18 -33.89 -31.45
N ALA A 160 -5.45 -33.70 -30.36
CA ALA A 160 -4.24 -32.90 -30.38
C ALA A 160 -3.19 -33.50 -31.31
N VAL A 161 -2.96 -34.80 -31.26
CA VAL A 161 -1.96 -35.41 -32.13
C VAL A 161 -2.37 -35.24 -33.60
N ILE A 162 -3.66 -35.42 -33.88
CA ILE A 162 -4.14 -35.26 -35.24
C ILE A 162 -3.88 -33.84 -35.74
N LEU A 163 -4.06 -32.85 -34.88
CA LEU A 163 -3.84 -31.47 -35.29
C LEU A 163 -2.38 -31.19 -35.61
N ALA A 164 -1.48 -31.55 -34.70
CA ALA A 164 -0.05 -31.33 -34.89
C ALA A 164 0.50 -32.16 -36.06
N LEU A 165 -0.28 -33.14 -36.52
CA LEU A 165 0.12 -33.99 -37.62
C LEU A 165 -0.08 -33.29 -38.96
N SER A 166 -0.82 -32.18 -38.94
CA SER A 166 -1.12 -31.42 -40.15
C SER A 166 -0.01 -31.17 -41.17
N PRO A 167 1.13 -30.62 -40.73
CA PRO A 167 2.23 -30.36 -41.67
C PRO A 167 2.74 -31.58 -42.43
N PHE A 168 2.59 -32.76 -41.85
CA PHE A 168 3.08 -33.98 -42.44
C PHE A 168 2.24 -34.63 -43.56
N HIS A 169 1.09 -34.04 -43.89
CA HIS A 169 0.28 -34.58 -44.99
C HIS A 169 -0.36 -33.46 -45.83
N ASN A 170 0.17 -32.26 -45.68
CA ASN A 170 -0.27 -31.08 -46.42
C ASN A 170 1.00 -30.39 -46.92
N ALA A 171 1.27 -30.52 -48.21
CA ALA A 171 2.46 -29.93 -48.80
C ALA A 171 2.54 -28.41 -48.64
N VAL A 172 1.40 -27.78 -48.42
CA VAL A 172 1.38 -26.33 -48.28
C VAL A 172 2.32 -25.83 -47.19
N TYR A 173 2.41 -26.56 -46.09
CA TYR A 173 3.29 -26.18 -45.00
C TYR A 173 4.72 -26.09 -45.54
N SER A 174 4.87 -26.50 -46.80
CA SER A 174 6.14 -26.49 -47.51
C SER A 174 7.10 -27.54 -46.98
N ILE B 3 -33.56 -30.63 -14.45
CA ILE B 3 -34.78 -30.24 -15.20
C ILE B 3 -34.48 -29.81 -16.65
N MET B 4 -35.30 -28.93 -17.19
CA MET B 4 -35.15 -28.46 -18.57
C MET B 4 -34.47 -27.11 -18.64
N HIS B 5 -33.33 -27.07 -19.32
CA HIS B 5 -32.53 -25.86 -19.45
C HIS B 5 -32.77 -25.03 -20.71
N GLN B 6 -32.79 -23.71 -20.53
CA GLN B 6 -32.94 -22.77 -21.64
C GLN B 6 -31.51 -22.29 -21.88
N VAL B 7 -30.92 -22.73 -22.99
CA VAL B 7 -29.54 -22.37 -23.32
C VAL B 7 -29.42 -21.37 -24.47
N VAL B 8 -28.92 -20.19 -24.17
CA VAL B 8 -28.75 -19.18 -25.20
C VAL B 8 -27.32 -19.21 -25.75
N CYS B 9 -27.19 -19.43 -27.06
CA CYS B 9 -25.89 -19.47 -27.73
C CYS B 9 -25.59 -18.11 -28.35
N ALA B 10 -24.56 -17.44 -27.86
CA ALA B 10 -24.20 -16.13 -28.39
C ALA B 10 -23.52 -16.25 -29.74
N THR B 11 -24.19 -16.91 -30.68
CA THR B 11 -23.66 -17.12 -32.02
C THR B 11 -24.74 -17.70 -32.91
N THR B 12 -24.58 -17.51 -34.22
CA THR B 12 -25.51 -18.01 -35.21
C THR B 12 -24.81 -19.11 -36.02
N ASN B 13 -23.50 -19.25 -35.80
CA ASN B 13 -22.69 -20.24 -36.51
C ASN B 13 -23.23 -21.64 -36.24
N PRO B 14 -23.78 -22.31 -37.28
CA PRO B 14 -24.33 -23.66 -37.13
C PRO B 14 -23.34 -24.67 -36.57
N ALA B 15 -22.06 -24.57 -36.96
CA ALA B 15 -21.07 -25.49 -36.44
C ALA B 15 -20.89 -25.31 -34.92
N LYS B 16 -20.93 -24.07 -34.45
CA LYS B 16 -20.78 -23.81 -33.00
C LYS B 16 -22.00 -24.31 -32.24
N ILE B 17 -23.19 -23.98 -32.73
CA ILE B 17 -24.44 -24.39 -32.10
C ILE B 17 -24.48 -25.92 -31.99
N GLN B 18 -24.06 -26.60 -33.05
CA GLN B 18 -24.03 -28.06 -33.07
C GLN B 18 -23.17 -28.57 -31.91
N ALA B 19 -22.00 -27.96 -31.74
CA ALA B 19 -21.08 -28.36 -30.67
C ALA B 19 -21.63 -28.06 -29.27
N ILE B 20 -22.33 -26.93 -29.14
CA ILE B 20 -22.90 -26.54 -27.85
C ILE B 20 -23.98 -27.55 -27.48
N LEU B 21 -24.97 -27.67 -28.36
CA LEU B 21 -26.09 -28.57 -28.17
C LEU B 21 -25.65 -29.98 -27.76
N GLN B 22 -24.64 -30.51 -28.44
CA GLN B 22 -24.15 -31.86 -28.14
C GLN B 22 -23.53 -31.96 -26.76
N ALA B 23 -22.71 -30.98 -26.38
CA ALA B 23 -22.07 -31.00 -25.07
C ALA B 23 -23.08 -30.97 -23.93
N PHE B 24 -24.07 -30.08 -24.03
CA PHE B 24 -25.08 -29.97 -22.99
C PHE B 24 -25.91 -31.23 -22.84
N HIS B 25 -26.21 -31.90 -23.96
CA HIS B 25 -26.98 -33.13 -23.90
C HIS B 25 -26.18 -34.22 -23.21
N GLU B 26 -24.89 -34.30 -23.52
CA GLU B 26 -24.04 -35.31 -22.91
C GLU B 26 -23.81 -35.08 -21.41
N ILE B 27 -23.79 -33.82 -20.99
CA ILE B 27 -23.59 -33.54 -19.57
C ILE B 27 -24.91 -33.57 -18.82
N PHE B 28 -25.93 -32.90 -19.36
CA PHE B 28 -27.23 -32.84 -18.68
C PHE B 28 -28.29 -33.83 -19.10
N GLY B 29 -28.02 -34.61 -20.14
CA GLY B 29 -29.00 -35.59 -20.60
C GLY B 29 -29.73 -35.17 -21.86
N GLU B 30 -29.92 -36.12 -22.76
CA GLU B 30 -30.59 -35.84 -24.03
C GLU B 30 -32.01 -35.36 -23.78
N GLY B 31 -32.45 -34.39 -24.58
CA GLY B 31 -33.79 -33.84 -24.43
C GLY B 31 -33.95 -33.12 -23.11
N SER B 32 -32.95 -32.33 -22.73
CA SER B 32 -32.99 -31.58 -21.49
C SER B 32 -32.58 -30.13 -21.68
N CYS B 33 -32.22 -29.78 -22.92
CA CYS B 33 -31.81 -28.43 -23.22
C CYS B 33 -32.39 -27.88 -24.50
N HIS B 34 -33.14 -26.78 -24.36
CA HIS B 34 -33.73 -26.13 -25.52
C HIS B 34 -32.79 -25.02 -25.94
N ILE B 35 -32.51 -24.95 -27.24
CA ILE B 35 -31.58 -23.96 -27.78
C ILE B 35 -32.22 -22.70 -28.34
N ALA B 36 -31.55 -21.58 -28.09
CA ALA B 36 -31.97 -20.28 -28.60
C ALA B 36 -30.69 -19.59 -29.03
N SER B 37 -30.60 -19.18 -30.29
CA SER B 37 -29.40 -18.50 -30.77
C SER B 37 -29.66 -17.04 -31.10
N VAL B 38 -28.71 -16.19 -30.74
CA VAL B 38 -28.85 -14.76 -30.98
C VAL B 38 -27.54 -14.19 -31.53
N ALA B 39 -27.66 -13.15 -32.36
CA ALA B 39 -26.49 -12.52 -32.93
C ALA B 39 -26.17 -11.33 -32.03
N VAL B 40 -24.91 -11.22 -31.62
CA VAL B 40 -24.48 -10.14 -30.75
C VAL B 40 -23.06 -9.69 -31.07
N GLU B 41 -22.68 -8.57 -30.48
CA GLU B 41 -21.36 -7.99 -30.66
C GLU B 41 -20.33 -8.74 -29.80
N SER B 42 -19.08 -8.75 -30.27
CA SER B 42 -17.99 -9.41 -29.56
C SER B 42 -17.15 -8.34 -28.87
N GLY B 43 -17.27 -7.11 -29.34
CA GLY B 43 -16.51 -6.02 -28.77
C GLY B 43 -15.01 -6.20 -28.97
N VAL B 44 -14.65 -7.01 -29.95
CA VAL B 44 -13.25 -7.27 -30.24
C VAL B 44 -13.07 -7.34 -31.77
N PRO B 45 -11.85 -7.12 -32.28
CA PRO B 45 -11.62 -7.17 -33.74
C PRO B 45 -12.08 -8.40 -34.48
N GLU B 46 -12.42 -8.19 -35.76
CA GLU B 46 -12.88 -9.26 -36.65
C GLU B 46 -11.97 -10.47 -36.51
N GLN B 47 -10.66 -10.23 -36.44
CA GLN B 47 -9.67 -11.29 -36.26
C GLN B 47 -8.89 -11.05 -34.98
N PRO B 48 -9.31 -11.68 -33.88
CA PRO B 48 -8.58 -11.46 -32.64
C PRO B 48 -7.23 -12.18 -32.55
N PHE B 49 -6.28 -11.56 -31.85
CA PHE B 49 -4.95 -12.13 -31.66
C PHE B 49 -4.63 -12.23 -30.17
N GLY B 50 -4.09 -13.37 -29.77
CA GLY B 50 -3.72 -13.58 -28.39
C GLY B 50 -4.80 -14.28 -27.61
N SER B 51 -4.43 -14.87 -26.50
CA SER B 51 -5.39 -15.56 -25.65
C SER B 51 -6.33 -14.56 -24.98
N GLU B 52 -5.77 -13.46 -24.50
CA GLU B 52 -6.56 -12.45 -23.80
C GLU B 52 -7.68 -11.82 -24.65
N GLU B 53 -7.32 -11.39 -25.85
CA GLU B 53 -8.29 -10.75 -26.72
C GLU B 53 -9.40 -11.67 -27.20
N THR B 54 -9.07 -12.90 -27.57
CA THR B 54 -10.13 -13.78 -28.06
C THR B 54 -11.03 -14.19 -26.90
N ARG B 55 -10.45 -14.32 -25.71
CA ARG B 55 -11.22 -14.70 -24.53
C ARG B 55 -12.22 -13.59 -24.18
N ALA B 56 -11.77 -12.34 -24.32
CA ALA B 56 -12.58 -11.18 -24.03
C ALA B 56 -13.80 -11.15 -24.95
N GLY B 57 -13.58 -11.55 -26.21
CA GLY B 57 -14.67 -11.57 -27.16
C GLY B 57 -15.77 -12.50 -26.69
N ALA B 58 -15.40 -13.73 -26.34
CA ALA B 58 -16.35 -14.72 -25.87
C ALA B 58 -17.12 -14.24 -24.64
N ARG B 59 -16.43 -13.57 -23.72
CA ARG B 59 -17.10 -13.07 -22.51
C ARG B 59 -18.09 -11.96 -22.83
N ASN B 60 -17.70 -11.07 -23.73
CA ASN B 60 -18.57 -9.96 -24.12
C ASN B 60 -19.84 -10.49 -24.79
N ARG B 61 -19.69 -11.51 -25.62
CA ARG B 61 -20.83 -12.10 -26.33
C ARG B 61 -21.82 -12.66 -25.32
N VAL B 62 -21.29 -13.38 -24.34
CA VAL B 62 -22.14 -13.96 -23.30
C VAL B 62 -22.89 -12.86 -22.54
N ALA B 63 -22.17 -11.80 -22.16
CA ALA B 63 -22.78 -10.69 -21.43
C ALA B 63 -23.89 -10.09 -22.27
N ASN B 64 -23.55 -9.75 -23.51
CA ASN B 64 -24.52 -9.18 -24.43
C ASN B 64 -25.74 -10.07 -24.56
N ALA B 65 -25.52 -11.37 -24.74
CA ALA B 65 -26.62 -12.31 -24.86
C ALA B 65 -27.47 -12.31 -23.59
N ARG B 66 -26.80 -12.30 -22.45
CA ARG B 66 -27.49 -12.32 -21.17
C ARG B 66 -28.40 -11.09 -21.03
N ARG B 67 -27.98 -10.00 -21.65
CA ARG B 67 -28.74 -8.75 -21.62
C ARG B 67 -30.06 -8.90 -22.38
N LEU B 68 -30.00 -9.50 -23.56
CA LEU B 68 -31.16 -9.71 -24.41
C LEU B 68 -32.14 -10.76 -23.93
N LEU B 69 -31.61 -11.85 -23.37
CA LEU B 69 -32.44 -12.93 -22.86
C LEU B 69 -31.99 -13.28 -21.45
N PRO B 70 -32.18 -12.34 -20.50
CA PRO B 70 -31.82 -12.45 -19.09
C PRO B 70 -32.54 -13.51 -18.29
N GLU B 71 -33.65 -14.03 -18.82
CA GLU B 71 -34.43 -15.02 -18.09
C GLU B 71 -34.10 -16.45 -18.48
N ALA B 72 -32.98 -16.64 -19.17
CA ALA B 72 -32.55 -17.96 -19.59
C ALA B 72 -31.73 -18.61 -18.45
N ASP B 73 -31.31 -19.85 -18.65
CA ASP B 73 -30.51 -20.54 -17.64
C ASP B 73 -29.03 -20.49 -17.99
N PHE B 74 -28.70 -20.69 -19.26
CA PHE B 74 -27.30 -20.64 -19.66
C PHE B 74 -27.10 -19.71 -20.85
N TRP B 75 -25.90 -19.17 -20.94
CA TRP B 75 -25.50 -18.29 -22.02
C TRP B 75 -24.10 -18.81 -22.38
N VAL B 76 -23.89 -19.15 -23.65
CA VAL B 76 -22.59 -19.68 -24.08
C VAL B 76 -22.07 -19.01 -25.35
N ALA B 77 -20.75 -18.97 -25.50
CA ALA B 77 -20.14 -18.37 -26.67
C ALA B 77 -18.78 -18.97 -26.96
N ILE B 78 -18.43 -19.01 -28.25
CA ILE B 78 -17.15 -19.55 -28.69
C ILE B 78 -16.53 -18.53 -29.64
N GLU B 79 -15.36 -18.01 -29.29
CA GLU B 79 -14.68 -17.03 -30.13
C GLU B 79 -13.34 -17.57 -30.58
N ALA B 80 -13.07 -17.46 -31.88
CA ALA B 80 -11.81 -17.93 -32.46
C ALA B 80 -10.74 -16.85 -32.49
N GLY B 81 -9.47 -17.28 -32.57
CA GLY B 81 -8.37 -16.34 -32.62
C GLY B 81 -7.05 -16.95 -33.07
N ILE B 82 -6.07 -16.08 -33.25
CA ILE B 82 -4.76 -16.52 -33.67
C ILE B 82 -3.84 -16.45 -32.46
N ASP B 83 -3.16 -17.56 -32.19
CA ASP B 83 -2.25 -17.65 -31.08
C ASP B 83 -0.92 -18.14 -31.66
N GLY B 84 0.06 -17.25 -31.73
CA GLY B 84 1.34 -17.64 -32.28
C GLY B 84 1.21 -18.03 -33.74
N ASP B 85 1.54 -19.28 -34.06
CA ASP B 85 1.44 -19.76 -35.44
C ASP B 85 0.23 -20.68 -35.63
N SER B 86 -0.79 -20.50 -34.79
CA SER B 86 -1.97 -21.35 -34.88
C SER B 86 -3.28 -20.60 -34.63
N THR B 87 -4.38 -21.33 -34.81
CA THR B 87 -5.72 -20.80 -34.60
C THR B 87 -6.40 -21.67 -33.55
N PHE B 88 -7.27 -21.06 -32.75
CA PHE B 88 -7.98 -21.76 -31.68
C PHE B 88 -9.16 -20.89 -31.25
N SER B 89 -9.86 -21.32 -30.21
CA SER B 89 -10.98 -20.53 -29.72
C SER B 89 -11.24 -20.73 -28.22
N TRP B 90 -11.88 -19.75 -27.61
CA TRP B 90 -12.24 -19.82 -26.19
C TRP B 90 -13.74 -20.11 -26.07
N VAL B 91 -14.10 -20.90 -25.06
CA VAL B 91 -15.50 -21.19 -24.80
C VAL B 91 -15.80 -20.59 -23.42
N VAL B 92 -16.84 -19.76 -23.34
CA VAL B 92 -17.22 -19.16 -22.08
C VAL B 92 -18.68 -19.48 -21.83
N ILE B 93 -18.97 -19.94 -20.62
CA ILE B 93 -20.33 -20.30 -20.25
C ILE B 93 -20.67 -19.66 -18.91
N GLU B 94 -21.90 -19.20 -18.78
CA GLU B 94 -22.34 -18.57 -17.55
C GLU B 94 -23.78 -18.99 -17.26
N ASN B 95 -24.11 -19.10 -15.98
CA ASN B 95 -25.46 -19.42 -15.58
C ASN B 95 -25.85 -18.39 -14.53
N ALA B 96 -26.81 -18.72 -13.70
CA ALA B 96 -27.24 -17.79 -12.66
C ALA B 96 -26.10 -17.22 -11.79
N SER B 97 -25.17 -18.06 -11.35
CA SER B 97 -24.11 -17.58 -10.48
C SER B 97 -22.68 -18.05 -10.74
N GLN B 98 -22.46 -18.89 -11.75
CA GLN B 98 -21.11 -19.36 -12.05
C GLN B 98 -20.67 -19.03 -13.47
N ARG B 99 -19.37 -19.22 -13.70
CA ARG B 99 -18.72 -18.99 -14.99
C ARG B 99 -17.78 -20.16 -15.25
N GLY B 100 -17.79 -20.68 -16.48
CA GLY B 100 -16.92 -21.78 -16.85
C GLY B 100 -16.26 -21.47 -18.18
N GLU B 101 -14.94 -21.65 -18.27
CA GLU B 101 -14.23 -21.34 -19.51
C GLU B 101 -13.21 -22.41 -19.89
N ALA B 102 -12.96 -22.55 -21.20
CA ALA B 102 -12.00 -23.53 -21.70
C ALA B 102 -11.56 -23.23 -23.13
N ARG B 103 -10.29 -23.52 -23.43
CA ARG B 103 -9.75 -23.32 -24.77
C ARG B 103 -9.85 -24.63 -25.55
N SER B 104 -10.11 -24.54 -26.84
CA SER B 104 -10.18 -25.74 -27.68
C SER B 104 -8.73 -26.03 -28.07
N ALA B 105 -8.48 -27.21 -28.64
CA ALA B 105 -7.14 -27.60 -29.07
C ALA B 105 -6.73 -26.67 -30.22
N THR B 106 -5.45 -26.31 -30.28
CA THR B 106 -4.97 -25.42 -31.34
C THR B 106 -4.61 -26.15 -32.62
N LEU B 107 -4.66 -25.43 -33.74
CA LEU B 107 -4.35 -25.95 -35.07
C LEU B 107 -3.20 -25.14 -35.69
N PRO B 108 -2.05 -25.78 -35.95
CA PRO B 108 -0.92 -25.05 -36.55
C PRO B 108 -1.24 -24.67 -38.00
N LEU B 109 -0.92 -23.44 -38.38
CA LEU B 109 -1.21 -22.98 -39.74
C LEU B 109 0.04 -22.84 -40.61
N PRO B 110 -0.11 -23.04 -41.91
CA PRO B 110 1.06 -22.92 -42.79
C PRO B 110 1.57 -21.47 -42.79
N ALA B 111 2.89 -21.31 -42.92
CA ALA B 111 3.48 -19.98 -42.91
C ALA B 111 2.88 -19.05 -43.97
N VAL B 112 2.52 -19.59 -45.13
CA VAL B 112 1.94 -18.76 -46.18
C VAL B 112 0.58 -18.19 -45.77
N ILE B 113 -0.22 -18.99 -45.06
CA ILE B 113 -1.52 -18.51 -44.61
C ILE B 113 -1.35 -17.51 -43.47
N LEU B 114 -0.49 -17.82 -42.52
CA LEU B 114 -0.25 -16.91 -41.40
C LEU B 114 0.27 -15.59 -41.94
N GLU B 115 1.21 -15.69 -42.88
CA GLU B 115 1.82 -14.53 -43.53
C GLU B 115 0.72 -13.63 -44.10
N LYS B 116 -0.23 -14.24 -44.80
CA LYS B 116 -1.33 -13.49 -45.39
C LYS B 116 -2.24 -12.91 -44.32
N VAL B 117 -2.45 -13.65 -43.25
CA VAL B 117 -3.32 -13.19 -42.15
C VAL B 117 -2.67 -12.03 -41.39
N ARG B 118 -1.38 -12.15 -41.11
CA ARG B 118 -0.68 -11.09 -40.38
C ARG B 118 -0.50 -9.84 -41.23
N GLU B 119 -0.68 -9.98 -42.54
CA GLU B 119 -0.58 -8.84 -43.44
C GLU B 119 -1.82 -7.98 -43.25
N GLY B 120 -2.90 -8.59 -42.79
CA GLY B 120 -4.14 -7.85 -42.56
C GLY B 120 -5.45 -8.54 -42.89
N GLU B 121 -5.41 -9.73 -43.46
CA GLU B 121 -6.63 -10.47 -43.82
C GLU B 121 -7.09 -11.40 -42.70
N ALA B 122 -8.40 -11.54 -42.53
CA ALA B 122 -8.93 -12.44 -41.50
C ALA B 122 -8.77 -13.87 -42.04
N LEU B 123 -8.75 -14.85 -41.15
CA LEU B 123 -8.55 -16.26 -41.53
C LEU B 123 -9.55 -16.83 -42.54
N GLY B 124 -10.84 -16.54 -42.35
CA GLY B 124 -11.85 -17.04 -43.26
C GLY B 124 -11.62 -16.73 -44.72
N PRO B 125 -11.49 -15.44 -45.07
CA PRO B 125 -11.26 -15.07 -46.47
C PRO B 125 -9.97 -15.65 -47.05
N VAL B 126 -8.91 -15.68 -46.25
CA VAL B 126 -7.64 -16.23 -46.74
C VAL B 126 -7.90 -17.68 -47.10
N MET B 127 -8.54 -18.41 -46.20
CA MET B 127 -8.85 -19.82 -46.41
C MET B 127 -9.77 -20.02 -47.62
N SER B 128 -10.64 -19.04 -47.89
CA SER B 128 -11.56 -19.15 -49.02
C SER B 128 -10.82 -19.15 -50.35
N ARG B 129 -9.71 -18.42 -50.47
CA ARG B 129 -8.99 -18.42 -51.74
C ARG B 129 -7.94 -19.54 -51.79
N TYR B 130 -7.76 -20.24 -50.67
CA TYR B 130 -6.83 -21.35 -50.65
C TYR B 130 -7.62 -22.62 -50.96
N THR B 131 -8.87 -22.64 -50.52
CA THR B 131 -9.71 -23.81 -50.74
C THR B 131 -10.82 -23.55 -51.73
N GLY B 132 -11.15 -22.28 -51.93
CA GLY B 132 -12.23 -21.95 -52.83
C GLY B 132 -13.57 -22.06 -52.09
N ILE B 133 -13.52 -22.37 -50.80
CA ILE B 133 -14.72 -22.52 -49.99
C ILE B 133 -15.14 -21.24 -49.26
N ASP B 134 -16.39 -20.84 -49.49
CA ASP B 134 -16.96 -19.64 -48.88
C ASP B 134 -17.36 -19.95 -47.43
N GLU B 135 -17.21 -18.97 -46.53
CA GLU B 135 -17.59 -19.12 -45.12
C GLU B 135 -17.09 -20.41 -44.46
N ILE B 136 -15.83 -20.74 -44.68
CA ILE B 136 -15.25 -21.95 -44.13
C ILE B 136 -15.50 -22.13 -42.63
N GLY B 137 -15.42 -21.03 -41.88
CA GLY B 137 -15.64 -21.08 -40.43
C GLY B 137 -17.01 -21.54 -39.96
N ARG B 138 -18.00 -21.47 -40.84
CA ARG B 138 -19.36 -21.89 -40.48
C ARG B 138 -19.65 -23.30 -41.00
N LYS B 139 -18.60 -23.93 -41.54
CA LYS B 139 -18.71 -25.28 -42.08
C LYS B 139 -17.67 -26.20 -41.42
N GLU B 140 -16.86 -26.88 -42.20
CA GLU B 140 -15.86 -27.76 -41.60
C GLU B 140 -14.70 -26.98 -41.00
N GLY B 141 -14.52 -25.74 -41.47
CA GLY B 141 -13.46 -24.89 -40.96
C GLY B 141 -12.05 -25.26 -41.40
N ALA B 142 -11.07 -24.50 -40.93
CA ALA B 142 -9.67 -24.75 -41.26
C ALA B 142 -9.25 -26.10 -40.69
N ILE B 143 -9.96 -26.53 -39.64
CA ILE B 143 -9.70 -27.81 -38.99
C ILE B 143 -9.99 -28.93 -39.99
N GLY B 144 -11.18 -28.88 -40.56
CA GLY B 144 -11.57 -29.88 -41.54
C GLY B 144 -10.65 -29.91 -42.74
N VAL B 145 -10.18 -28.74 -43.18
CA VAL B 145 -9.31 -28.71 -44.34
C VAL B 145 -7.92 -29.30 -44.07
N PHE B 146 -7.28 -28.92 -42.97
CA PHE B 146 -5.94 -29.44 -42.68
C PHE B 146 -5.82 -30.80 -41.99
N THR B 147 -6.94 -31.35 -41.50
CA THR B 147 -6.91 -32.67 -40.88
C THR B 147 -7.51 -33.64 -41.89
N ALA B 148 -7.71 -33.16 -43.12
CA ALA B 148 -8.31 -33.99 -44.18
C ALA B 148 -9.61 -34.63 -43.71
N GLY B 149 -10.48 -33.83 -43.09
CA GLY B 149 -11.76 -34.33 -42.64
C GLY B 149 -11.69 -35.26 -41.44
N LYS B 150 -10.50 -35.62 -41.01
CA LYS B 150 -10.39 -36.52 -39.86
C LYS B 150 -11.02 -35.86 -38.63
N LEU B 151 -11.06 -34.53 -38.64
CA LEU B 151 -11.65 -33.76 -37.55
C LEU B 151 -12.38 -32.57 -38.17
N THR B 152 -13.33 -32.01 -37.43
CA THR B 152 -14.06 -30.84 -37.91
C THR B 152 -14.09 -29.79 -36.80
N ARG B 153 -14.41 -28.56 -37.17
CA ARG B 153 -14.51 -27.47 -36.21
C ARG B 153 -15.51 -27.88 -35.11
N ALA B 154 -16.59 -28.54 -35.52
CA ALA B 154 -17.60 -28.97 -34.57
C ALA B 154 -17.06 -30.02 -33.60
N SER B 155 -16.34 -31.00 -34.12
CA SER B 155 -15.77 -32.06 -33.29
C SER B 155 -14.85 -31.49 -32.21
N VAL B 156 -13.93 -30.62 -32.63
CA VAL B 156 -12.98 -30.00 -31.72
C VAL B 156 -13.65 -29.07 -30.70
N TYR B 157 -14.59 -28.25 -31.15
CA TYR B 157 -15.27 -27.34 -30.22
C TYR B 157 -16.16 -28.08 -29.25
N HIS B 158 -16.64 -29.26 -29.66
CA HIS B 158 -17.49 -30.06 -28.79
C HIS B 158 -16.77 -30.39 -27.48
N GLN B 159 -15.54 -30.86 -27.57
CA GLN B 159 -14.77 -31.20 -26.38
C GLN B 159 -14.54 -29.98 -25.50
N ALA B 160 -14.21 -28.86 -26.13
CA ALA B 160 -13.96 -27.62 -25.40
C ALA B 160 -15.19 -27.22 -24.60
N VAL B 161 -16.39 -27.43 -25.16
CA VAL B 161 -17.59 -27.04 -24.43
C VAL B 161 -17.80 -27.98 -23.25
N ILE B 162 -17.45 -29.26 -23.41
CA ILE B 162 -17.57 -30.23 -22.34
C ILE B 162 -16.68 -29.77 -21.18
N LEU B 163 -15.42 -29.48 -21.49
CA LEU B 163 -14.46 -29.02 -20.48
C LEU B 163 -14.90 -27.76 -19.75
N ALA B 164 -15.54 -26.85 -20.46
CA ALA B 164 -16.00 -25.60 -19.86
C ALA B 164 -17.23 -25.79 -18.97
N LEU B 165 -17.97 -26.88 -19.18
CA LEU B 165 -19.15 -27.13 -18.36
C LEU B 165 -18.82 -27.70 -16.97
N SER B 166 -17.59 -28.17 -16.80
CA SER B 166 -17.14 -28.77 -15.53
C SER B 166 -17.65 -28.14 -14.24
N PRO B 167 -17.49 -26.81 -14.08
CA PRO B 167 -17.93 -26.11 -12.87
C PRO B 167 -19.41 -26.27 -12.53
N PHE B 168 -20.23 -26.44 -13.57
CA PHE B 168 -21.67 -26.55 -13.36
C PHE B 168 -22.21 -27.86 -12.85
N HIS B 169 -21.43 -28.92 -12.93
CA HIS B 169 -21.91 -30.21 -12.45
C HIS B 169 -20.95 -30.90 -11.50
N ASN B 170 -20.05 -30.12 -10.92
CA ASN B 170 -19.07 -30.61 -9.97
C ASN B 170 -18.99 -29.62 -8.82
N ALA B 171 -19.72 -29.95 -7.74
CA ALA B 171 -19.79 -29.11 -6.54
C ALA B 171 -18.45 -28.59 -6.05
N VAL B 172 -17.40 -29.38 -6.20
CA VAL B 172 -16.06 -29.01 -5.74
C VAL B 172 -15.59 -27.61 -6.15
N TYR B 173 -15.91 -27.19 -7.38
CA TYR B 173 -15.50 -25.85 -7.85
C TYR B 173 -16.13 -24.80 -6.93
N SER B 174 -16.88 -25.28 -5.94
CA SER B 174 -17.56 -24.45 -4.94
C SER B 174 -18.12 -23.14 -5.49
N LEU C 2 28.16 19.43 -41.97
CA LEU C 2 28.01 17.97 -42.21
C LEU C 2 26.57 17.64 -42.62
N ILE C 3 26.42 16.76 -43.61
CA ILE C 3 25.10 16.37 -44.07
C ILE C 3 24.39 15.60 -42.95
N MET C 4 23.09 15.82 -42.81
CA MET C 4 22.31 15.15 -41.77
C MET C 4 21.33 14.11 -42.29
N HIS C 5 20.99 13.16 -41.41
CA HIS C 5 20.07 12.09 -41.75
C HIS C 5 18.72 12.60 -42.19
N GLN C 6 18.25 12.15 -43.34
CA GLN C 6 16.94 12.56 -43.80
C GLN C 6 15.96 11.51 -43.27
N VAL C 7 15.10 11.93 -42.35
CA VAL C 7 14.13 11.02 -41.78
C VAL C 7 12.71 11.32 -42.27
N VAL C 8 12.18 10.41 -43.08
CA VAL C 8 10.83 10.55 -43.62
C VAL C 8 9.82 10.11 -42.58
N CYS C 9 8.80 10.93 -42.35
CA CYS C 9 7.77 10.59 -41.37
C CYS C 9 6.39 10.54 -42.04
N ALA C 10 5.72 9.40 -41.95
CA ALA C 10 4.40 9.23 -42.55
C ALA C 10 3.29 9.86 -41.72
N THR C 11 3.47 11.12 -41.37
CA THR C 11 2.49 11.83 -40.57
C THR C 11 2.74 13.33 -40.61
N THR C 12 1.69 14.10 -40.33
CA THR C 12 1.80 15.55 -40.31
C THR C 12 1.45 16.01 -38.89
N ASN C 13 1.17 15.05 -38.02
CA ASN C 13 0.83 15.35 -36.64
C ASN C 13 2.04 15.94 -35.92
N PRO C 14 1.97 17.23 -35.56
CA PRO C 14 3.10 17.87 -34.88
C PRO C 14 3.49 17.16 -33.59
N ALA C 15 2.52 16.54 -32.92
CA ALA C 15 2.81 15.83 -31.67
C ALA C 15 3.66 14.60 -31.96
N LYS C 16 3.30 13.86 -33.00
CA LYS C 16 4.07 12.67 -33.37
C LYS C 16 5.46 13.07 -33.90
N ILE C 17 5.50 14.17 -34.65
CA ILE C 17 6.76 14.66 -35.23
C ILE C 17 7.75 15.01 -34.11
N GLN C 18 7.26 15.75 -33.12
CA GLN C 18 8.05 16.18 -31.97
C GLN C 18 8.72 14.96 -31.34
N ALA C 19 7.91 13.95 -31.06
CA ALA C 19 8.40 12.71 -30.46
C ALA C 19 9.53 12.10 -31.28
N ILE C 20 9.32 11.96 -32.59
CA ILE C 20 10.31 11.36 -33.47
C ILE C 20 11.65 12.11 -33.47
N LEU C 21 11.61 13.40 -33.77
CA LEU C 21 12.82 14.20 -33.81
C LEU C 21 13.60 14.17 -32.50
N GLN C 22 12.90 14.36 -31.38
CA GLN C 22 13.56 14.34 -30.08
C GLN C 22 14.27 13.01 -29.85
N ALA C 23 13.55 11.92 -30.09
CA ALA C 23 14.13 10.58 -29.90
C ALA C 23 15.33 10.37 -30.81
N PHE C 24 15.15 10.67 -32.10
CA PHE C 24 16.22 10.53 -33.08
C PHE C 24 17.38 11.46 -32.72
N HIS C 25 17.08 12.57 -32.05
CA HIS C 25 18.14 13.50 -31.67
C HIS C 25 18.90 13.05 -30.44
N GLU C 26 18.31 12.17 -29.64
CA GLU C 26 19.00 11.66 -28.47
C GLU C 26 19.90 10.48 -28.87
N ILE C 27 19.42 9.63 -29.78
CA ILE C 27 20.19 8.47 -30.21
C ILE C 27 21.34 8.87 -31.12
N PHE C 28 21.09 9.87 -31.97
CA PHE C 28 22.13 10.39 -32.86
C PHE C 28 22.34 11.81 -32.36
N GLY C 29 23.32 12.51 -32.89
CA GLY C 29 23.56 13.86 -32.39
C GLY C 29 22.42 14.86 -32.45
N GLU C 30 22.54 15.92 -31.65
CA GLU C 30 21.54 16.98 -31.64
C GLU C 30 21.66 17.67 -32.99
N GLY C 31 20.53 18.04 -33.58
CA GLY C 31 20.55 18.71 -34.87
C GLY C 31 21.19 17.89 -35.99
N SER C 32 21.16 16.57 -35.85
CA SER C 32 21.76 15.69 -36.86
C SER C 32 20.72 15.07 -37.79
N CYS C 33 19.45 15.37 -37.56
CA CYS C 33 18.39 14.82 -38.38
C CYS C 33 17.45 15.86 -38.97
N HIS C 34 16.98 15.60 -40.17
CA HIS C 34 16.04 16.51 -40.81
C HIS C 34 14.74 15.77 -41.09
N ILE C 35 13.65 16.31 -40.57
CA ILE C 35 12.34 15.71 -40.73
C ILE C 35 11.61 16.04 -42.03
N ALA C 36 11.03 15.01 -42.65
CA ALA C 36 10.30 15.15 -43.90
C ALA C 36 8.98 14.37 -43.83
N SER C 37 7.87 15.11 -43.76
CA SER C 37 6.55 14.48 -43.70
C SER C 37 6.05 14.03 -45.07
N VAL C 38 5.19 13.02 -45.07
CA VAL C 38 4.60 12.54 -46.32
C VAL C 38 3.31 11.79 -46.00
N ALA C 39 2.25 12.13 -46.74
CA ALA C 39 0.95 11.52 -46.56
C ALA C 39 0.81 10.24 -47.36
N VAL C 40 0.53 9.13 -46.68
CA VAL C 40 0.35 7.84 -47.33
C VAL C 40 -0.80 7.10 -46.70
N GLU C 41 -1.23 6.03 -47.34
CA GLU C 41 -2.33 5.21 -46.84
C GLU C 41 -1.87 4.29 -45.72
N SER C 42 -2.78 3.93 -44.83
CA SER C 42 -2.50 3.03 -43.72
C SER C 42 -2.95 1.64 -44.16
N GLY C 43 -3.80 1.61 -45.18
CA GLY C 43 -4.33 0.36 -45.71
C GLY C 43 -5.04 -0.36 -44.59
N VAL C 44 -5.55 0.44 -43.67
CA VAL C 44 -6.25 -0.03 -42.49
C VAL C 44 -7.34 0.99 -42.17
N PRO C 45 -8.42 0.55 -41.51
CA PRO C 45 -9.52 1.46 -41.16
C PRO C 45 -9.15 2.75 -40.41
N GLU C 46 -10.01 3.76 -40.55
CA GLU C 46 -9.83 5.05 -39.90
C GLU C 46 -9.51 4.85 -38.42
N GLN C 47 -10.27 3.98 -37.77
CA GLN C 47 -10.03 3.68 -36.36
C GLN C 47 -9.53 2.24 -36.27
N PRO C 48 -8.19 2.04 -36.25
CA PRO C 48 -7.67 0.68 -36.15
C PRO C 48 -8.06 0.07 -34.80
N PHE C 49 -8.53 -1.18 -34.86
CA PHE C 49 -8.98 -1.90 -33.67
C PHE C 49 -8.06 -3.08 -33.40
N GLY C 50 -7.53 -3.17 -32.19
CA GLY C 50 -6.62 -4.26 -31.86
C GLY C 50 -5.16 -3.88 -32.10
N SER C 51 -4.26 -4.44 -31.30
CA SER C 51 -2.84 -4.13 -31.43
C SER C 51 -2.23 -4.41 -32.81
N GLU C 52 -2.35 -5.64 -33.30
CA GLU C 52 -1.76 -5.96 -34.61
C GLU C 52 -2.32 -5.20 -35.80
N GLU C 53 -3.60 -4.81 -35.77
CA GLU C 53 -4.15 -4.05 -36.89
C GLU C 53 -3.54 -2.66 -36.86
N THR C 54 -3.39 -2.12 -35.65
CA THR C 54 -2.80 -0.80 -35.46
C THR C 54 -1.38 -0.86 -36.02
N ARG C 55 -0.63 -1.86 -35.59
CA ARG C 55 0.74 -2.05 -36.05
C ARG C 55 0.82 -2.23 -37.59
N ALA C 56 -0.16 -2.90 -38.18
CA ALA C 56 -0.16 -3.10 -39.64
C ALA C 56 -0.27 -1.75 -40.35
N GLY C 57 -1.11 -0.87 -39.83
CA GLY C 57 -1.23 0.44 -40.43
C GLY C 57 0.13 1.09 -40.46
N ALA C 58 0.80 1.13 -39.32
CA ALA C 58 2.13 1.71 -39.20
C ALA C 58 3.10 1.10 -40.21
N ARG C 59 3.06 -0.22 -40.36
CA ARG C 59 3.94 -0.89 -41.31
C ARG C 59 3.60 -0.48 -42.74
N ASN C 60 2.31 -0.45 -43.05
CA ASN C 60 1.88 -0.10 -44.39
C ASN C 60 2.33 1.32 -44.76
N ARG C 61 2.27 2.25 -43.81
CA ARG C 61 2.70 3.63 -44.07
C ARG C 61 4.19 3.70 -44.41
N VAL C 62 5.01 3.01 -43.61
CA VAL C 62 6.45 2.99 -43.84
C VAL C 62 6.82 2.42 -45.20
N ALA C 63 6.14 1.35 -45.60
CA ALA C 63 6.41 0.75 -46.89
C ALA C 63 6.09 1.75 -47.98
N ASN C 64 4.97 2.44 -47.83
CA ASN C 64 4.55 3.43 -48.81
C ASN C 64 5.47 4.65 -48.83
N ALA C 65 5.85 5.13 -47.65
CA ALA C 65 6.74 6.28 -47.57
C ALA C 65 8.08 5.95 -48.23
N ARG C 66 8.64 4.79 -47.87
CA ARG C 66 9.92 4.35 -48.40
C ARG C 66 9.94 4.29 -49.93
N ARG C 67 8.87 3.79 -50.52
CA ARG C 67 8.79 3.70 -51.97
C ARG C 67 8.65 5.07 -52.63
N LEU C 68 7.97 6.00 -51.94
CA LEU C 68 7.78 7.34 -52.48
C LEU C 68 9.02 8.22 -52.32
N LEU C 69 9.82 7.94 -51.31
CA LEU C 69 11.03 8.71 -51.05
C LEU C 69 12.20 7.79 -50.74
N PRO C 70 12.62 6.97 -51.73
CA PRO C 70 13.72 6.01 -51.62
C PRO C 70 15.10 6.61 -51.33
N GLU C 71 15.24 7.92 -51.43
CA GLU C 71 16.53 8.56 -51.19
C GLU C 71 16.78 8.93 -49.73
N ALA C 72 15.78 8.69 -48.87
CA ALA C 72 15.93 9.02 -47.46
C ALA C 72 16.69 7.95 -46.71
N ASP C 73 17.14 8.29 -45.51
CA ASP C 73 17.90 7.38 -44.66
C ASP C 73 17.01 6.52 -43.76
N PHE C 74 15.95 7.12 -43.24
CA PHE C 74 15.02 6.38 -42.38
C PHE C 74 13.58 6.72 -42.76
N TRP C 75 12.69 5.75 -42.55
CA TRP C 75 11.28 5.91 -42.83
C TRP C 75 10.57 5.51 -41.54
N VAL C 76 9.77 6.41 -40.98
CA VAL C 76 9.10 6.15 -39.71
C VAL C 76 7.61 6.45 -39.73
N ALA C 77 6.88 5.79 -38.84
CA ALA C 77 5.45 5.97 -38.70
C ALA C 77 4.98 5.68 -37.27
N ILE C 78 3.93 6.37 -36.85
CA ILE C 78 3.32 6.19 -35.53
C ILE C 78 1.82 6.10 -35.74
N GLU C 79 1.24 4.90 -35.56
CA GLU C 79 -0.20 4.73 -35.73
C GLU C 79 -0.90 4.52 -34.39
N ALA C 80 -1.97 5.27 -34.18
CA ALA C 80 -2.77 5.19 -32.95
C ALA C 80 -3.93 4.24 -33.18
N GLY C 81 -4.36 3.55 -32.12
CA GLY C 81 -5.48 2.63 -32.27
C GLY C 81 -6.12 2.37 -30.93
N ILE C 82 -7.19 1.60 -30.92
CA ILE C 82 -7.83 1.28 -29.67
C ILE C 82 -7.91 -0.21 -29.43
N ASP C 83 -8.02 -0.53 -28.16
CA ASP C 83 -8.14 -1.89 -27.66
C ASP C 83 -9.57 -1.98 -27.17
N GLY C 84 -10.00 -3.16 -26.77
CA GLY C 84 -11.35 -3.28 -26.25
C GLY C 84 -11.30 -2.68 -24.85
N ASP C 85 -10.19 -2.04 -24.53
CA ASP C 85 -10.01 -1.51 -23.19
C ASP C 85 -9.29 -0.15 -23.11
N SER C 86 -8.42 0.12 -24.08
CA SER C 86 -7.66 1.36 -24.02
C SER C 86 -7.17 1.82 -25.38
N THR C 87 -6.31 2.83 -25.37
CA THR C 87 -5.76 3.36 -26.60
C THR C 87 -4.23 3.42 -26.45
N PHE C 88 -3.54 3.40 -27.57
CA PHE C 88 -2.07 3.42 -27.59
C PHE C 88 -1.66 3.61 -29.05
N SER C 89 -0.37 3.48 -29.32
CA SER C 89 0.09 3.61 -30.70
C SER C 89 1.25 2.65 -30.92
N TRP C 90 1.58 2.45 -32.18
CA TRP C 90 2.70 1.60 -32.56
C TRP C 90 3.66 2.46 -33.35
N VAL C 91 4.95 2.26 -33.13
CA VAL C 91 5.96 2.99 -33.87
C VAL C 91 6.76 2.00 -34.72
N VAL C 92 6.91 2.31 -36.00
CA VAL C 92 7.69 1.44 -36.88
C VAL C 92 8.80 2.25 -37.56
N ILE C 93 10.04 1.79 -37.42
CA ILE C 93 11.18 2.46 -38.02
C ILE C 93 11.90 1.55 -39.03
N GLU C 94 12.35 2.15 -40.14
CA GLU C 94 13.07 1.40 -41.16
C GLU C 94 14.18 2.23 -41.78
N ASN C 95 15.27 1.58 -42.13
CA ASN C 95 16.37 2.25 -42.80
C ASN C 95 16.77 1.31 -43.92
N ALA C 96 17.94 1.49 -44.51
CA ALA C 96 18.35 0.63 -45.61
C ALA C 96 18.28 -0.87 -45.34
N SER C 97 18.75 -1.30 -44.17
CA SER C 97 18.78 -2.73 -43.86
C SER C 97 18.15 -3.26 -42.56
N GLN C 98 17.44 -2.42 -41.82
CA GLN C 98 16.84 -2.88 -40.58
C GLN C 98 15.52 -2.20 -40.29
N ARG C 99 14.82 -2.72 -39.29
CA ARG C 99 13.56 -2.16 -38.86
C ARG C 99 13.43 -2.36 -37.36
N GLY C 100 12.93 -1.35 -36.67
CA GLY C 100 12.74 -1.44 -35.24
C GLY C 100 11.29 -1.15 -34.97
N GLU C 101 10.66 -1.93 -34.10
CA GLU C 101 9.26 -1.73 -33.77
C GLU C 101 9.02 -1.73 -32.27
N ALA C 102 8.10 -0.88 -31.83
CA ALA C 102 7.75 -0.78 -30.42
C ALA C 102 6.34 -0.23 -30.25
N ARG C 103 5.68 -0.69 -29.19
CA ARG C 103 4.34 -0.24 -28.86
C ARG C 103 4.43 0.69 -27.65
N SER C 104 3.71 1.81 -27.70
CA SER C 104 3.74 2.76 -26.59
C SER C 104 2.97 2.22 -25.38
N ALA C 105 3.06 2.94 -24.27
CA ALA C 105 2.34 2.57 -23.06
C ALA C 105 0.86 2.73 -23.38
N THR C 106 0.00 2.02 -22.67
CA THR C 106 -1.44 2.12 -22.94
C THR C 106 -2.20 2.99 -21.96
N LEU C 107 -3.27 3.60 -22.44
CA LEU C 107 -4.12 4.47 -21.63
C LEU C 107 -5.49 3.86 -21.44
N PRO C 108 -5.84 3.46 -20.20
CA PRO C 108 -7.15 2.87 -20.00
C PRO C 108 -8.18 3.98 -20.25
N LEU C 109 -9.25 3.67 -20.96
CA LEU C 109 -10.27 4.67 -21.26
C LEU C 109 -11.60 4.48 -20.51
N PRO C 110 -12.26 5.59 -20.16
CA PRO C 110 -13.53 5.42 -19.46
C PRO C 110 -14.58 4.71 -20.32
N ALA C 111 -15.41 3.90 -19.67
CA ALA C 111 -16.45 3.12 -20.34
C ALA C 111 -17.28 3.94 -21.33
N VAL C 112 -17.74 5.11 -20.89
CA VAL C 112 -18.56 5.95 -21.76
C VAL C 112 -17.83 6.33 -23.04
N ILE C 113 -16.50 6.46 -22.98
CA ILE C 113 -15.77 6.82 -24.18
C ILE C 113 -15.69 5.61 -25.12
N LEU C 114 -15.38 4.43 -24.58
CA LEU C 114 -15.28 3.23 -25.39
C LEU C 114 -16.56 2.95 -26.17
N GLU C 115 -17.70 3.12 -25.53
CA GLU C 115 -18.98 2.87 -26.18
C GLU C 115 -19.20 3.74 -27.41
N LYS C 116 -18.84 5.02 -27.30
CA LYS C 116 -18.99 5.95 -28.40
C LYS C 116 -18.18 5.56 -29.64
N VAL C 117 -16.94 5.14 -29.44
CA VAL C 117 -16.10 4.75 -30.57
C VAL C 117 -16.51 3.37 -31.10
N ARG C 118 -16.98 2.51 -30.19
CA ARG C 118 -17.39 1.16 -30.57
C ARG C 118 -18.63 1.21 -31.46
N GLU C 119 -19.54 2.13 -31.15
CA GLU C 119 -20.75 2.27 -31.92
C GLU C 119 -20.61 3.08 -33.20
N GLY C 120 -19.39 3.34 -33.64
CA GLY C 120 -19.22 4.08 -34.88
C GLY C 120 -18.20 5.18 -35.04
N GLU C 121 -18.08 6.06 -34.05
CA GLU C 121 -17.13 7.17 -34.15
C GLU C 121 -15.68 6.75 -33.87
N ALA C 122 -14.74 7.53 -34.38
CA ALA C 122 -13.32 7.25 -34.13
C ALA C 122 -13.00 7.97 -32.82
N LEU C 123 -12.01 7.46 -32.10
CA LEU C 123 -11.60 8.04 -30.82
C LEU C 123 -11.24 9.52 -30.90
N GLY C 124 -10.43 9.88 -31.90
CA GLY C 124 -10.01 11.25 -32.07
C GLY C 124 -11.18 12.20 -31.96
N PRO C 125 -12.17 12.09 -32.86
CA PRO C 125 -13.35 12.95 -32.83
C PRO C 125 -14.12 12.87 -31.52
N VAL C 126 -14.26 11.67 -30.97
CA VAL C 126 -14.99 11.50 -29.73
C VAL C 126 -14.37 12.30 -28.60
N MET C 127 -13.05 12.27 -28.52
CA MET C 127 -12.33 13.00 -27.47
C MET C 127 -12.38 14.50 -27.71
N SER C 128 -12.41 14.89 -28.98
CA SER C 128 -12.46 16.31 -29.32
C SER C 128 -13.81 16.90 -28.89
N ARG C 129 -14.89 16.19 -29.17
CA ARG C 129 -16.22 16.65 -28.79
C ARG C 129 -16.46 16.60 -27.28
N TYR C 130 -15.82 15.64 -26.61
CA TYR C 130 -15.95 15.47 -25.16
C TYR C 130 -15.19 16.50 -24.34
N THR C 131 -14.12 17.06 -24.92
CA THR C 131 -13.30 18.03 -24.22
C THR C 131 -13.44 19.46 -24.75
N GLY C 132 -14.12 19.60 -25.88
CA GLY C 132 -14.30 20.92 -26.45
C GLY C 132 -13.01 21.47 -27.03
N ILE C 133 -12.03 20.58 -27.21
CA ILE C 133 -10.75 20.99 -27.77
C ILE C 133 -10.64 20.34 -29.16
N ASP C 134 -10.53 21.17 -30.20
CA ASP C 134 -10.46 20.68 -31.57
C ASP C 134 -9.15 19.99 -31.89
N GLU C 135 -9.24 18.94 -32.71
CA GLU C 135 -8.08 18.16 -33.13
C GLU C 135 -7.18 17.83 -31.95
N ILE C 136 -7.79 17.41 -30.85
CA ILE C 136 -7.06 17.08 -29.63
C ILE C 136 -5.88 16.13 -29.86
N GLY C 137 -5.98 15.28 -30.88
CA GLY C 137 -4.91 14.34 -31.16
C GLY C 137 -3.63 14.95 -31.74
N ARG C 138 -3.68 16.21 -32.14
CA ARG C 138 -2.50 16.87 -32.70
C ARG C 138 -1.86 17.76 -31.64
N LYS C 139 -2.44 17.73 -30.45
CA LYS C 139 -1.93 18.52 -29.32
C LYS C 139 -1.45 17.59 -28.20
N GLU C 140 -2.26 17.41 -27.16
CA GLU C 140 -1.88 16.53 -26.06
C GLU C 140 -2.71 15.25 -26.06
N GLY C 141 -3.83 15.27 -26.77
CA GLY C 141 -4.68 14.09 -26.88
C GLY C 141 -5.23 13.55 -25.57
N ALA C 142 -5.85 12.38 -25.65
CA ALA C 142 -6.44 11.74 -24.48
C ALA C 142 -5.47 11.64 -23.31
N ILE C 143 -4.21 11.36 -23.60
CA ILE C 143 -3.19 11.26 -22.56
C ILE C 143 -3.22 12.51 -21.66
N GLY C 144 -3.18 13.67 -22.30
CA GLY C 144 -3.19 14.91 -21.56
C GLY C 144 -4.38 15.17 -20.64
N VAL C 145 -5.58 14.87 -21.12
CA VAL C 145 -6.77 15.11 -20.31
C VAL C 145 -6.93 14.13 -19.13
N PHE C 146 -6.65 12.86 -19.35
CA PHE C 146 -6.80 11.90 -18.29
C PHE C 146 -5.63 11.83 -17.29
N THR C 147 -4.46 12.36 -17.65
CA THR C 147 -3.33 12.35 -16.72
C THR C 147 -3.22 13.75 -16.09
N ALA C 148 -4.24 14.57 -16.30
CA ALA C 148 -4.26 15.94 -15.79
C ALA C 148 -3.04 16.72 -16.28
N GLY C 149 -2.64 16.44 -17.52
CA GLY C 149 -1.50 17.14 -18.11
C GLY C 149 -0.12 16.69 -17.65
N LYS C 150 -0.05 15.82 -16.66
CA LYS C 150 1.26 15.35 -16.16
C LYS C 150 1.99 14.51 -17.20
N LEU C 151 1.24 14.02 -18.18
CA LEU C 151 1.82 13.22 -19.23
C LEU C 151 1.30 13.77 -20.54
N THR C 152 2.08 13.62 -21.61
CA THR C 152 1.68 14.14 -22.90
C THR C 152 1.78 13.12 -24.02
N ARG C 153 0.87 13.21 -24.99
CA ARG C 153 0.87 12.32 -26.12
C ARG C 153 2.29 12.29 -26.71
N ALA C 154 2.94 13.45 -26.71
CA ALA C 154 4.29 13.55 -27.23
C ALA C 154 5.32 12.90 -26.31
N SER C 155 5.21 13.13 -25.01
CA SER C 155 6.18 12.55 -24.08
C SER C 155 6.05 11.04 -23.97
N VAL C 156 4.86 10.52 -24.27
CA VAL C 156 4.66 9.08 -24.21
C VAL C 156 5.15 8.45 -25.51
N TYR C 157 4.87 9.09 -26.63
CA TYR C 157 5.31 8.55 -27.92
C TYR C 157 6.83 8.59 -28.03
N HIS C 158 7.42 9.60 -27.40
CA HIS C 158 8.87 9.78 -27.42
C HIS C 158 9.60 8.57 -26.85
N GLN C 159 9.06 7.99 -25.78
CA GLN C 159 9.69 6.83 -25.17
C GLN C 159 9.61 5.64 -26.12
N ALA C 160 8.50 5.53 -26.85
CA ALA C 160 8.30 4.44 -27.79
C ALA C 160 9.25 4.48 -29.00
N VAL C 161 9.67 5.67 -29.41
CA VAL C 161 10.59 5.82 -30.55
C VAL C 161 12.00 5.49 -30.08
N ILE C 162 12.31 5.86 -28.84
CA ILE C 162 13.61 5.54 -28.28
C ILE C 162 13.75 4.02 -28.34
N LEU C 163 12.72 3.33 -27.85
CA LEU C 163 12.70 1.87 -27.81
C LEU C 163 12.74 1.22 -29.20
N ALA C 164 11.92 1.72 -30.13
CA ALA C 164 11.86 1.19 -31.48
C ALA C 164 13.19 1.40 -32.22
N LEU C 165 13.92 2.42 -31.78
CA LEU C 165 15.21 2.75 -32.39
C LEU C 165 16.34 1.83 -31.95
N SER C 166 16.09 0.99 -30.95
CA SER C 166 17.10 0.08 -30.40
C SER C 166 17.97 -0.70 -31.38
N PRO C 167 17.37 -1.30 -32.42
CA PRO C 167 18.18 -2.07 -33.36
C PRO C 167 19.17 -1.24 -34.18
N PHE C 168 18.90 0.04 -34.32
CA PHE C 168 19.74 0.91 -35.13
C PHE C 168 21.04 1.38 -34.52
N HIS C 169 21.29 1.07 -33.25
CA HIS C 169 22.54 1.46 -32.62
C HIS C 169 23.12 0.37 -31.72
N ASN C 170 22.64 -0.86 -31.92
CA ASN C 170 23.09 -2.01 -31.15
C ASN C 170 23.41 -3.14 -32.12
N ALA C 171 24.68 -3.27 -32.46
CA ALA C 171 25.14 -4.28 -33.39
C ALA C 171 24.61 -5.68 -33.10
N VAL C 172 24.33 -5.97 -31.82
CA VAL C 172 23.84 -7.30 -31.47
C VAL C 172 22.54 -7.68 -32.17
N TYR C 173 21.69 -6.70 -32.50
CA TYR C 173 20.42 -6.98 -33.15
C TYR C 173 20.54 -7.56 -34.55
N SER C 174 21.51 -7.09 -35.32
CA SER C 174 21.69 -7.58 -36.67
C SER C 174 22.74 -8.70 -36.70
N GLY C 175 22.56 -9.68 -35.83
CA GLY C 175 23.46 -10.81 -35.76
C GLY C 175 22.72 -12.10 -35.43
N ILE D 3 -4.60 15.08 0.72
CA ILE D 3 -4.82 13.92 1.63
C ILE D 3 -3.58 13.03 1.68
N MET D 4 -3.39 12.33 2.80
CA MET D 4 -2.23 11.45 2.99
C MET D 4 -2.62 10.00 2.66
N HIS D 5 -1.98 9.46 1.63
CA HIS D 5 -2.26 8.10 1.17
C HIS D 5 -1.22 7.07 1.58
N GLN D 6 -1.69 5.91 1.99
CA GLN D 6 -0.81 4.82 2.33
C GLN D 6 -0.96 3.86 1.15
N VAL D 7 0.09 3.73 0.35
CA VAL D 7 0.05 2.88 -0.82
C VAL D 7 0.95 1.67 -0.65
N VAL D 8 0.38 0.50 -0.86
CA VAL D 8 1.10 -0.75 -0.73
C VAL D 8 1.64 -1.17 -2.10
N CYS D 9 2.96 -1.41 -2.18
CA CYS D 9 3.60 -1.84 -3.41
C CYS D 9 3.90 -3.33 -3.27
N ALA D 10 3.28 -4.14 -4.12
CA ALA D 10 3.47 -5.59 -4.08
C ALA D 10 4.77 -5.96 -4.77
N THR D 11 5.86 -5.40 -4.28
CA THR D 11 7.20 -5.64 -4.81
C THR D 11 8.21 -4.96 -3.89
N THR D 12 9.45 -5.42 -3.94
CA THR D 12 10.53 -4.85 -3.15
C THR D 12 11.60 -4.35 -4.10
N ASN D 13 11.29 -4.42 -5.40
CA ASN D 13 12.20 -3.99 -6.47
C ASN D 13 12.37 -2.47 -6.42
N PRO D 14 13.59 -1.99 -6.13
CA PRO D 14 13.84 -0.55 -6.06
C PRO D 14 13.42 0.19 -7.32
N ALA D 15 13.61 -0.44 -8.47
CA ALA D 15 13.24 0.18 -9.74
C ALA D 15 11.74 0.39 -9.84
N LYS D 16 10.96 -0.60 -9.43
CA LYS D 16 9.51 -0.48 -9.48
C LYS D 16 8.99 0.51 -8.46
N ILE D 17 9.53 0.45 -7.25
CA ILE D 17 9.12 1.36 -6.18
C ILE D 17 9.36 2.80 -6.60
N GLN D 18 10.51 3.05 -7.21
CA GLN D 18 10.84 4.39 -7.66
C GLN D 18 9.78 4.88 -8.63
N ALA D 19 9.34 4.00 -9.52
CA ALA D 19 8.32 4.34 -10.50
C ALA D 19 6.99 4.69 -9.85
N ILE D 20 6.52 3.84 -8.95
CA ILE D 20 5.25 4.03 -8.24
C ILE D 20 5.24 5.35 -7.45
N LEU D 21 6.31 5.58 -6.68
CA LEU D 21 6.42 6.77 -5.86
C LEU D 21 6.44 8.07 -6.68
N GLN D 22 7.21 8.07 -7.77
CA GLN D 22 7.31 9.24 -8.61
C GLN D 22 5.95 9.54 -9.26
N ALA D 23 5.22 8.48 -9.64
CA ALA D 23 3.92 8.65 -10.28
C ALA D 23 2.86 9.17 -9.32
N PHE D 24 2.81 8.60 -8.14
CA PHE D 24 1.84 9.01 -7.13
C PHE D 24 2.06 10.44 -6.69
N HIS D 25 3.31 10.89 -6.70
CA HIS D 25 3.62 12.26 -6.33
C HIS D 25 3.14 13.18 -7.46
N GLU D 26 3.20 12.67 -8.70
CA GLU D 26 2.77 13.44 -9.86
C GLU D 26 1.27 13.75 -9.78
N ILE D 27 0.47 12.70 -9.70
CA ILE D 27 -0.98 12.85 -9.65
C ILE D 27 -1.52 13.38 -8.33
N PHE D 28 -0.97 12.90 -7.21
CA PHE D 28 -1.47 13.36 -5.92
C PHE D 28 -0.57 14.36 -5.18
N GLY D 29 0.60 14.66 -5.75
CA GLY D 29 1.48 15.63 -5.12
C GLY D 29 2.64 15.10 -4.29
N GLU D 30 3.66 15.96 -4.14
CA GLU D 30 4.84 15.62 -3.36
C GLU D 30 4.50 15.38 -1.90
N GLY D 31 5.16 14.39 -1.30
CA GLY D 31 4.94 14.08 0.11
C GLY D 31 3.58 13.53 0.52
N SER D 32 2.72 13.29 -0.46
CA SER D 32 1.38 12.75 -0.16
C SER D 32 1.36 11.23 -0.30
N CYS D 33 2.53 10.62 -0.46
CA CYS D 33 2.60 9.18 -0.64
C CYS D 33 3.43 8.43 0.41
N HIS D 34 2.76 7.57 1.16
CA HIS D 34 3.40 6.74 2.18
C HIS D 34 3.39 5.31 1.68
N ILE D 35 4.54 4.85 1.19
CA ILE D 35 4.63 3.49 0.65
C ILE D 35 5.02 2.42 1.65
N ALA D 36 4.40 1.26 1.50
CA ALA D 36 4.68 0.10 2.31
C ALA D 36 5.03 -0.99 1.29
N SER D 37 6.25 -1.48 1.32
CA SER D 37 6.69 -2.51 0.40
C SER D 37 6.58 -3.91 1.02
N VAL D 38 5.99 -4.83 0.26
CA VAL D 38 5.84 -6.20 0.70
C VAL D 38 6.00 -7.16 -0.48
N ALA D 39 6.72 -8.26 -0.25
CA ALA D 39 6.94 -9.25 -1.29
C ALA D 39 5.82 -10.26 -1.21
N VAL D 40 5.26 -10.61 -2.36
CA VAL D 40 4.15 -11.58 -2.39
C VAL D 40 4.31 -12.53 -3.56
N GLU D 41 3.46 -13.55 -3.61
CA GLU D 41 3.48 -14.53 -4.68
C GLU D 41 2.81 -13.94 -5.92
N SER D 42 3.24 -14.38 -7.09
CA SER D 42 2.68 -13.91 -8.35
C SER D 42 1.65 -14.89 -8.91
N GLY D 43 1.76 -16.16 -8.50
CA GLY D 43 0.84 -17.18 -8.97
C GLY D 43 0.95 -17.40 -10.47
N VAL D 44 2.04 -16.93 -11.06
CA VAL D 44 2.29 -17.04 -12.50
C VAL D 44 3.74 -17.52 -12.70
N PRO D 45 4.06 -18.17 -13.83
CA PRO D 45 5.45 -18.62 -14.00
C PRO D 45 6.52 -17.53 -13.83
N GLU D 46 7.72 -17.96 -13.43
CA GLU D 46 8.82 -17.03 -13.22
C GLU D 46 8.98 -16.09 -14.41
N GLN D 47 8.80 -16.62 -15.61
CA GLN D 47 8.91 -15.81 -16.81
C GLN D 47 7.60 -15.87 -17.55
N PRO D 48 6.70 -14.90 -17.28
CA PRO D 48 5.41 -14.91 -17.97
C PRO D 48 5.53 -14.59 -19.46
N PHE D 49 4.64 -15.20 -20.24
CA PHE D 49 4.61 -14.99 -21.68
C PHE D 49 3.20 -14.55 -22.04
N GLY D 50 3.10 -13.48 -22.81
CA GLY D 50 1.79 -13.01 -23.23
C GLY D 50 1.15 -12.01 -22.28
N SER D 51 0.31 -11.16 -22.86
CA SER D 51 -0.40 -10.12 -22.12
C SER D 51 -1.28 -10.67 -20.98
N GLU D 52 -2.06 -11.70 -21.27
CA GLU D 52 -2.95 -12.29 -20.27
C GLU D 52 -2.22 -12.82 -19.04
N GLU D 53 -1.26 -13.72 -19.25
CA GLU D 53 -0.51 -14.30 -18.16
C GLU D 53 0.20 -13.22 -17.32
N THR D 54 0.86 -12.28 -18.00
CA THR D 54 1.58 -11.21 -17.32
C THR D 54 0.59 -10.41 -16.45
N ARG D 55 -0.55 -10.07 -17.03
CA ARG D 55 -1.59 -9.31 -16.34
C ARG D 55 -2.13 -10.06 -15.10
N ALA D 56 -2.26 -11.38 -15.21
CA ALA D 56 -2.74 -12.19 -14.09
C ALA D 56 -1.73 -12.11 -12.94
N GLY D 57 -0.45 -12.10 -13.29
CA GLY D 57 0.57 -12.00 -12.27
C GLY D 57 0.43 -10.70 -11.50
N ALA D 58 0.20 -9.60 -12.21
CA ALA D 58 0.08 -8.30 -11.56
C ALA D 58 -1.16 -8.22 -10.67
N ARG D 59 -2.29 -8.71 -11.16
CA ARG D 59 -3.52 -8.70 -10.37
C ARG D 59 -3.34 -9.56 -9.13
N ASN D 60 -2.78 -10.75 -9.31
CA ASN D 60 -2.53 -11.67 -8.21
C ASN D 60 -1.68 -11.02 -7.12
N ARG D 61 -0.58 -10.38 -7.51
CA ARG D 61 0.27 -9.72 -6.52
C ARG D 61 -0.53 -8.69 -5.73
N VAL D 62 -1.38 -7.95 -6.44
CA VAL D 62 -2.22 -6.95 -5.82
C VAL D 62 -3.16 -7.59 -4.79
N ALA D 63 -3.81 -8.68 -5.19
CA ALA D 63 -4.73 -9.38 -4.29
C ALA D 63 -4.00 -9.89 -3.06
N ASN D 64 -2.86 -10.54 -3.27
CA ASN D 64 -2.07 -11.07 -2.18
C ASN D 64 -1.63 -9.97 -1.23
N ALA D 65 -1.31 -8.81 -1.76
CA ALA D 65 -0.88 -7.70 -0.93
C ALA D 65 -2.05 -7.17 -0.11
N ARG D 66 -3.24 -7.08 -0.70
CA ARG D 66 -4.42 -6.60 0.03
C ARG D 66 -4.72 -7.47 1.23
N ARG D 67 -4.50 -8.78 1.12
CA ARG D 67 -4.77 -9.66 2.23
C ARG D 67 -3.79 -9.51 3.38
N LEU D 68 -2.55 -9.14 3.10
CA LEU D 68 -1.56 -8.97 4.16
C LEU D 68 -1.58 -7.58 4.77
N LEU D 69 -2.04 -6.60 4.01
CA LEU D 69 -2.11 -5.20 4.49
C LEU D 69 -3.41 -4.57 4.01
N PRO D 70 -4.56 -5.07 4.51
CA PRO D 70 -5.91 -4.61 4.17
C PRO D 70 -6.39 -3.20 4.54
N GLU D 71 -5.62 -2.47 5.34
CA GLU D 71 -6.07 -1.13 5.74
C GLU D 71 -5.36 0.01 5.02
N ALA D 72 -4.87 -0.23 3.82
CA ALA D 72 -4.18 0.80 3.04
C ALA D 72 -5.16 1.57 2.17
N ASP D 73 -4.65 2.59 1.46
CA ASP D 73 -5.49 3.39 0.57
C ASP D 73 -5.37 2.88 -0.87
N PHE D 74 -4.20 2.36 -1.21
CA PHE D 74 -3.94 1.83 -2.54
C PHE D 74 -3.04 0.60 -2.47
N TRP D 75 -3.14 -0.23 -3.50
CA TRP D 75 -2.33 -1.44 -3.64
C TRP D 75 -1.90 -1.44 -5.11
N VAL D 76 -0.61 -1.59 -5.38
CA VAL D 76 -0.13 -1.58 -6.75
C VAL D 76 0.90 -2.66 -7.04
N ALA D 77 0.88 -3.18 -8.27
CA ALA D 77 1.82 -4.22 -8.69
C ALA D 77 2.29 -4.04 -10.14
N ILE D 78 3.53 -4.42 -10.40
CA ILE D 78 4.09 -4.33 -11.75
C ILE D 78 4.71 -5.68 -12.11
N GLU D 79 4.22 -6.29 -13.19
CA GLU D 79 4.71 -7.60 -13.64
C GLU D 79 5.24 -7.55 -15.08
N ALA D 80 6.50 -7.91 -15.27
CA ALA D 80 7.09 -7.90 -16.59
C ALA D 80 6.85 -9.22 -17.32
N GLY D 81 6.80 -9.15 -18.65
CA GLY D 81 6.57 -10.34 -19.43
C GLY D 81 7.12 -10.20 -20.83
N ILE D 82 7.16 -11.32 -21.54
CA ILE D 82 7.63 -11.32 -22.92
C ILE D 82 6.44 -11.48 -23.83
N ASP D 83 6.33 -10.58 -24.81
CA ASP D 83 5.24 -10.62 -25.76
C ASP D 83 5.87 -10.57 -27.15
N GLY D 84 5.72 -11.66 -27.89
CA GLY D 84 6.30 -11.71 -29.23
C GLY D 84 7.81 -11.61 -29.14
N ASP D 85 8.39 -10.64 -29.84
CA ASP D 85 9.84 -10.44 -29.82
C ASP D 85 10.23 -9.30 -28.89
N SER D 86 9.39 -9.03 -27.88
CA SER D 86 9.70 -7.94 -26.97
C SER D 86 9.33 -8.18 -25.52
N THR D 87 9.81 -7.30 -24.66
CA THR D 87 9.51 -7.38 -23.24
C THR D 87 8.73 -6.14 -22.86
N PHE D 88 7.82 -6.29 -21.91
CA PHE D 88 6.97 -5.18 -21.48
C PHE D 88 6.45 -5.58 -20.10
N SER D 89 5.55 -4.76 -19.56
CA SER D 89 4.96 -5.07 -18.25
C SER D 89 3.55 -4.53 -18.06
N TRP D 90 2.83 -5.11 -17.11
CA TRP D 90 1.48 -4.67 -16.76
C TRP D 90 1.55 -4.04 -15.38
N VAL D 91 0.77 -2.98 -15.17
CA VAL D 91 0.74 -2.34 -13.88
C VAL D 91 -0.72 -2.34 -13.45
N VAL D 92 -0.97 -2.88 -12.27
CA VAL D 92 -2.32 -2.94 -11.72
C VAL D 92 -2.40 -2.11 -10.45
N ILE D 93 -3.49 -1.36 -10.31
CA ILE D 93 -3.70 -0.50 -9.15
C ILE D 93 -5.13 -0.63 -8.66
N GLU D 94 -5.29 -0.84 -7.37
CA GLU D 94 -6.63 -0.94 -6.81
C GLU D 94 -6.75 -0.12 -5.55
N ASN D 95 -7.99 0.30 -5.26
CA ASN D 95 -8.25 1.02 -4.03
C ASN D 95 -9.49 0.33 -3.48
N ALA D 96 -10.20 0.97 -2.57
CA ALA D 96 -11.38 0.35 -1.97
C ALA D 96 -12.40 -0.17 -2.97
N SER D 97 -12.73 0.64 -3.97
CA SER D 97 -13.74 0.22 -4.95
C SER D 97 -13.37 0.23 -6.43
N GLN D 98 -12.12 0.54 -6.77
CA GLN D 98 -11.74 0.58 -8.18
C GLN D 98 -10.46 -0.13 -8.55
N ARG D 99 -10.27 -0.28 -9.86
CA ARG D 99 -9.07 -0.88 -10.43
C ARG D 99 -8.58 -0.06 -11.62
N GLY D 100 -7.27 0.13 -11.69
CA GLY D 100 -6.66 0.87 -12.79
C GLY D 100 -5.54 -0.01 -13.31
N GLU D 101 -5.49 -0.20 -14.63
CA GLU D 101 -4.46 -1.04 -15.24
C GLU D 101 -3.91 -0.39 -16.51
N ALA D 102 -2.66 -0.68 -16.83
CA ALA D 102 -2.01 -0.14 -18.01
C ALA D 102 -0.73 -0.92 -18.35
N ARG D 103 -0.38 -0.98 -19.63
CA ARG D 103 0.83 -1.66 -20.06
C ARG D 103 1.94 -0.65 -20.34
N SER D 104 3.17 -1.00 -20.03
CA SER D 104 4.29 -0.09 -20.30
C SER D 104 4.63 -0.22 -21.78
N ALA D 105 5.51 0.65 -22.26
CA ALA D 105 5.91 0.56 -23.65
C ALA D 105 6.76 -0.72 -23.82
N THR D 106 6.73 -1.31 -25.00
CA THR D 106 7.48 -2.52 -25.26
C THR D 106 8.90 -2.25 -25.71
N LEU D 107 9.80 -3.18 -25.39
CA LEU D 107 11.21 -3.09 -25.74
C LEU D 107 11.58 -4.27 -26.64
N PRO D 108 11.84 -4.02 -27.93
CA PRO D 108 12.19 -5.14 -28.80
C PRO D 108 13.55 -5.68 -28.34
N LEU D 109 13.72 -6.99 -28.44
CA LEU D 109 14.96 -7.64 -27.99
C LEU D 109 15.73 -8.30 -29.12
N PRO D 110 17.06 -8.41 -28.98
CA PRO D 110 17.92 -9.03 -29.99
C PRO D 110 17.50 -10.48 -30.16
N ALA D 111 17.49 -10.94 -31.40
CA ALA D 111 17.13 -12.32 -31.71
C ALA D 111 17.91 -13.32 -30.85
N VAL D 112 19.22 -13.10 -30.69
CA VAL D 112 20.03 -14.00 -29.89
C VAL D 112 19.52 -14.11 -28.45
N ILE D 113 19.17 -12.97 -27.86
CA ILE D 113 18.66 -12.96 -26.49
C ILE D 113 17.36 -13.76 -26.42
N LEU D 114 16.39 -13.40 -27.26
CA LEU D 114 15.10 -14.07 -27.31
C LEU D 114 15.22 -15.58 -27.47
N GLU D 115 16.08 -16.03 -28.36
CA GLU D 115 16.22 -17.47 -28.57
C GLU D 115 16.65 -18.15 -27.27
N LYS D 116 17.46 -17.45 -26.47
CA LYS D 116 17.92 -17.98 -25.19
C LYS D 116 16.77 -18.15 -24.19
N VAL D 117 15.90 -17.15 -24.08
CA VAL D 117 14.78 -17.23 -23.15
C VAL D 117 13.71 -18.17 -23.67
N ARG D 118 13.61 -18.28 -24.99
CA ARG D 118 12.62 -19.16 -25.62
C ARG D 118 12.97 -20.63 -25.42
N GLU D 119 14.25 -20.93 -25.18
CA GLU D 119 14.62 -22.32 -24.97
C GLU D 119 14.66 -22.65 -23.48
N GLY D 120 13.97 -21.85 -22.68
CA GLY D 120 13.86 -22.09 -21.25
C GLY D 120 14.74 -21.33 -20.26
N GLU D 121 14.73 -20.00 -20.32
CA GLU D 121 15.54 -19.22 -19.39
C GLU D 121 14.96 -17.82 -19.19
N ALA D 122 14.91 -17.36 -17.94
CA ALA D 122 14.38 -16.03 -17.63
C ALA D 122 15.29 -14.94 -18.20
N LEU D 123 14.67 -13.82 -18.59
CA LEU D 123 15.44 -12.71 -19.17
C LEU D 123 16.60 -12.24 -18.29
N GLY D 124 16.34 -12.09 -16.99
CA GLY D 124 17.38 -11.65 -16.06
C GLY D 124 18.73 -12.31 -16.26
N PRO D 125 18.84 -13.61 -15.96
CA PRO D 125 20.12 -14.32 -16.12
C PRO D 125 20.76 -14.24 -17.51
N VAL D 126 19.95 -14.21 -18.56
CA VAL D 126 20.50 -14.11 -19.91
C VAL D 126 21.22 -12.77 -20.09
N MET D 127 20.59 -11.71 -19.60
CA MET D 127 21.16 -10.36 -19.67
C MET D 127 22.41 -10.29 -18.80
N SER D 128 22.49 -11.21 -17.85
CA SER D 128 23.62 -11.28 -16.93
C SER D 128 24.92 -11.62 -17.64
N ARG D 129 24.87 -12.57 -18.57
CA ARG D 129 26.08 -12.97 -19.29
C ARG D 129 26.36 -12.04 -20.46
N TYR D 130 25.35 -11.27 -20.86
CA TYR D 130 25.51 -10.33 -21.97
C TYR D 130 26.09 -9.02 -21.45
N THR D 131 25.65 -8.60 -20.27
CA THR D 131 26.13 -7.35 -19.69
C THR D 131 27.13 -7.55 -18.56
N GLY D 132 27.14 -8.73 -17.96
CA GLY D 132 28.05 -9.01 -16.87
C GLY D 132 27.45 -8.54 -15.55
N ILE D 133 26.30 -7.88 -15.62
CA ILE D 133 25.62 -7.35 -14.43
C ILE D 133 24.49 -8.26 -13.99
N ASP D 134 24.42 -8.56 -12.70
CA ASP D 134 23.36 -9.42 -12.18
C ASP D 134 22.12 -8.63 -11.81
N GLU D 135 20.98 -9.31 -11.82
CA GLU D 135 19.67 -8.72 -11.50
C GLU D 135 19.48 -7.34 -12.12
N ILE D 136 19.68 -7.27 -13.44
CA ILE D 136 19.53 -6.04 -14.18
C ILE D 136 18.10 -5.50 -14.01
N GLY D 137 17.13 -6.41 -13.89
CA GLY D 137 15.74 -6.01 -13.72
C GLY D 137 15.48 -5.18 -12.47
N ARG D 138 16.35 -5.29 -11.46
CA ARG D 138 16.15 -4.53 -10.25
C ARG D 138 16.95 -3.23 -10.33
N LYS D 139 17.58 -3.02 -11.48
CA LYS D 139 18.40 -1.83 -11.72
C LYS D 139 17.88 -1.05 -12.92
N GLU D 140 18.71 -0.79 -13.92
CA GLU D 140 18.24 -0.05 -15.08
C GLU D 140 17.52 -0.95 -16.08
N GLY D 141 17.64 -2.26 -15.89
CA GLY D 141 16.99 -3.21 -16.77
C GLY D 141 17.47 -3.25 -18.21
N ALA D 142 16.91 -4.18 -18.98
CA ALA D 142 17.27 -4.34 -20.38
C ALA D 142 16.94 -3.04 -21.13
N ILE D 143 15.91 -2.34 -20.65
CA ILE D 143 15.53 -1.07 -21.26
C ILE D 143 16.73 -0.14 -21.18
N GLY D 144 17.35 -0.10 -19.99
CA GLY D 144 18.50 0.75 -19.77
C GLY D 144 19.71 0.42 -20.64
N VAL D 145 20.00 -0.86 -20.82
CA VAL D 145 21.15 -1.22 -21.64
C VAL D 145 20.92 -0.97 -23.13
N PHE D 146 19.79 -1.39 -23.66
CA PHE D 146 19.52 -1.22 -25.09
C PHE D 146 19.15 0.19 -25.56
N THR D 147 18.85 1.10 -24.63
CA THR D 147 18.55 2.47 -25.04
C THR D 147 19.79 3.31 -24.72
N ALA D 148 20.87 2.63 -24.35
CA ALA D 148 22.13 3.28 -24.01
C ALA D 148 21.93 4.37 -22.94
N GLY D 149 21.16 4.03 -21.92
CA GLY D 149 20.90 4.95 -20.82
C GLY D 149 19.95 6.09 -21.10
N LYS D 150 19.50 6.23 -22.35
CA LYS D 150 18.59 7.31 -22.70
C LYS D 150 17.23 7.12 -22.02
N LEU D 151 16.91 5.87 -21.72
CA LEU D 151 15.65 5.56 -21.06
C LEU D 151 16.01 4.57 -19.97
N THR D 152 15.09 4.36 -19.04
CA THR D 152 15.34 3.44 -17.95
C THR D 152 14.08 2.66 -17.57
N ARG D 153 14.29 1.48 -17.00
CA ARG D 153 13.19 0.65 -16.55
C ARG D 153 12.27 1.52 -15.67
N ALA D 154 12.88 2.26 -14.75
CA ALA D 154 12.14 3.14 -13.85
C ALA D 154 11.46 4.31 -14.57
N SER D 155 12.10 4.89 -15.58
CA SER D 155 11.48 6.02 -16.28
C SER D 155 10.35 5.56 -17.20
N VAL D 156 10.49 4.35 -17.73
CA VAL D 156 9.46 3.81 -18.61
C VAL D 156 8.25 3.36 -17.80
N TYR D 157 8.48 2.69 -16.67
CA TYR D 157 7.38 2.21 -15.84
C TYR D 157 6.62 3.36 -15.21
N HIS D 158 7.35 4.40 -14.81
CA HIS D 158 6.75 5.58 -14.18
C HIS D 158 5.58 6.12 -15.00
N GLN D 159 5.70 6.11 -16.32
CA GLN D 159 4.62 6.58 -17.19
C GLN D 159 3.44 5.59 -17.16
N ALA D 160 3.75 4.30 -17.17
CA ALA D 160 2.68 3.31 -17.13
C ALA D 160 1.87 3.46 -15.84
N VAL D 161 2.54 3.72 -14.73
CA VAL D 161 1.86 3.89 -13.44
C VAL D 161 0.96 5.12 -13.45
N ILE D 162 1.47 6.23 -14.00
CA ILE D 162 0.69 7.46 -14.11
C ILE D 162 -0.57 7.16 -14.92
N LEU D 163 -0.40 6.47 -16.04
CA LEU D 163 -1.52 6.14 -16.90
C LEU D 163 -2.56 5.22 -16.23
N ALA D 164 -2.11 4.22 -15.49
CA ALA D 164 -3.05 3.31 -14.84
C ALA D 164 -3.77 3.96 -13.67
N LEU D 165 -3.29 5.14 -13.27
CA LEU D 165 -3.85 5.88 -12.15
C LEU D 165 -5.04 6.75 -12.58
N SER D 166 -5.23 6.85 -13.89
CA SER D 166 -6.30 7.67 -14.46
C SER D 166 -7.71 7.60 -13.84
N PRO D 167 -8.26 6.38 -13.65
CA PRO D 167 -9.60 6.24 -13.08
C PRO D 167 -9.76 6.82 -11.68
N PHE D 168 -8.68 6.85 -10.92
CA PHE D 168 -8.74 7.34 -9.54
C PHE D 168 -8.84 8.84 -9.35
N HIS D 169 -8.74 9.61 -10.42
CA HIS D 169 -8.85 11.06 -10.29
C HIS D 169 -9.66 11.66 -11.44
N ASN D 170 -10.42 10.80 -12.10
CA ASN D 170 -11.31 11.20 -13.20
C ASN D 170 -12.69 10.57 -12.95
N ALA D 171 -13.60 11.36 -12.40
CA ALA D 171 -14.95 10.92 -12.07
C ALA D 171 -15.64 10.15 -13.19
N VAL D 172 -15.48 10.62 -14.42
CA VAL D 172 -16.11 9.99 -15.57
C VAL D 172 -15.91 8.47 -15.67
N TYR D 173 -14.88 7.94 -15.00
CA TYR D 173 -14.61 6.51 -15.07
C TYR D 173 -15.61 5.63 -14.30
N SER D 174 -16.23 6.19 -13.28
CA SER D 174 -17.18 5.42 -12.48
C SER D 174 -18.62 5.79 -12.81
N ILE E 3 -26.22 17.29 34.63
CA ILE E 3 -26.00 15.83 34.88
C ILE E 3 -24.51 15.59 35.09
N MET E 4 -24.17 15.09 36.27
CA MET E 4 -22.77 14.79 36.61
C MET E 4 -22.63 13.66 37.61
N HIS E 5 -22.11 12.53 37.14
CA HIS E 5 -21.89 11.39 38.00
C HIS E 5 -20.43 11.46 38.46
N GLN E 6 -19.96 10.47 39.20
CA GLN E 6 -18.60 10.56 39.71
C GLN E 6 -17.73 9.32 39.61
N VAL E 7 -16.52 9.52 39.10
CA VAL E 7 -15.54 8.45 38.95
C VAL E 7 -14.38 8.83 39.85
N VAL E 8 -13.99 7.91 40.73
CA VAL E 8 -12.91 8.16 41.65
C VAL E 8 -11.62 7.51 41.15
N CYS E 9 -10.58 8.32 41.00
CA CYS E 9 -9.28 7.85 40.55
C CYS E 9 -8.34 7.82 41.74
N ALA E 10 -8.02 6.61 42.20
CA ALA E 10 -7.14 6.40 43.33
C ALA E 10 -5.70 6.75 42.94
N THR E 11 -5.49 7.98 42.50
CA THR E 11 -4.18 8.46 42.07
C THR E 11 -4.23 9.98 41.86
N THR E 12 -3.06 10.62 41.90
CA THR E 12 -2.97 12.07 41.68
C THR E 12 -2.15 12.34 40.41
N ASN E 13 -1.77 11.27 39.72
CA ASN E 13 -0.98 11.36 38.49
C ASN E 13 -1.83 11.81 37.30
N PRO E 14 -1.60 13.03 36.81
CA PRO E 14 -2.37 13.52 35.67
C PRO E 14 -2.39 12.60 34.43
N ALA E 15 -1.27 11.97 34.10
CA ALA E 15 -1.22 11.09 32.94
C ALA E 15 -2.19 9.91 33.12
N LYS E 16 -2.28 9.40 34.35
CA LYS E 16 -3.20 8.29 34.64
C LYS E 16 -4.64 8.77 34.56
N ILE E 17 -4.89 9.98 35.04
CA ILE E 17 -6.23 10.58 35.03
C ILE E 17 -6.69 10.71 33.56
N GLN E 18 -5.78 11.15 32.71
CA GLN E 18 -6.07 11.34 31.31
C GLN E 18 -6.48 10.01 30.67
N ALA E 19 -5.69 8.96 30.94
CA ALA E 19 -5.98 7.63 30.38
C ALA E 19 -7.31 7.11 30.87
N ILE E 20 -7.57 7.27 32.17
CA ILE E 20 -8.82 6.81 32.78
C ILE E 20 -9.97 7.56 32.14
N LEU E 21 -9.90 8.88 32.15
CA LEU E 21 -10.95 9.73 31.57
C LEU E 21 -11.24 9.39 30.11
N GLN E 22 -10.20 9.32 29.30
CA GLN E 22 -10.35 9.03 27.88
C GLN E 22 -11.00 7.66 27.68
N ALA E 23 -10.59 6.68 28.48
CA ALA E 23 -11.16 5.34 28.35
C ALA E 23 -12.66 5.34 28.64
N PHE E 24 -13.05 5.96 29.74
CA PHE E 24 -14.46 6.03 30.12
C PHE E 24 -15.28 6.78 29.08
N HIS E 25 -14.74 7.86 28.53
CA HIS E 25 -15.46 8.63 27.51
C HIS E 25 -15.79 7.78 26.29
N GLU E 26 -14.81 7.02 25.81
CA GLU E 26 -15.00 6.17 24.64
C GLU E 26 -15.97 4.99 24.85
N ILE E 27 -15.96 4.40 26.04
CA ILE E 27 -16.82 3.27 26.33
C ILE E 27 -18.24 3.67 26.74
N PHE E 28 -18.36 4.67 27.60
CA PHE E 28 -19.68 5.11 28.07
C PHE E 28 -20.15 6.44 27.45
N GLY E 29 -19.28 7.11 26.71
CA GLY E 29 -19.67 8.37 26.11
C GLY E 29 -19.05 9.57 26.78
N GLU E 30 -18.71 10.57 25.97
CA GLU E 30 -18.10 11.80 26.47
C GLU E 30 -19.17 12.64 27.12
N GLY E 31 -18.84 13.26 28.25
CA GLY E 31 -19.79 14.11 28.95
C GLY E 31 -19.21 14.71 30.23
N SER E 32 -20.00 15.55 30.89
CA SER E 32 -19.56 16.18 32.14
C SER E 32 -19.57 15.16 33.27
N CYS E 33 -18.74 15.38 34.29
CA CYS E 33 -18.67 14.47 35.43
C CYS E 33 -17.73 14.99 36.51
N HIS E 34 -17.84 14.41 37.69
CA HIS E 34 -16.98 14.76 38.80
C HIS E 34 -15.81 13.79 38.85
N ILE E 35 -14.60 14.31 38.91
CA ILE E 35 -13.42 13.46 39.00
C ILE E 35 -12.82 13.62 40.38
N ALA E 36 -12.87 12.58 41.19
CA ALA E 36 -12.30 12.62 42.54
C ALA E 36 -10.89 12.04 42.53
N SER E 37 -9.88 12.90 42.59
CA SER E 37 -8.49 12.45 42.61
C SER E 37 -8.04 12.37 44.05
N VAL E 38 -7.85 11.15 44.54
CA VAL E 38 -7.46 10.96 45.92
C VAL E 38 -6.28 10.01 46.07
N ALA E 39 -5.32 10.42 46.90
CA ALA E 39 -4.13 9.63 47.17
C ALA E 39 -4.44 8.67 48.32
N VAL E 40 -4.30 7.37 48.05
CA VAL E 40 -4.56 6.36 49.08
C VAL E 40 -3.40 5.36 49.17
N GLU E 41 -3.48 4.48 50.17
CA GLU E 41 -2.46 3.46 50.39
C GLU E 41 -2.58 2.33 49.37
N SER E 42 -1.46 1.68 49.06
CA SER E 42 -1.43 0.57 48.12
C SER E 42 -1.30 -0.72 48.91
N GLY E 43 -0.66 -0.62 50.07
CA GLY E 43 -0.45 -1.77 50.94
C GLY E 43 0.72 -2.63 50.51
N VAL E 44 1.49 -2.16 49.54
CA VAL E 44 2.65 -2.90 49.05
C VAL E 44 3.82 -1.92 48.91
N PRO E 45 5.05 -2.43 48.76
CA PRO E 45 6.21 -1.53 48.63
C PRO E 45 6.10 -0.53 47.49
N GLU E 46 6.73 0.64 47.67
CA GLU E 46 6.72 1.70 46.67
C GLU E 46 7.06 1.13 45.29
N GLN E 47 7.90 0.12 45.27
CA GLN E 47 8.30 -0.52 44.02
C GLN E 47 7.93 -1.99 44.03
N PRO E 48 6.72 -2.33 43.55
CA PRO E 48 6.28 -3.72 43.53
C PRO E 48 6.98 -4.60 42.48
N PHE E 49 7.15 -5.89 42.82
CA PHE E 49 7.79 -6.86 41.93
C PHE E 49 6.85 -8.00 41.60
N GLY E 50 6.81 -8.39 40.34
CA GLY E 50 5.92 -9.45 39.92
C GLY E 50 4.55 -8.83 39.70
N SER E 51 3.81 -9.32 38.71
CA SER E 51 2.48 -8.77 38.43
C SER E 51 1.55 -9.04 39.60
N GLU E 52 1.83 -10.12 40.31
CA GLU E 52 1.04 -10.54 41.45
C GLU E 52 0.97 -9.44 42.52
N GLU E 53 2.13 -9.00 43.00
CA GLU E 53 2.20 -7.97 44.01
C GLU E 53 1.67 -6.64 43.45
N THR E 54 2.03 -6.37 42.20
CA THR E 54 1.61 -5.15 41.50
C THR E 54 0.07 -5.01 41.46
N ARG E 55 -0.59 -6.12 41.13
CA ARG E 55 -2.05 -6.17 41.04
C ARG E 55 -2.67 -5.92 42.41
N ALA E 56 -2.04 -6.49 43.44
CA ALA E 56 -2.51 -6.37 44.81
C ALA E 56 -2.51 -4.91 45.27
N GLY E 57 -1.49 -4.17 44.86
CA GLY E 57 -1.40 -2.77 45.21
C GLY E 57 -2.57 -2.00 44.63
N ALA E 58 -2.92 -2.30 43.38
CA ALA E 58 -4.03 -1.64 42.71
C ALA E 58 -5.37 -1.98 43.35
N ARG E 59 -5.61 -3.26 43.62
CA ARG E 59 -6.86 -3.67 44.26
C ARG E 59 -7.01 -2.94 45.59
N ASN E 60 -5.92 -2.90 46.37
CA ASN E 60 -5.94 -2.24 47.66
C ASN E 60 -6.28 -0.77 47.52
N ARG E 61 -5.63 -0.06 46.59
CA ARG E 61 -5.92 1.36 46.40
C ARG E 61 -7.40 1.57 46.07
N VAL E 62 -7.97 0.66 45.29
CA VAL E 62 -9.39 0.74 44.93
C VAL E 62 -10.24 0.58 46.18
N ALA E 63 -9.85 -0.34 47.06
CA ALA E 63 -10.58 -0.60 48.29
C ALA E 63 -10.55 0.61 49.21
N ASN E 64 -9.38 1.22 49.36
CA ASN E 64 -9.24 2.40 50.20
C ASN E 64 -10.03 3.56 49.62
N ALA E 65 -9.91 3.76 48.31
CA ALA E 65 -10.64 4.85 47.67
C ALA E 65 -12.15 4.63 47.83
N ARG E 66 -12.60 3.39 47.70
CA ARG E 66 -14.03 3.07 47.82
C ARG E 66 -14.57 3.40 49.22
N ARG E 67 -13.76 3.16 50.24
CA ARG E 67 -14.16 3.43 51.61
C ARG E 67 -14.25 4.93 51.89
N LEU E 68 -13.36 5.71 51.30
CA LEU E 68 -13.35 7.17 51.50
C LEU E 68 -14.49 7.90 50.78
N LEU E 69 -14.86 7.40 49.59
CA LEU E 69 -15.94 8.01 48.80
C LEU E 69 -16.93 6.95 48.34
N PRO E 70 -17.69 6.36 49.29
CA PRO E 70 -18.67 5.32 49.01
C PRO E 70 -19.84 5.67 48.10
N GLU E 71 -20.14 6.96 47.98
CA GLU E 71 -21.26 7.37 47.14
C GLU E 71 -20.94 7.51 45.66
N ALA E 72 -19.68 7.32 45.29
CA ALA E 72 -19.26 7.43 43.89
C ALA E 72 -19.77 6.30 43.01
N ASP E 73 -19.67 6.49 41.70
CA ASP E 73 -20.13 5.50 40.73
C ASP E 73 -19.09 4.44 40.38
N PHE E 74 -17.83 4.86 40.30
CA PHE E 74 -16.72 3.95 39.98
C PHE E 74 -15.45 4.24 40.76
N TRP E 75 -14.62 3.21 40.92
CA TRP E 75 -13.34 3.34 41.62
C TRP E 75 -12.33 2.61 40.75
N VAL E 76 -11.22 3.29 40.42
CA VAL E 76 -10.17 2.68 39.59
C VAL E 76 -8.76 3.13 39.97
N ALA E 77 -7.82 2.20 39.87
CA ALA E 77 -6.42 2.48 40.20
C ALA E 77 -5.50 1.93 39.13
N ILE E 78 -4.29 2.48 39.05
CA ILE E 78 -3.30 2.02 38.09
C ILE E 78 -1.96 1.94 38.82
N GLU E 79 -1.50 0.71 39.07
CA GLU E 79 -0.25 0.48 39.79
C GLU E 79 0.89 -0.03 38.89
N ALA E 80 2.02 0.67 38.90
CA ALA E 80 3.17 0.28 38.10
C ALA E 80 4.09 -0.63 38.92
N GLY E 81 4.69 -1.61 38.27
CA GLY E 81 5.59 -2.52 38.94
C GLY E 81 6.58 -3.12 37.95
N ILE E 82 7.59 -3.82 38.46
CA ILE E 82 8.58 -4.45 37.59
C ILE E 82 8.52 -5.95 37.74
N ASP E 83 8.99 -6.66 36.73
CA ASP E 83 8.99 -8.11 36.72
C ASP E 83 9.94 -8.62 35.65
N GLY E 84 11.03 -9.22 36.11
CA GLY E 84 12.03 -9.78 35.21
C GLY E 84 12.98 -8.75 34.63
N ASP E 85 12.59 -8.14 33.52
CA ASP E 85 13.40 -7.15 32.86
C ASP E 85 12.52 -6.14 32.14
N SER E 86 11.30 -5.99 32.64
CA SER E 86 10.34 -5.07 32.06
C SER E 86 9.45 -4.43 33.12
N THR E 87 8.94 -3.24 32.83
CA THR E 87 8.04 -2.56 33.74
C THR E 87 6.67 -2.61 33.09
N PHE E 88 5.62 -2.52 33.90
CA PHE E 88 4.26 -2.60 33.37
C PHE E 88 3.32 -2.09 34.47
N SER E 89 2.02 -2.14 34.20
CA SER E 89 1.03 -1.68 35.18
C SER E 89 -0.24 -2.51 35.20
N TRP E 90 -0.87 -2.51 36.36
CA TRP E 90 -2.13 -3.22 36.54
C TRP E 90 -3.26 -2.19 36.71
N VAL E 91 -4.37 -2.40 36.00
CA VAL E 91 -5.51 -1.50 36.13
C VAL E 91 -6.64 -2.30 36.76
N VAL E 92 -7.22 -1.74 37.81
CA VAL E 92 -8.31 -2.37 38.54
C VAL E 92 -9.50 -1.43 38.60
N ILE E 93 -10.68 -1.94 38.25
CA ILE E 93 -11.88 -1.11 38.25
C ILE E 93 -13.07 -1.75 38.97
N GLU E 94 -13.78 -0.95 39.76
CA GLU E 94 -14.93 -1.42 40.48
C GLU E 94 -16.09 -0.42 40.49
N ASN E 95 -17.31 -0.96 40.48
CA ASN E 95 -18.50 -0.14 40.56
C ASN E 95 -19.32 -0.82 41.66
N ALA E 96 -20.61 -0.53 41.74
CA ALA E 96 -21.43 -1.13 42.79
C ALA E 96 -21.33 -2.64 42.91
N SER E 97 -21.37 -3.34 41.77
CA SER E 97 -21.34 -4.79 41.79
C SER E 97 -20.23 -5.55 41.05
N GLN E 98 -19.52 -4.92 40.13
CA GLN E 98 -18.48 -5.63 39.39
C GLN E 98 -17.04 -5.14 39.52
N ARG E 99 -16.11 -5.93 39.00
CA ARG E 99 -14.69 -5.63 39.01
C ARG E 99 -14.05 -6.00 37.67
N GLY E 100 -13.27 -5.08 37.10
CA GLY E 100 -12.60 -5.34 35.83
C GLY E 100 -11.10 -5.05 35.96
N GLU E 101 -10.27 -5.98 35.50
CA GLU E 101 -8.81 -5.83 35.61
C GLU E 101 -8.07 -6.20 34.33
N ALA E 102 -6.95 -5.53 34.08
CA ALA E 102 -6.15 -5.82 32.89
C ALA E 102 -4.73 -5.31 33.03
N ARG E 103 -3.78 -6.12 32.60
CA ARG E 103 -2.37 -5.75 32.66
C ARG E 103 -1.99 -5.01 31.37
N SER E 104 -1.20 -3.95 31.49
CA SER E 104 -0.80 -3.19 30.31
C SER E 104 0.34 -3.90 29.59
N ALA E 105 0.66 -3.43 28.40
CA ALA E 105 1.76 -4.01 27.65
C ALA E 105 3.03 -3.76 28.45
N THR E 106 4.05 -4.58 28.25
CA THR E 106 5.29 -4.42 28.99
C THR E 106 6.39 -3.71 28.21
N LEU E 107 7.28 -3.05 28.93
CA LEU E 107 8.41 -2.33 28.34
C LEU E 107 9.72 -2.97 28.81
N PRO E 108 10.47 -3.60 27.91
CA PRO E 108 11.73 -4.21 28.34
C PRO E 108 12.69 -3.08 28.75
N LEU E 109 13.43 -3.30 29.83
CA LEU E 109 14.36 -2.29 30.33
C LEU E 109 15.81 -2.74 30.21
N PRO E 110 16.74 -1.78 30.09
CA PRO E 110 18.16 -2.14 29.98
C PRO E 110 18.63 -2.76 31.29
N ALA E 111 19.56 -3.70 31.21
CA ALA E 111 20.09 -4.32 32.41
C ALA E 111 20.60 -3.22 33.35
N VAL E 112 21.22 -2.21 32.75
CA VAL E 112 21.76 -1.07 33.49
C VAL E 112 20.74 -0.43 34.43
N ILE E 113 19.57 -0.09 33.89
CA ILE E 113 18.50 0.52 34.67
C ILE E 113 17.93 -0.50 35.64
N LEU E 114 17.76 -1.72 35.15
CA LEU E 114 17.22 -2.81 35.91
C LEU E 114 17.99 -3.03 37.21
N GLU E 115 19.31 -2.87 37.17
CA GLU E 115 20.15 -3.07 38.35
C GLU E 115 20.07 -1.94 39.38
N LYS E 116 20.07 -0.70 38.92
CA LYS E 116 19.99 0.44 39.83
C LYS E 116 18.74 0.37 40.69
N VAL E 117 17.62 -0.02 40.09
CA VAL E 117 16.36 -0.13 40.82
C VAL E 117 16.33 -1.39 41.68
N ARG E 118 16.88 -2.47 41.15
CA ARG E 118 16.90 -3.73 41.88
C ARG E 118 17.92 -3.67 43.03
N GLU E 119 18.20 -2.45 43.49
CA GLU E 119 19.13 -2.25 44.59
C GLU E 119 18.63 -1.13 45.52
N GLY E 120 17.31 -1.00 45.60
CA GLY E 120 16.73 0.01 46.47
C GLY E 120 15.95 1.14 45.80
N GLU E 121 16.53 1.73 44.77
CA GLU E 121 15.91 2.84 44.05
C GLU E 121 14.68 2.41 43.26
N ALA E 122 13.63 3.24 43.28
CA ALA E 122 12.41 2.95 42.54
C ALA E 122 12.60 3.39 41.09
N LEU E 123 11.84 2.79 40.18
CA LEU E 123 11.95 3.09 38.76
C LEU E 123 11.79 4.58 38.44
N GLY E 124 10.78 5.21 39.02
CA GLY E 124 10.53 6.63 38.76
C GLY E 124 11.75 7.53 38.92
N PRO E 125 12.28 7.66 40.15
CA PRO E 125 13.45 8.50 40.37
C PRO E 125 14.70 8.12 39.58
N VAL E 126 15.05 6.83 39.52
CA VAL E 126 16.23 6.41 38.77
C VAL E 126 16.16 6.91 37.33
N MET E 127 14.99 6.80 36.72
CA MET E 127 14.78 7.26 35.35
C MET E 127 14.77 8.78 35.32
N SER E 128 14.45 9.38 36.45
CA SER E 128 14.41 10.84 36.54
C SER E 128 15.79 11.42 36.33
N ARG E 129 16.74 11.02 37.17
CA ARG E 129 18.10 11.53 37.04
C ARG E 129 18.80 11.00 35.79
N TYR E 130 18.54 9.74 35.45
CA TYR E 130 19.14 9.15 34.26
C TYR E 130 18.86 10.00 33.03
N THR E 131 17.70 10.65 33.02
CA THR E 131 17.34 11.49 31.88
C THR E 131 17.39 12.98 32.18
N GLY E 132 17.29 13.33 33.45
CA GLY E 132 17.33 14.74 33.83
C GLY E 132 15.94 15.37 33.80
N ILE E 133 14.92 14.55 33.51
CA ILE E 133 13.55 15.02 33.46
C ILE E 133 12.85 14.59 34.76
N ASP E 134 12.88 15.47 35.75
CA ASP E 134 12.30 15.22 37.07
C ASP E 134 10.87 14.69 37.01
N GLU E 135 10.54 13.77 37.91
CA GLU E 135 9.20 13.20 37.98
C GLU E 135 8.82 12.67 36.60
N ILE E 136 9.74 11.93 35.97
CA ILE E 136 9.50 11.40 34.65
C ILE E 136 8.18 10.62 34.58
N GLY E 137 7.87 9.90 35.65
CA GLY E 137 6.66 9.12 35.69
C GLY E 137 5.38 9.94 35.58
N ARG E 138 5.36 11.11 36.21
CA ARG E 138 4.20 11.98 36.18
C ARG E 138 3.98 12.49 34.76
N LYS E 139 4.98 12.26 33.91
CA LYS E 139 4.94 12.70 32.52
C LYS E 139 4.87 11.51 31.56
N GLU E 140 5.71 11.52 30.53
CA GLU E 140 5.70 10.44 29.55
C GLU E 140 6.28 9.12 30.06
N GLY E 141 7.10 9.20 31.11
CA GLY E 141 7.69 8.00 31.68
C GLY E 141 8.78 7.31 30.87
N ALA E 142 9.25 6.18 31.37
CA ALA E 142 10.29 5.41 30.70
C ALA E 142 9.76 4.93 29.36
N ILE E 143 8.43 4.86 29.24
CA ILE E 143 7.80 4.44 27.99
C ILE E 143 8.17 5.50 26.96
N GLY E 144 8.02 6.75 27.36
CA GLY E 144 8.32 7.86 26.48
C GLY E 144 9.78 7.97 26.08
N VAL E 145 10.69 7.62 26.98
CA VAL E 145 12.12 7.73 26.67
C VAL E 145 12.64 6.59 25.78
N PHE E 146 12.30 5.36 26.11
CA PHE E 146 12.80 4.22 25.34
C PHE E 146 12.08 3.91 24.03
N THR E 147 10.93 4.53 23.78
CA THR E 147 10.21 4.33 22.52
C THR E 147 10.45 5.60 21.69
N ALA E 148 11.28 6.49 22.24
CA ALA E 148 11.62 7.75 21.57
C ALA E 148 10.37 8.55 21.30
N GLY E 149 9.61 8.83 22.36
CA GLY E 149 8.40 9.61 22.23
C GLY E 149 7.31 9.05 21.33
N LYS E 150 7.47 7.82 20.85
CA LYS E 150 6.47 7.20 19.99
C LYS E 150 5.25 6.68 20.77
N LEU E 151 5.46 6.40 22.04
CA LEU E 151 4.40 5.94 22.94
C LEU E 151 4.55 6.70 24.25
N THR E 152 3.47 6.76 25.03
CA THR E 152 3.44 7.46 26.32
C THR E 152 2.86 6.57 27.41
N ARG E 153 3.04 6.95 28.67
CA ARG E 153 2.45 6.17 29.76
C ARG E 153 0.96 6.24 29.52
N ALA E 154 0.49 7.44 29.22
CA ALA E 154 -0.93 7.67 28.97
C ALA E 154 -1.51 6.79 27.87
N SER E 155 -0.87 6.79 26.70
CA SER E 155 -1.35 6.01 25.57
C SER E 155 -1.38 4.50 25.85
N VAL E 156 -0.40 3.98 26.58
CA VAL E 156 -0.40 2.56 26.91
C VAL E 156 -1.41 2.29 28.03
N TYR E 157 -1.44 3.15 29.04
CA TYR E 157 -2.38 2.98 30.15
C TYR E 157 -3.82 3.03 29.66
N HIS E 158 -4.07 3.93 28.71
CA HIS E 158 -5.39 4.08 28.14
C HIS E 158 -5.91 2.75 27.58
N GLN E 159 -5.08 2.00 26.85
CA GLN E 159 -5.52 0.71 26.31
C GLN E 159 -5.87 -0.26 27.43
N ALA E 160 -5.07 -0.28 28.48
CA ALA E 160 -5.33 -1.17 29.60
C ALA E 160 -6.66 -0.85 30.31
N VAL E 161 -6.95 0.44 30.44
CA VAL E 161 -8.19 0.85 31.10
C VAL E 161 -9.39 0.42 30.25
N ILE E 162 -9.31 0.67 28.94
CA ILE E 162 -10.36 0.28 28.02
C ILE E 162 -10.64 -1.21 28.17
N LEU E 163 -9.56 -2.00 28.15
CA LEU E 163 -9.67 -3.44 28.27
C LEU E 163 -10.28 -3.91 29.59
N ALA E 164 -9.88 -3.26 30.68
CA ALA E 164 -10.38 -3.63 32.00
C ALA E 164 -11.86 -3.27 32.17
N LEU E 165 -12.35 -2.39 31.30
CA LEU E 165 -13.74 -1.94 31.35
C LEU E 165 -14.70 -2.96 30.72
N SER E 166 -14.13 -3.95 30.02
CA SER E 166 -14.90 -4.97 29.33
C SER E 166 -16.09 -5.61 30.06
N PRO E 167 -15.92 -6.05 31.31
CA PRO E 167 -17.00 -6.68 32.08
C PRO E 167 -18.19 -5.77 32.39
N PHE E 168 -17.94 -4.47 32.35
CA PHE E 168 -19.00 -3.52 32.68
C PHE E 168 -20.02 -3.25 31.60
N HIS E 169 -19.63 -3.35 30.33
CA HIS E 169 -20.58 -3.08 29.25
C HIS E 169 -20.88 -4.30 28.38
N ASN E 170 -20.41 -5.46 28.81
CA ASN E 170 -20.62 -6.73 28.11
C ASN E 170 -21.36 -7.68 29.06
N ALA E 171 -22.66 -7.87 28.83
CA ALA E 171 -23.48 -8.73 29.68
C ALA E 171 -22.97 -10.16 29.85
N VAL E 172 -22.36 -10.71 28.81
CA VAL E 172 -21.86 -12.08 28.89
C VAL E 172 -20.88 -12.31 30.06
N TYR E 173 -20.38 -11.23 30.66
CA TYR E 173 -19.47 -11.38 31.79
C TYR E 173 -20.25 -11.51 33.08
N SER E 174 -20.95 -10.44 33.45
CA SER E 174 -21.75 -10.36 34.67
C SER E 174 -20.91 -10.36 35.95
N MET F 4 17.23 0.69 3.92
CA MET F 4 16.15 -0.27 3.53
C MET F 4 16.40 -1.59 4.24
N HIS F 5 15.64 -1.86 5.31
CA HIS F 5 15.80 -3.11 6.04
C HIS F 5 14.72 -4.11 5.65
N GLN F 6 15.11 -5.37 5.51
CA GLN F 6 14.15 -6.40 5.19
C GLN F 6 13.67 -7.01 6.50
N VAL F 7 12.37 -6.91 6.76
CA VAL F 7 11.81 -7.46 7.98
C VAL F 7 10.92 -8.65 7.64
N VAL F 8 11.32 -9.82 8.11
CA VAL F 8 10.58 -11.04 7.87
C VAL F 8 9.62 -11.27 9.03
N CYS F 9 8.33 -11.37 8.72
CA CYS F 9 7.31 -11.60 9.74
C CYS F 9 6.99 -13.09 9.73
N ALA F 10 7.18 -13.74 10.88
CA ALA F 10 6.91 -15.17 10.98
C ALA F 10 5.40 -15.41 11.14
N THR F 11 4.63 -14.88 10.21
CA THR F 11 3.17 -15.04 10.25
C THR F 11 2.55 -14.61 8.92
N THR F 12 1.29 -15.00 8.70
CA THR F 12 0.57 -14.60 7.47
C THR F 12 -0.67 -13.81 7.90
N ASN F 13 -0.82 -13.63 9.21
CA ASN F 13 -1.96 -12.92 9.78
C ASN F 13 -1.86 -11.41 9.58
N PRO F 14 -2.76 -10.83 8.76
CA PRO F 14 -2.77 -9.40 8.47
C PRO F 14 -2.79 -8.48 9.70
N ALA F 15 -3.52 -8.89 10.74
CA ALA F 15 -3.59 -8.10 11.96
C ALA F 15 -2.18 -7.89 12.53
N LYS F 16 -1.35 -8.92 12.42
CA LYS F 16 0.02 -8.86 12.92
C LYS F 16 0.95 -8.12 11.97
N ILE F 17 0.86 -8.43 10.67
CA ILE F 17 1.67 -7.79 9.64
C ILE F 17 1.48 -6.28 9.73
N GLN F 18 0.23 -5.86 9.81
CA GLN F 18 -0.09 -4.45 9.93
C GLN F 18 0.60 -3.84 11.14
N ALA F 19 0.49 -4.50 12.29
CA ALA F 19 1.11 -4.02 13.51
C ALA F 19 2.63 -3.97 13.39
N ILE F 20 3.24 -5.05 12.90
CA ILE F 20 4.69 -5.11 12.74
C ILE F 20 5.18 -3.93 11.91
N LEU F 21 4.65 -3.83 10.69
CA LEU F 21 5.02 -2.77 9.75
C LEU F 21 4.81 -1.37 10.32
N GLN F 22 3.62 -1.11 10.84
CA GLN F 22 3.32 0.19 11.42
C GLN F 22 4.39 0.57 12.46
N ALA F 23 4.70 -0.38 13.35
CA ALA F 23 5.70 -0.15 14.39
C ALA F 23 7.10 0.10 13.82
N PHE F 24 7.53 -0.73 12.88
CA PHE F 24 8.85 -0.56 12.30
C PHE F 24 8.94 0.79 11.57
N HIS F 25 7.87 1.18 10.90
CA HIS F 25 7.85 2.45 10.19
C HIS F 25 7.96 3.64 11.13
N GLU F 26 7.46 3.50 12.36
CA GLU F 26 7.52 4.60 13.30
C GLU F 26 8.92 4.74 13.91
N ILE F 27 9.51 3.62 14.32
CA ILE F 27 10.84 3.68 14.89
C ILE F 27 11.86 4.03 13.80
N PHE F 28 11.85 3.28 12.71
CA PHE F 28 12.78 3.53 11.61
C PHE F 28 12.07 4.42 10.58
N GLY F 29 12.83 5.01 9.68
CA GLY F 29 12.22 5.88 8.68
C GLY F 29 10.85 5.43 8.21
N GLU F 30 10.03 6.39 7.79
CA GLU F 30 8.68 6.10 7.32
C GLU F 30 8.62 5.01 6.26
N GLY F 31 9.36 5.13 5.17
CA GLY F 31 9.33 4.08 4.16
C GLY F 31 10.64 3.33 4.07
N SER F 32 11.20 2.98 5.21
CA SER F 32 12.50 2.31 5.29
C SER F 32 12.51 0.77 5.37
N CYS F 33 11.35 0.14 5.30
CA CYS F 33 11.31 -1.32 5.41
C CYS F 33 10.45 -2.00 4.37
N HIS F 34 10.85 -3.21 4.01
CA HIS F 34 10.02 -3.97 3.10
C HIS F 34 9.69 -5.25 3.85
N ILE F 35 8.47 -5.73 3.63
CA ILE F 35 7.99 -6.91 4.30
C ILE F 35 8.13 -8.20 3.52
N ALA F 36 8.28 -9.28 4.27
CA ALA F 36 8.38 -10.62 3.72
C ALA F 36 7.57 -11.43 4.71
N SER F 37 6.60 -12.19 4.21
CA SER F 37 5.76 -12.98 5.07
C SER F 37 6.05 -14.47 4.86
N VAL F 38 6.18 -15.19 5.96
CA VAL F 38 6.46 -16.61 5.88
C VAL F 38 5.81 -17.35 7.05
N ALA F 39 5.28 -18.55 6.75
CA ALA F 39 4.62 -19.38 7.75
C ALA F 39 5.59 -20.44 8.29
N VAL F 40 5.73 -20.48 9.60
CA VAL F 40 6.64 -21.43 10.23
C VAL F 40 6.01 -22.10 11.44
N GLU F 41 6.72 -23.09 11.98
CA GLU F 41 6.26 -23.84 13.15
C GLU F 41 6.66 -23.09 14.41
N SER F 42 5.85 -23.24 15.45
CA SER F 42 6.09 -22.57 16.74
C SER F 42 6.73 -23.53 17.74
N GLY F 43 6.53 -24.83 17.53
CA GLY F 43 7.08 -25.79 18.45
C GLY F 43 6.23 -25.98 19.70
N VAL F 44 5.09 -25.31 19.76
CA VAL F 44 4.21 -25.46 20.92
C VAL F 44 2.80 -25.72 20.44
N PRO F 45 1.91 -26.17 21.34
CA PRO F 45 0.53 -26.43 20.92
C PRO F 45 -0.14 -25.21 20.29
N GLU F 46 -1.13 -25.47 19.45
CA GLU F 46 -1.86 -24.44 18.75
C GLU F 46 -2.42 -23.37 19.69
N GLN F 47 -2.69 -23.76 20.93
CA GLN F 47 -3.23 -22.85 21.93
C GLN F 47 -2.42 -22.87 23.22
N PRO F 48 -1.36 -22.06 23.29
CA PRO F 48 -0.52 -22.00 24.49
C PRO F 48 -1.17 -21.38 25.73
N PHE F 49 -0.73 -21.86 26.89
CA PHE F 49 -1.23 -21.36 28.18
C PHE F 49 -0.06 -20.87 29.00
N GLY F 50 -0.25 -19.75 29.70
CA GLY F 50 0.81 -19.19 30.52
C GLY F 50 1.79 -18.38 29.69
N SER F 51 2.59 -17.55 30.37
CA SER F 51 3.58 -16.71 29.70
C SER F 51 4.78 -17.42 29.07
N GLU F 52 5.37 -18.36 29.81
CA GLU F 52 6.53 -19.11 29.34
C GLU F 52 6.29 -19.81 28.02
N GLU F 53 5.16 -20.50 27.90
CA GLU F 53 4.84 -21.25 26.70
C GLU F 53 4.52 -20.37 25.49
N THR F 54 3.87 -19.24 25.75
CA THR F 54 3.51 -18.33 24.67
C THR F 54 4.76 -17.66 24.12
N ARG F 55 5.64 -17.23 25.02
CA ARG F 55 6.88 -16.59 24.61
C ARG F 55 7.76 -17.60 23.86
N ALA F 56 7.76 -18.84 24.33
CA ALA F 56 8.55 -19.90 23.71
C ALA F 56 8.12 -20.15 22.26
N GLY F 57 6.82 -20.03 21.99
CA GLY F 57 6.35 -20.22 20.64
C GLY F 57 6.83 -19.09 19.74
N ALA F 58 6.77 -17.87 20.26
CA ALA F 58 7.19 -16.69 19.49
C ALA F 58 8.67 -16.79 19.15
N ARG F 59 9.48 -17.18 20.12
CA ARG F 59 10.92 -17.31 19.90
C ARG F 59 11.19 -18.40 18.87
N ASN F 60 10.49 -19.53 18.99
CA ASN F 60 10.71 -20.63 18.06
C ASN F 60 10.36 -20.25 16.63
N ARG F 61 9.34 -19.40 16.46
CA ARG F 61 8.94 -18.98 15.12
C ARG F 61 10.05 -18.11 14.53
N VAL F 62 10.61 -17.24 15.35
CA VAL F 62 11.69 -16.36 14.91
C VAL F 62 12.94 -17.20 14.53
N ALA F 63 13.19 -18.27 15.28
CA ALA F 63 14.34 -19.12 14.99
C ALA F 63 14.19 -19.70 13.60
N ASN F 64 12.99 -20.19 13.30
CA ASN F 64 12.70 -20.78 11.98
C ASN F 64 12.85 -19.76 10.86
N ALA F 65 12.26 -18.59 11.02
CA ALA F 65 12.33 -17.55 10.00
C ALA F 65 13.76 -17.10 9.77
N ARG F 66 14.57 -17.09 10.84
CA ARG F 66 15.95 -16.67 10.71
C ARG F 66 16.76 -17.64 9.86
N ARG F 67 16.51 -18.93 10.00
CA ARG F 67 17.25 -19.93 9.22
C ARG F 67 16.73 -19.99 7.78
N LEU F 68 15.45 -19.67 7.61
CA LEU F 68 14.81 -19.69 6.30
C LEU F 68 15.28 -18.54 5.42
N LEU F 69 15.40 -17.35 6.00
CA LEU F 69 15.85 -16.16 5.26
C LEU F 69 16.97 -15.45 6.02
N PRO F 70 18.13 -16.11 6.19
CA PRO F 70 19.32 -15.60 6.89
C PRO F 70 19.93 -14.28 6.41
N GLU F 71 19.61 -13.87 5.18
CA GLU F 71 20.16 -12.61 4.68
C GLU F 71 19.26 -11.42 4.98
N ALA F 72 18.29 -11.60 5.88
CA ALA F 72 17.38 -10.53 6.24
C ALA F 72 17.93 -9.66 7.40
N ASP F 73 17.27 -8.54 7.65
CA ASP F 73 17.70 -7.62 8.71
C ASP F 73 17.01 -7.87 10.03
N PHE F 74 15.73 -8.25 9.97
CA PHE F 74 14.97 -8.53 11.18
C PHE F 74 14.04 -9.72 10.99
N TRP F 75 13.76 -10.41 12.09
CA TRP F 75 12.88 -11.55 12.10
C TRP F 75 11.97 -11.31 13.30
N VAL F 76 10.65 -11.28 13.07
CA VAL F 76 9.70 -11.03 14.15
C VAL F 76 8.46 -11.92 14.15
N ALA F 77 8.05 -12.33 15.35
CA ALA F 77 6.90 -13.19 15.54
C ALA F 77 6.02 -12.70 16.69
N ILE F 78 4.73 -13.00 16.61
CA ILE F 78 3.77 -12.62 17.64
C ILE F 78 2.92 -13.85 17.94
N GLU F 79 2.96 -14.33 19.18
CA GLU F 79 2.20 -15.51 19.57
C GLU F 79 1.18 -15.17 20.66
N ALA F 80 -0.07 -15.61 20.46
CA ALA F 80 -1.12 -15.35 21.44
C ALA F 80 -1.26 -16.49 22.44
N GLY F 81 -1.70 -16.17 23.66
CA GLY F 81 -1.86 -17.19 24.68
C GLY F 81 -2.91 -16.83 25.73
N ILE F 82 -3.18 -17.78 26.61
CA ILE F 82 -4.15 -17.60 27.68
C ILE F 82 -3.39 -17.61 29.01
N ASP F 83 -3.67 -16.63 29.85
CA ASP F 83 -3.03 -16.53 31.14
C ASP F 83 -4.15 -16.25 32.13
N GLY F 84 -4.70 -17.32 32.71
CA GLY F 84 -5.78 -17.17 33.66
C GLY F 84 -7.09 -16.86 32.99
N ASP F 85 -7.69 -15.72 33.33
CA ASP F 85 -8.97 -15.31 32.76
C ASP F 85 -8.79 -14.31 31.63
N SER F 86 -7.63 -14.34 30.98
CA SER F 86 -7.36 -13.38 29.92
C SER F 86 -6.52 -13.92 28.77
N THR F 87 -6.57 -13.21 27.65
CA THR F 87 -5.77 -13.57 26.49
C THR F 87 -4.79 -12.42 26.28
N PHE F 88 -3.58 -12.76 25.87
CA PHE F 88 -2.53 -11.79 25.63
C PHE F 88 -1.61 -12.34 24.56
N SER F 89 -0.54 -11.60 24.23
CA SER F 89 0.39 -12.05 23.22
C SER F 89 1.83 -11.64 23.52
N TRP F 90 2.76 -12.39 22.95
CA TRP F 90 4.18 -12.11 23.10
C TRP F 90 4.74 -11.71 21.74
N VAL F 91 5.53 -10.64 21.73
CA VAL F 91 6.18 -10.19 20.50
C VAL F 91 7.68 -10.45 20.68
N VAL F 92 8.30 -11.08 19.69
CA VAL F 92 9.74 -11.35 19.75
C VAL F 92 10.42 -10.83 18.49
N ILE F 93 11.46 -10.03 18.68
CA ILE F 93 12.21 -9.45 17.57
C ILE F 93 13.72 -9.73 17.70
N GLU F 94 14.33 -10.12 16.59
CA GLU F 94 15.76 -10.38 16.57
C GLU F 94 16.39 -9.85 15.29
N ASN F 95 17.65 -9.45 15.40
CA ASN F 95 18.38 -9.03 14.23
C ASN F 95 19.67 -9.84 14.32
N ALA F 96 20.72 -9.41 13.62
CA ALA F 96 21.98 -10.15 13.66
C ALA F 96 22.55 -10.35 15.07
N SER F 97 22.41 -9.34 15.93
CA SER F 97 22.99 -9.43 17.27
C SER F 97 22.11 -9.27 18.52
N GLN F 98 20.88 -8.81 18.38
CA GLN F 98 20.01 -8.60 19.55
C GLN F 98 18.59 -9.13 19.47
N ARG F 99 17.99 -9.33 20.64
CA ARG F 99 16.61 -9.80 20.75
C ARG F 99 15.82 -8.88 21.69
N GLY F 100 14.64 -8.44 21.24
CA GLY F 100 13.78 -7.60 22.02
C GLY F 100 12.41 -8.25 22.11
N GLU F 101 11.88 -8.41 23.32
CA GLU F 101 10.57 -9.03 23.51
C GLU F 101 9.64 -8.15 24.36
N ALA F 102 8.34 -8.40 24.26
CA ALA F 102 7.35 -7.66 25.03
C ALA F 102 5.97 -8.31 24.97
N ARG F 103 5.20 -8.15 26.04
CA ARG F 103 3.85 -8.69 26.14
C ARG F 103 2.85 -7.60 25.80
N SER F 104 1.72 -7.99 25.21
CA SER F 104 0.69 -7.02 24.89
C SER F 104 -0.19 -6.86 26.12
N ALA F 105 -1.06 -5.86 26.10
CA ALA F 105 -1.99 -5.63 27.21
C ALA F 105 -2.88 -6.87 27.25
N THR F 106 -3.42 -7.19 28.42
CA THR F 106 -4.28 -8.37 28.59
C THR F 106 -5.76 -8.05 28.46
N LEU F 107 -6.53 -9.02 27.95
CA LEU F 107 -7.95 -8.85 27.77
C LEU F 107 -8.72 -9.86 28.63
N PRO F 108 -9.50 -9.37 29.60
CA PRO F 108 -10.25 -10.31 30.44
C PRO F 108 -11.35 -10.95 29.61
N LEU F 109 -11.53 -12.26 29.76
CA LEU F 109 -12.53 -13.00 29.01
C LEU F 109 -13.67 -13.53 29.86
N PRO F 110 -14.88 -13.62 29.26
CA PRO F 110 -16.08 -14.12 29.93
C PRO F 110 -15.88 -15.56 30.34
N ALA F 111 -16.47 -15.95 31.46
CA ALA F 111 -16.34 -17.32 31.96
C ALA F 111 -16.74 -18.35 30.90
N VAL F 112 -17.81 -18.04 30.17
CA VAL F 112 -18.33 -18.93 29.13
C VAL F 112 -17.29 -19.23 28.08
N ILE F 113 -16.69 -18.19 27.51
CA ILE F 113 -15.67 -18.33 26.49
C ILE F 113 -14.48 -19.12 27.03
N LEU F 114 -14.09 -18.78 28.26
CA LEU F 114 -12.96 -19.39 28.96
C LEU F 114 -13.06 -20.90 29.18
N GLU F 115 -14.24 -21.39 29.55
CA GLU F 115 -14.38 -22.83 29.78
C GLU F 115 -14.31 -23.63 28.49
N LYS F 116 -14.84 -23.06 27.41
CA LYS F 116 -14.81 -23.72 26.11
C LYS F 116 -13.38 -23.88 25.62
N VAL F 117 -12.53 -22.91 25.93
CA VAL F 117 -11.12 -22.95 25.52
C VAL F 117 -10.33 -23.89 26.44
N ARG F 118 -10.60 -23.78 27.74
CA ARG F 118 -9.92 -24.63 28.72
C ARG F 118 -10.32 -26.09 28.53
N GLU F 119 -11.38 -26.34 27.77
CA GLU F 119 -11.78 -27.71 27.52
C GLU F 119 -11.29 -28.20 26.16
N GLY F 120 -10.05 -27.83 25.82
CA GLY F 120 -9.43 -28.27 24.58
C GLY F 120 -9.64 -27.53 23.27
N GLU F 121 -10.29 -26.38 23.28
CA GLU F 121 -10.52 -25.66 22.04
C GLU F 121 -9.75 -24.33 22.01
N ALA F 122 -9.19 -24.00 20.85
CA ALA F 122 -8.43 -22.77 20.69
C ALA F 122 -9.35 -21.55 20.61
N LEU F 123 -8.93 -20.49 21.29
CA LEU F 123 -9.68 -19.24 21.34
C LEU F 123 -10.11 -18.75 19.95
N GLY F 124 -9.24 -18.94 18.97
CA GLY F 124 -9.54 -18.50 17.62
C GLY F 124 -10.91 -18.91 17.11
N PRO F 125 -11.14 -20.21 16.87
CA PRO F 125 -12.43 -20.69 16.37
C PRO F 125 -13.63 -20.55 17.32
N VAL F 126 -13.40 -20.68 18.62
CA VAL F 126 -14.51 -20.54 19.56
C VAL F 126 -15.08 -19.11 19.47
N MET F 127 -14.22 -18.13 19.29
CA MET F 127 -14.68 -16.74 19.19
C MET F 127 -15.38 -16.55 17.84
N SER F 128 -14.87 -17.23 16.82
CA SER F 128 -15.47 -17.16 15.49
C SER F 128 -16.86 -17.80 15.57
N ARG F 129 -16.98 -18.82 16.42
CA ARG F 129 -18.24 -19.54 16.61
C ARG F 129 -18.99 -19.04 17.86
N TYR F 130 -19.18 -17.74 17.94
CA TYR F 130 -19.86 -17.10 19.06
C TYR F 130 -20.22 -15.71 18.59
N THR F 131 -19.34 -15.18 17.75
CA THR F 131 -19.51 -13.85 17.19
C THR F 131 -20.00 -13.99 15.76
N GLY F 132 -19.93 -15.20 15.25
CA GLY F 132 -20.36 -15.45 13.88
C GLY F 132 -19.40 -14.89 12.85
N ILE F 133 -18.23 -14.44 13.28
CA ILE F 133 -17.25 -13.91 12.36
C ILE F 133 -16.12 -14.92 12.17
N ASP F 134 -15.99 -15.43 10.94
CA ASP F 134 -14.97 -16.42 10.63
C ASP F 134 -13.56 -15.82 10.74
N GLU F 135 -12.59 -16.67 11.06
CA GLU F 135 -11.19 -16.27 11.20
C GLU F 135 -11.09 -14.87 11.85
N ILE F 136 -11.78 -14.71 12.97
CA ILE F 136 -11.80 -13.43 13.67
C ILE F 136 -10.40 -13.00 14.14
N GLY F 137 -9.54 -13.97 14.43
CA GLY F 137 -8.19 -13.65 14.87
C GLY F 137 -7.36 -12.98 13.79
N ARG F 138 -7.85 -13.01 12.55
CA ARG F 138 -7.15 -12.38 11.42
C ARG F 138 -7.80 -11.04 11.12
N LYS F 139 -8.81 -10.69 11.91
CA LYS F 139 -9.55 -9.43 11.74
C LYS F 139 -9.35 -8.56 13.00
N GLU F 140 -10.44 -8.08 13.59
CA GLU F 140 -10.31 -7.23 14.78
C GLU F 140 -10.08 -8.09 16.03
N GLY F 141 -10.46 -9.36 15.94
CA GLY F 141 -10.28 -10.28 17.06
C GLY F 141 -11.20 -10.09 18.26
N ALA F 142 -10.96 -10.86 19.31
CA ALA F 142 -11.75 -10.80 20.53
C ALA F 142 -11.64 -9.40 21.12
N ILE F 143 -10.46 -8.81 20.98
CA ILE F 143 -10.22 -7.47 21.49
C ILE F 143 -11.25 -6.52 20.89
N GLY F 144 -11.49 -6.66 19.59
CA GLY F 144 -12.47 -5.81 18.94
C GLY F 144 -13.89 -6.02 19.43
N VAL F 145 -14.25 -7.28 19.67
CA VAL F 145 -15.60 -7.61 20.12
C VAL F 145 -15.95 -7.11 21.53
N PHE F 146 -15.04 -7.29 22.48
CA PHE F 146 -15.32 -6.90 23.86
C PHE F 146 -15.03 -5.44 24.21
N THR F 147 -14.30 -4.73 23.36
CA THR F 147 -14.02 -3.33 23.60
C THR F 147 -14.94 -2.51 22.71
N ALA F 148 -15.97 -3.17 22.17
CA ALA F 148 -16.93 -2.54 21.29
C ALA F 148 -16.24 -1.86 20.10
N GLY F 149 -15.17 -2.47 19.63
CA GLY F 149 -14.43 -1.93 18.50
C GLY F 149 -13.54 -0.75 18.84
N LYS F 150 -13.56 -0.32 20.09
CA LYS F 150 -12.76 0.81 20.51
C LYS F 150 -11.29 0.48 20.48
N LEU F 151 -10.99 -0.81 20.54
CA LEU F 151 -9.62 -1.26 20.47
C LEU F 151 -9.60 -2.35 19.41
N THR F 152 -8.44 -2.57 18.81
CA THR F 152 -8.33 -3.58 17.80
C THR F 152 -7.08 -4.42 18.01
N ARG F 153 -7.13 -5.67 17.55
CA ARG F 153 -6.01 -6.59 17.68
C ARG F 153 -4.75 -5.91 17.15
N ALA F 154 -4.87 -5.31 15.98
CA ALA F 154 -3.77 -4.61 15.33
C ALA F 154 -3.28 -3.41 16.14
N SER F 155 -4.20 -2.61 16.68
CA SER F 155 -3.82 -1.43 17.47
C SER F 155 -3.18 -1.82 18.80
N VAL F 156 -3.58 -2.97 19.36
CA VAL F 156 -2.99 -3.43 20.61
C VAL F 156 -1.62 -4.07 20.37
N TYR F 157 -1.49 -4.82 19.27
CA TYR F 157 -0.22 -5.46 18.95
C TYR F 157 0.78 -4.42 18.49
N HIS F 158 0.29 -3.35 17.89
CA HIS F 158 1.16 -2.30 17.41
C HIS F 158 2.00 -1.73 18.54
N GLN F 159 1.36 -1.49 19.67
CA GLN F 159 2.06 -0.96 20.84
C GLN F 159 3.11 -1.94 21.34
N ALA F 160 2.75 -3.22 21.40
CA ALA F 160 3.68 -4.26 21.86
C ALA F 160 4.93 -4.42 20.97
N VAL F 161 4.80 -4.14 19.67
CA VAL F 161 5.93 -4.25 18.77
C VAL F 161 6.89 -3.08 18.99
N ILE F 162 6.32 -1.89 19.15
CA ILE F 162 7.12 -0.70 19.39
C ILE F 162 7.93 -0.89 20.67
N LEU F 163 7.31 -1.46 21.70
CA LEU F 163 8.01 -1.68 22.96
C LEU F 163 9.12 -2.73 22.81
N ALA F 164 8.88 -3.77 22.04
CA ALA F 164 9.89 -4.82 21.85
C ALA F 164 11.04 -4.31 20.97
N LEU F 165 10.79 -3.22 20.26
CA LEU F 165 11.78 -2.62 19.37
C LEU F 165 12.77 -1.74 20.12
N SER F 166 12.51 -1.48 21.39
CA SER F 166 13.35 -0.60 22.22
C SER F 166 14.85 -0.88 22.20
N PRO F 167 15.27 -2.15 22.38
CA PRO F 167 16.70 -2.45 22.37
C PRO F 167 17.44 -2.23 21.05
N PHE F 168 16.70 -2.06 19.95
CA PHE F 168 17.31 -1.86 18.64
C PHE F 168 17.68 -0.42 18.26
N HIS F 169 17.13 0.56 18.98
CA HIS F 169 17.46 1.95 18.68
C HIS F 169 17.93 2.66 19.95
N ASN F 170 18.19 1.86 20.99
CA ASN F 170 18.68 2.38 22.26
C ASN F 170 19.94 1.63 22.63
N ALA F 171 21.09 2.21 22.27
CA ALA F 171 22.38 1.63 22.54
C ALA F 171 22.57 1.27 24.02
N VAL F 172 21.88 1.99 24.90
CA VAL F 172 22.01 1.71 26.33
C VAL F 172 21.66 0.27 26.67
N TYR F 173 20.83 -0.35 25.84
CA TYR F 173 20.44 -1.74 26.09
C TYR F 173 21.62 -2.68 25.87
N SER F 174 22.61 -2.22 25.10
CA SER F 174 23.79 -3.01 24.79
C SER F 174 24.86 -3.01 25.88
N GLY F 175 24.65 -2.20 26.91
CA GLY F 175 25.63 -2.12 27.99
C GLY F 175 25.51 -3.23 29.03
N LEU G 2 -10.44 12.95 54.55
CA LEU G 2 -9.45 13.53 53.60
C LEU G 2 -9.81 14.95 53.20
N ILE G 3 -8.77 15.77 52.99
CA ILE G 3 -8.98 17.16 52.60
C ILE G 3 -8.80 17.33 51.10
N MET G 4 -9.76 18.01 50.48
CA MET G 4 -9.68 18.27 49.05
C MET G 4 -10.61 19.35 48.56
N HIS G 5 -10.03 20.29 47.84
CA HIS G 5 -10.77 21.42 47.30
C HIS G 5 -11.23 21.13 45.88
N GLN G 6 -11.75 22.13 45.19
CA GLN G 6 -12.28 21.89 43.86
C GLN G 6 -11.86 22.82 42.72
N VAL G 7 -11.35 22.21 41.65
CA VAL G 7 -10.94 22.94 40.46
C VAL G 7 -11.95 22.58 39.35
N VAL G 8 -12.58 23.59 38.77
CA VAL G 8 -13.54 23.35 37.70
C VAL G 8 -12.91 23.58 36.33
N CYS G 9 -12.92 22.53 35.50
CA CYS G 9 -12.38 22.62 34.16
C CYS G 9 -13.56 22.68 33.21
N ALA G 10 -13.71 23.82 32.55
CA ALA G 10 -14.81 24.03 31.60
C ALA G 10 -14.56 23.33 30.26
N THR G 11 -14.28 22.03 30.28
CA THR G 11 -14.04 21.25 29.07
C THR G 11 -14.15 19.78 29.44
N THR G 12 -14.36 18.93 28.43
CA THR G 12 -14.44 17.49 28.64
C THR G 12 -13.30 16.77 27.90
N ASN G 13 -12.29 17.55 27.50
CA ASN G 13 -11.13 17.03 26.78
C ASN G 13 -10.09 16.56 27.80
N PRO G 14 -9.89 15.23 27.92
CA PRO G 14 -8.90 14.70 28.87
C PRO G 14 -7.50 15.31 28.75
N ALA G 15 -7.07 15.59 27.53
CA ALA G 15 -5.74 16.18 27.31
C ALA G 15 -5.61 17.54 28.02
N LYS G 16 -6.64 18.38 27.93
CA LYS G 16 -6.59 19.70 28.56
C LYS G 16 -6.61 19.55 30.08
N ILE G 17 -7.47 18.65 30.56
CA ILE G 17 -7.59 18.40 31.99
C ILE G 17 -6.25 17.92 32.53
N GLN G 18 -5.58 17.07 31.76
CA GLN G 18 -4.27 16.57 32.14
C GLN G 18 -3.33 17.78 32.30
N ALA G 19 -3.33 18.65 31.30
CA ALA G 19 -2.46 19.82 31.35
C ALA G 19 -2.84 20.73 32.52
N ILE G 20 -4.14 20.96 32.69
CA ILE G 20 -4.65 21.81 33.77
C ILE G 20 -4.24 21.27 35.14
N LEU G 21 -4.45 19.98 35.36
CA LEU G 21 -4.09 19.37 36.64
C LEU G 21 -2.58 19.39 36.91
N GLN G 22 -1.78 19.14 35.87
CA GLN G 22 -0.34 19.15 36.02
C GLN G 22 0.18 20.54 36.37
N ALA G 23 -0.40 21.56 35.76
CA ALA G 23 0.04 22.93 36.03
C ALA G 23 -0.23 23.32 37.47
N PHE G 24 -1.46 23.08 37.92
CA PHE G 24 -1.86 23.39 39.28
C PHE G 24 -0.97 22.65 40.27
N HIS G 25 -0.70 21.37 39.98
CA HIS G 25 0.14 20.57 40.88
C HIS G 25 1.52 21.17 41.09
N GLU G 26 2.14 21.63 40.01
CA GLU G 26 3.48 22.19 40.08
C GLU G 26 3.58 23.54 40.79
N ILE G 27 2.51 24.32 40.76
CA ILE G 27 2.55 25.61 41.40
C ILE G 27 1.97 25.64 42.81
N PHE G 28 0.92 24.86 43.06
CA PHE G 28 0.33 24.85 44.40
C PHE G 28 0.62 23.58 45.18
N GLY G 29 1.32 22.65 44.55
CA GLY G 29 1.67 21.41 45.21
C GLY G 29 0.74 20.28 44.82
N GLU G 30 1.32 19.10 44.63
CA GLU G 30 0.57 17.91 44.27
C GLU G 30 -0.27 17.44 45.46
N GLY G 31 -1.53 17.10 45.20
CA GLY G 31 -2.40 16.64 46.28
C GLY G 31 -3.72 16.11 45.78
N SER G 32 -4.54 15.59 46.70
CA SER G 32 -5.85 15.07 46.36
C SER G 32 -6.80 16.22 46.12
N CYS G 33 -7.79 16.04 45.23
CA CYS G 33 -8.74 17.10 44.96
C CYS G 33 -9.91 16.65 44.10
N HIS G 34 -10.97 17.47 44.09
CA HIS G 34 -12.14 17.18 43.27
C HIS G 34 -11.96 17.94 41.97
N ILE G 35 -12.09 17.23 40.86
CA ILE G 35 -11.96 17.86 39.54
C ILE G 35 -13.32 17.84 38.86
N ALA G 36 -13.87 19.01 38.64
CA ALA G 36 -15.17 19.10 37.99
C ALA G 36 -14.98 19.31 36.48
N SER G 37 -15.42 18.33 35.70
CA SER G 37 -15.32 18.42 34.24
C SER G 37 -16.70 18.83 33.74
N VAL G 38 -16.83 20.07 33.28
CA VAL G 38 -18.11 20.57 32.83
C VAL G 38 -18.14 21.13 31.40
N ALA G 39 -19.14 20.71 30.62
CA ALA G 39 -19.32 21.17 29.25
C ALA G 39 -20.23 22.38 29.26
N VAL G 40 -19.67 23.55 28.98
CA VAL G 40 -20.44 24.79 28.97
C VAL G 40 -20.40 25.48 27.62
N GLU G 41 -21.11 26.61 27.51
CA GLU G 41 -21.16 27.38 26.27
C GLU G 41 -20.03 28.41 26.20
N SER G 42 -19.64 28.75 24.98
CA SER G 42 -18.57 29.72 24.76
C SER G 42 -19.16 31.06 24.31
N GLY G 43 -20.40 31.02 23.82
CA GLY G 43 -21.06 32.22 23.32
C GLY G 43 -20.27 32.75 22.14
N VAL G 44 -19.48 31.87 21.56
CA VAL G 44 -18.63 32.19 20.43
C VAL G 44 -18.72 31.03 19.45
N PRO G 45 -18.51 31.27 18.15
CA PRO G 45 -18.60 30.18 17.18
C PRO G 45 -17.64 29.02 17.47
N GLU G 46 -18.05 27.79 17.09
CA GLU G 46 -17.23 26.61 17.34
C GLU G 46 -15.78 26.76 16.89
N GLN G 47 -15.55 27.60 15.89
CA GLN G 47 -14.20 27.83 15.40
C GLN G 47 -13.87 29.30 15.37
N PRO G 48 -13.50 29.86 16.53
CA PRO G 48 -13.17 31.29 16.62
C PRO G 48 -11.98 31.67 15.74
N PHE G 49 -11.95 32.92 15.32
CA PHE G 49 -10.90 33.46 14.45
C PHE G 49 -10.40 34.75 15.10
N GLY G 50 -9.09 34.89 15.21
CA GLY G 50 -8.54 36.08 15.84
C GLY G 50 -8.33 35.85 17.32
N SER G 51 -7.28 36.45 17.87
CA SER G 51 -6.96 36.29 19.28
C SER G 51 -8.09 36.80 20.18
N GLU G 52 -8.60 37.98 19.85
CA GLU G 52 -9.69 38.60 20.61
C GLU G 52 -10.88 37.66 20.82
N GLU G 53 -11.38 37.08 19.73
CA GLU G 53 -12.54 36.20 19.80
C GLU G 53 -12.31 34.89 20.54
N THR G 54 -11.16 34.24 20.32
CA THR G 54 -10.89 32.97 21.00
C THR G 54 -10.76 33.19 22.51
N ARG G 55 -10.15 34.31 22.90
CA ARG G 55 -10.00 34.61 24.32
C ARG G 55 -11.38 34.86 24.92
N ALA G 56 -12.24 35.56 24.17
CA ALA G 56 -13.59 35.83 24.64
C ALA G 56 -14.27 34.48 24.89
N GLY G 57 -13.95 33.53 24.02
CA GLY G 57 -14.51 32.19 24.15
C GLY G 57 -14.13 31.61 25.50
N ALA G 58 -12.84 31.62 25.82
CA ALA G 58 -12.35 31.08 27.09
C ALA G 58 -13.02 31.79 28.26
N ARG G 59 -13.02 33.11 28.23
CA ARG G 59 -13.63 33.93 29.28
C ARG G 59 -15.10 33.58 29.52
N ASN G 60 -15.86 33.37 28.45
CA ASN G 60 -17.27 33.03 28.62
C ASN G 60 -17.43 31.63 29.19
N ARG G 61 -16.55 30.71 28.82
CA ARG G 61 -16.63 29.35 29.36
C ARG G 61 -16.42 29.36 30.87
N VAL G 62 -15.53 30.21 31.34
CA VAL G 62 -15.24 30.31 32.78
C VAL G 62 -16.43 30.90 33.56
N ALA G 63 -17.02 31.98 33.02
CA ALA G 63 -18.15 32.62 33.67
C ALA G 63 -19.30 31.63 33.80
N ASN G 64 -19.59 30.92 32.72
CA ASN G 64 -20.66 29.94 32.75
C ASN G 64 -20.36 28.86 33.78
N ALA G 65 -19.10 28.46 33.86
CA ALA G 65 -18.69 27.44 34.81
C ALA G 65 -18.77 27.97 36.24
N ARG G 66 -18.29 29.21 36.42
CA ARG G 66 -18.30 29.87 37.71
C ARG G 66 -19.72 29.98 38.27
N ARG G 67 -20.68 30.12 37.36
CA ARG G 67 -22.07 30.26 37.74
C ARG G 67 -22.69 28.89 38.04
N LEU G 68 -22.21 27.86 37.35
CA LEU G 68 -22.71 26.51 37.53
C LEU G 68 -22.27 25.93 38.87
N LEU G 69 -20.98 26.07 39.18
CA LEU G 69 -20.40 25.58 40.43
C LEU G 69 -19.73 26.72 41.19
N PRO G 70 -20.54 27.61 41.79
CA PRO G 70 -20.05 28.76 42.55
C PRO G 70 -19.28 28.44 43.84
N GLU G 71 -19.33 27.19 44.28
CA GLU G 71 -18.65 26.76 45.49
C GLU G 71 -17.18 26.36 45.24
N ALA G 72 -16.81 26.18 43.97
CA ALA G 72 -15.46 25.77 43.60
C ALA G 72 -14.37 26.77 43.98
N ASP G 73 -13.12 26.32 43.97
CA ASP G 73 -12.00 27.17 44.30
C ASP G 73 -11.41 27.82 43.05
N PHE G 74 -11.44 27.10 41.92
CA PHE G 74 -10.92 27.62 40.65
C PHE G 74 -11.81 27.22 39.48
N TRP G 75 -11.78 28.03 38.42
CA TRP G 75 -12.54 27.80 37.18
C TRP G 75 -11.58 28.08 36.03
N VAL G 76 -11.38 27.08 35.17
CA VAL G 76 -10.45 27.24 34.06
C VAL G 76 -11.02 26.82 32.71
N ALA G 77 -10.52 27.45 31.65
CA ALA G 77 -10.94 27.14 30.29
C ALA G 77 -9.77 27.31 29.33
N ILE G 78 -9.81 26.55 28.23
CA ILE G 78 -8.78 26.61 27.20
C ILE G 78 -9.49 26.57 25.84
N GLU G 79 -9.48 27.70 25.14
CA GLU G 79 -10.15 27.79 23.84
C GLU G 79 -9.16 27.77 22.68
N ALA G 80 -9.44 26.92 21.71
CA ALA G 80 -8.60 26.81 20.52
C ALA G 80 -9.13 27.79 19.49
N GLY G 81 -8.23 28.38 18.71
CA GLY G 81 -8.65 29.32 17.68
C GLY G 81 -7.65 29.42 16.55
N ILE G 82 -7.99 30.18 15.52
CA ILE G 82 -7.12 30.38 14.37
C ILE G 82 -7.04 31.84 13.96
N ASP G 83 -5.95 32.22 13.30
CA ASP G 83 -5.81 33.60 12.84
C ASP G 83 -5.33 33.63 11.39
N GLY G 84 -4.51 34.63 11.06
CA GLY G 84 -4.00 34.74 9.71
C GLY G 84 -3.53 33.43 9.09
N ASP G 85 -2.56 32.78 9.73
CA ASP G 85 -2.06 31.53 9.17
C ASP G 85 -1.61 30.49 10.20
N SER G 86 -2.13 30.59 11.41
CA SER G 86 -1.75 29.62 12.44
C SER G 86 -2.82 29.41 13.51
N THR G 87 -2.68 28.33 14.25
CA THR G 87 -3.62 27.99 15.31
C THR G 87 -2.95 28.13 16.68
N PHE G 88 -3.77 28.33 17.71
CA PHE G 88 -3.26 28.52 19.08
C PHE G 88 -4.44 28.46 20.03
N SER G 89 -4.16 28.56 21.33
CA SER G 89 -5.19 28.55 22.34
C SER G 89 -5.03 29.63 23.39
N TRP G 90 -6.13 30.01 24.03
CA TRP G 90 -6.12 30.99 25.10
C TRP G 90 -6.58 30.28 26.37
N VAL G 91 -5.82 30.42 27.44
CA VAL G 91 -6.20 29.82 28.71
C VAL G 91 -6.59 30.94 29.65
N VAL G 92 -7.75 30.77 30.30
CA VAL G 92 -8.28 31.76 31.24
C VAL G 92 -8.56 31.06 32.57
N ILE G 93 -8.10 31.68 33.66
CA ILE G 93 -8.28 31.13 35.00
C ILE G 93 -8.85 32.20 35.93
N GLU G 94 -9.75 31.76 36.82
CA GLU G 94 -10.36 32.66 37.78
C GLU G 94 -10.56 31.96 39.12
N ASN G 95 -10.45 32.74 40.20
CA ASN G 95 -10.69 32.21 41.53
C ASN G 95 -11.63 33.25 42.14
N ALA G 96 -11.79 33.25 43.46
CA ALA G 96 -12.69 34.21 44.06
C ALA G 96 -12.40 35.68 43.71
N SER G 97 -11.14 36.10 43.78
CA SER G 97 -10.83 37.49 43.53
C SER G 97 -9.92 37.88 42.35
N GLN G 98 -9.25 36.92 41.73
CA GLN G 98 -8.35 37.26 40.62
C GLN G 98 -8.62 36.51 39.32
N ARG G 99 -8.00 37.01 38.25
CA ARG G 99 -8.09 36.39 36.92
C ARG G 99 -6.69 36.34 36.32
N GLY G 100 -6.37 35.22 35.66
CA GLY G 100 -5.07 35.04 35.04
C GLY G 100 -5.27 34.51 33.63
N GLU G 101 -4.56 35.08 32.64
CA GLU G 101 -4.70 34.66 31.26
C GLU G 101 -3.37 34.57 30.49
N ALA G 102 -3.35 33.72 29.47
CA ALA G 102 -2.15 33.55 28.66
C ALA G 102 -2.47 32.85 27.35
N ARG G 103 -1.72 33.19 26.32
CA ARG G 103 -1.91 32.59 25.02
C ARG G 103 -0.82 31.53 24.85
N SER G 104 -1.16 30.43 24.20
CA SER G 104 -0.22 29.35 23.97
C SER G 104 0.69 29.69 22.79
N ALA G 105 1.71 28.86 22.59
CA ALA G 105 2.63 29.06 21.48
C ALA G 105 1.83 28.93 20.19
N THR G 106 2.36 29.51 19.12
CA THR G 106 1.70 29.48 17.84
C THR G 106 2.23 28.42 16.90
N LEU G 107 1.32 27.79 16.16
CA LEU G 107 1.66 26.75 15.21
C LEU G 107 1.31 27.21 13.80
N PRO G 108 2.33 27.51 12.98
CA PRO G 108 2.00 27.96 11.61
C PRO G 108 1.25 26.84 10.89
N LEU G 109 0.33 27.22 10.01
CA LEU G 109 -0.46 26.24 9.28
C LEU G 109 -0.31 26.38 7.78
N PRO G 110 -0.44 25.24 7.05
CA PRO G 110 -0.33 25.21 5.58
C PRO G 110 -1.43 26.06 4.95
N ALA G 111 -1.05 26.86 3.95
CA ALA G 111 -2.00 27.73 3.28
C ALA G 111 -3.27 26.98 2.88
N VAL G 112 -3.12 25.71 2.48
CA VAL G 112 -4.26 24.91 2.06
C VAL G 112 -5.16 24.52 3.22
N ILE G 113 -4.57 23.86 4.24
CA ILE G 113 -5.31 23.44 5.41
C ILE G 113 -6.04 24.66 5.98
N LEU G 114 -5.42 25.83 5.78
CA LEU G 114 -5.94 27.10 6.25
C LEU G 114 -7.18 27.51 5.46
N GLU G 115 -7.08 27.49 4.13
CA GLU G 115 -8.20 27.88 3.29
C GLU G 115 -9.38 26.95 3.54
N LYS G 116 -9.07 25.69 3.85
CA LYS G 116 -10.10 24.70 4.11
C LYS G 116 -10.97 25.07 5.31
N VAL G 117 -10.35 25.52 6.39
CA VAL G 117 -11.12 25.90 7.57
C VAL G 117 -11.85 27.21 7.32
N ARG G 118 -11.18 28.15 6.66
CA ARG G 118 -11.79 29.44 6.38
C ARG G 118 -12.94 29.34 5.39
N GLU G 119 -13.23 28.12 4.94
CA GLU G 119 -14.33 27.90 4.02
C GLU G 119 -15.43 27.09 4.71
N GLY G 120 -15.54 27.26 6.02
CA GLY G 120 -16.56 26.58 6.80
C GLY G 120 -16.27 25.14 7.17
N GLU G 121 -15.26 24.95 8.03
CA GLU G 121 -14.86 23.62 8.50
C GLU G 121 -13.91 23.76 9.69
N ALA G 122 -14.24 23.11 10.80
CA ALA G 122 -13.38 23.19 11.97
C ALA G 122 -12.02 22.58 11.63
N LEU G 123 -11.00 22.93 12.41
CA LEU G 123 -9.66 22.41 12.18
C LEU G 123 -9.59 20.90 12.40
N GLY G 124 -10.19 20.43 13.48
CA GLY G 124 -10.19 19.00 13.79
C GLY G 124 -10.59 18.13 12.61
N PRO G 125 -11.78 18.37 12.02
CA PRO G 125 -12.22 17.55 10.89
C PRO G 125 -11.30 17.60 9.67
N VAL G 126 -10.93 18.80 9.24
CA VAL G 126 -10.06 18.94 8.08
C VAL G 126 -8.73 18.20 8.28
N MET G 127 -8.22 18.20 9.51
CA MET G 127 -6.97 17.53 9.81
C MET G 127 -7.07 16.02 9.61
N SER G 128 -8.22 15.45 9.99
CA SER G 128 -8.42 14.00 9.84
C SER G 128 -8.51 13.60 8.36
N ARG G 129 -9.18 14.42 7.56
CA ARG G 129 -9.33 14.16 6.14
C ARG G 129 -7.98 14.29 5.44
N TYR G 130 -6.96 14.58 6.23
CA TYR G 130 -5.59 14.74 5.76
C TYR G 130 -4.73 13.61 6.34
N THR G 131 -5.23 12.98 7.41
CA THR G 131 -4.52 11.89 8.07
C THR G 131 -5.45 10.68 8.26
N GLY G 132 -5.91 10.48 9.50
CA GLY G 132 -6.80 9.38 9.79
C GLY G 132 -7.41 9.45 11.18
N ILE G 133 -8.70 9.79 11.24
CA ILE G 133 -9.44 9.89 12.49
C ILE G 133 -8.59 10.27 13.69
N LYS G 139 -6.84 13.03 21.00
CA LYS G 139 -6.35 13.47 19.71
C LYS G 139 -5.09 14.30 19.86
N GLU G 140 -4.32 14.44 18.79
CA GLU G 140 -3.10 15.23 18.80
C GLU G 140 -3.17 16.42 17.86
N GLY G 141 -4.31 16.56 17.18
CA GLY G 141 -4.50 17.66 16.27
C GLY G 141 -3.26 18.09 15.51
N ALA G 142 -3.31 19.32 15.00
CA ALA G 142 -2.20 19.88 14.23
C ALA G 142 -0.85 19.78 14.92
N ILE G 143 -0.78 20.15 16.19
CA ILE G 143 0.47 20.11 16.94
C ILE G 143 1.17 18.76 16.77
N GLY G 144 0.43 17.69 17.08
CA GLY G 144 0.97 16.35 16.98
C GLY G 144 1.38 15.87 15.59
N VAL G 145 0.62 16.23 14.57
CA VAL G 145 0.96 15.78 13.23
C VAL G 145 2.10 16.58 12.59
N PHE G 146 2.05 17.90 12.69
CA PHE G 146 3.08 18.74 12.08
C PHE G 146 4.43 18.81 12.80
N THR G 147 4.49 18.37 14.05
CA THR G 147 5.76 18.37 14.78
C THR G 147 6.26 16.93 14.85
N ALA G 148 5.66 16.06 14.04
CA ALA G 148 6.01 14.64 14.00
C ALA G 148 6.04 14.01 15.39
N GLY G 149 5.04 14.35 16.21
CA GLY G 149 4.93 13.80 17.55
C GLY G 149 5.95 14.26 18.59
N LYS G 150 6.76 15.24 18.24
CA LYS G 150 7.78 15.76 19.17
C LYS G 150 7.12 16.60 20.25
N LEU G 151 5.96 17.16 19.95
CA LEU G 151 5.24 17.98 20.92
C LEU G 151 3.76 17.60 20.87
N THR G 152 3.10 17.55 22.02
CA THR G 152 1.68 17.18 22.07
C THR G 152 0.80 18.36 22.49
N ARG G 153 -0.52 18.19 22.36
CA ARG G 153 -1.46 19.24 22.73
C ARG G 153 -1.32 19.51 24.22
N ALA G 154 -1.30 18.45 25.00
CA ALA G 154 -1.18 18.54 26.44
C ALA G 154 0.08 19.28 26.86
N SER G 155 1.18 18.97 26.19
CA SER G 155 2.45 19.60 26.48
C SER G 155 2.41 21.10 26.23
N VAL G 156 1.74 21.51 25.16
CA VAL G 156 1.63 22.92 24.84
C VAL G 156 0.64 23.69 25.74
N TYR G 157 -0.47 23.05 26.09
CA TYR G 157 -1.47 23.69 26.95
C TYR G 157 -0.90 23.87 28.35
N HIS G 158 -0.11 22.88 28.77
CA HIS G 158 0.50 22.90 30.09
C HIS G 158 1.33 24.14 30.40
N GLN G 159 2.17 24.56 29.47
CA GLN G 159 3.01 25.73 29.69
C GLN G 159 2.15 26.98 29.80
N ALA G 160 1.07 27.02 29.03
CA ALA G 160 0.18 28.16 29.02
C ALA G 160 -0.60 28.27 30.31
N VAL G 161 -0.97 27.14 30.90
CA VAL G 161 -1.69 27.16 32.15
C VAL G 161 -0.72 27.61 33.25
N ILE G 162 0.53 27.17 33.18
CA ILE G 162 1.52 27.57 34.17
C ILE G 162 1.64 29.11 34.14
N LEU G 163 1.78 29.66 32.94
CA LEU G 163 1.92 31.10 32.76
C LEU G 163 0.68 31.92 33.17
N ALA G 164 -0.52 31.39 32.89
CA ALA G 164 -1.75 32.10 33.27
C ALA G 164 -1.96 32.06 34.80
N LEU G 165 -1.24 31.16 35.46
CA LEU G 165 -1.33 30.99 36.90
C LEU G 165 -0.50 32.03 37.67
N SER G 166 0.39 32.72 36.97
CA SER G 166 1.28 33.73 37.54
C SER G 166 0.66 34.70 38.56
N PRO G 167 -0.47 35.33 38.23
CA PRO G 167 -1.10 36.27 39.16
C PRO G 167 -1.49 35.68 40.53
N PHE G 168 -1.80 34.38 40.56
CA PHE G 168 -2.24 33.73 41.79
C PHE G 168 -1.21 33.41 42.87
N HIS G 169 0.05 33.25 42.51
CA HIS G 169 1.05 32.94 43.52
C HIS G 169 2.15 33.98 43.65
N ASN G 170 1.98 35.12 42.99
CA ASN G 170 2.96 36.21 43.04
C ASN G 170 2.27 37.49 43.52
N ALA G 171 2.42 37.79 44.80
CA ALA G 171 1.79 38.97 45.40
C ALA G 171 1.93 40.27 44.59
N VAL G 172 3.06 40.45 43.91
CA VAL G 172 3.25 41.69 43.15
C VAL G 172 2.22 41.92 42.05
N TYR G 173 1.41 40.91 41.72
CA TYR G 173 0.38 41.11 40.69
C TYR G 173 -0.87 41.75 41.29
N SER G 174 -1.69 42.33 40.43
CA SER G 174 -2.93 42.98 40.86
C SER G 174 -4.10 42.01 40.83
N MET H 4 26.35 17.10 7.71
CA MET H 4 25.18 17.50 8.56
C MET H 4 24.87 18.98 8.44
N HIS H 5 23.58 19.30 8.51
CA HIS H 5 23.12 20.69 8.41
C HIS H 5 23.91 21.64 9.29
N GLN H 6 24.23 22.82 8.75
CA GLN H 6 24.91 23.83 9.55
C GLN H 6 23.83 24.86 9.88
N VAL H 7 23.57 25.03 11.17
CA VAL H 7 22.55 25.97 11.60
C VAL H 7 23.13 27.19 12.31
N VAL H 8 22.88 28.36 11.73
CA VAL H 8 23.36 29.62 12.29
C VAL H 8 22.31 30.24 13.19
N CYS H 9 22.73 30.58 14.42
CA CYS H 9 21.85 31.21 15.40
C CYS H 9 22.17 32.72 15.47
N ALA H 10 21.22 33.55 15.05
CA ALA H 10 21.42 34.99 15.07
C ALA H 10 21.26 35.52 16.50
N THR H 11 22.17 35.09 17.37
CA THR H 11 22.16 35.48 18.77
C THR H 11 23.31 34.81 19.50
N THR H 12 23.65 35.34 20.67
CA THR H 12 24.72 34.78 21.50
C THR H 12 24.11 34.36 22.86
N ASN H 13 22.80 34.54 22.98
CA ASN H 13 22.06 34.18 24.20
C ASN H 13 22.02 32.66 24.37
N PRO H 14 22.73 32.14 25.39
CA PRO H 14 22.77 30.69 25.64
C PRO H 14 21.39 30.05 25.81
N ALA H 15 20.45 30.78 26.39
CA ALA H 15 19.09 30.27 26.60
C ALA H 15 18.40 30.05 25.24
N LYS H 16 18.71 30.89 24.26
CA LYS H 16 18.13 30.74 22.94
C LYS H 16 18.87 29.66 22.17
N ILE H 17 20.19 29.62 22.32
CA ILE H 17 21.01 28.62 21.63
C ILE H 17 20.55 27.23 22.05
N GLN H 18 20.45 27.02 23.35
CA GLN H 18 20.01 25.75 23.91
C GLN H 18 18.69 25.31 23.27
N ALA H 19 17.74 26.23 23.22
CA ALA H 19 16.43 25.95 22.64
C ALA H 19 16.50 25.59 21.16
N ILE H 20 17.31 26.33 20.40
CA ILE H 20 17.44 26.06 18.96
C ILE H 20 18.00 24.66 18.73
N LEU H 21 19.11 24.37 19.41
CA LEU H 21 19.76 23.08 19.27
C LEU H 21 18.81 21.94 19.63
N GLN H 22 18.16 22.07 20.79
CA GLN H 22 17.23 21.03 21.23
C GLN H 22 16.16 20.76 20.17
N ALA H 23 15.53 21.81 19.66
CA ALA H 23 14.47 21.65 18.65
C ALA H 23 14.97 21.01 17.36
N PHE H 24 16.14 21.42 16.91
CA PHE H 24 16.70 20.86 15.68
C PHE H 24 17.07 19.39 15.80
N HIS H 25 17.60 18.98 16.94
CA HIS H 25 17.98 17.58 17.11
C HIS H 25 16.77 16.67 17.21
N GLU H 26 15.66 17.20 17.69
CA GLU H 26 14.44 16.39 17.81
C GLU H 26 13.78 16.21 16.45
N ILE H 27 13.85 17.24 15.62
CA ILE H 27 13.24 17.17 14.30
C ILE H 27 14.11 16.34 13.36
N PHE H 28 15.41 16.64 13.34
CA PHE H 28 16.34 15.89 12.49
C PHE H 28 17.12 14.95 13.41
N GLY H 29 18.24 14.41 12.95
CA GLY H 29 18.99 13.51 13.81
C GLY H 29 19.47 14.09 15.13
N GLU H 30 19.85 13.23 16.07
CA GLU H 30 20.35 13.68 17.37
C GLU H 30 21.81 14.13 17.26
N GLY H 31 22.37 14.05 16.07
CA GLY H 31 23.75 14.49 15.88
C GLY H 31 23.90 14.87 14.44
N SER H 32 22.87 15.53 13.93
CA SER H 32 22.82 15.95 12.54
C SER H 32 22.95 17.45 12.33
N CYS H 33 23.15 18.20 13.40
CA CYS H 33 23.26 19.64 13.25
C CYS H 33 24.48 20.23 13.92
N HIS H 34 25.05 21.23 13.27
CA HIS H 34 26.20 21.93 13.79
C HIS H 34 25.72 23.34 14.04
N ILE H 35 26.00 23.86 15.23
CA ILE H 35 25.59 25.20 15.59
C ILE H 35 26.75 26.18 15.48
N ALA H 36 26.43 27.37 15.00
CA ALA H 36 27.39 28.46 14.86
C ALA H 36 26.63 29.66 15.42
N SER H 37 27.30 30.48 16.22
CA SER H 37 26.62 31.63 16.80
C SER H 37 27.22 32.94 16.35
N VAL H 38 26.38 33.88 15.94
CA VAL H 38 26.86 35.18 15.52
C VAL H 38 25.93 36.29 16.02
N ALA H 39 26.52 37.42 16.41
CA ALA H 39 25.72 38.54 16.89
C ALA H 39 25.47 39.46 15.71
N VAL H 40 24.22 39.81 15.50
CA VAL H 40 23.83 40.69 14.39
C VAL H 40 22.84 41.77 14.85
N GLU H 41 22.67 42.79 14.01
CA GLU H 41 21.76 43.89 14.30
C GLU H 41 20.31 43.48 14.01
N SER H 42 19.37 44.09 14.71
CA SER H 42 17.96 43.78 14.51
C SER H 42 17.26 44.86 13.69
N GLY H 43 17.92 46.01 13.53
CA GLY H 43 17.32 47.11 12.79
C GLY H 43 16.06 47.63 13.47
N VAL H 44 15.88 47.22 14.72
CA VAL H 44 14.71 47.59 15.52
C VAL H 44 15.17 48.00 16.92
N PRO H 45 14.39 48.82 17.63
CA PRO H 45 14.85 49.21 18.97
C PRO H 45 15.05 48.01 19.91
N GLU H 46 15.90 48.18 20.92
CA GLU H 46 16.22 47.12 21.89
C GLU H 46 15.01 46.46 22.54
N GLN H 47 13.96 47.23 22.74
CA GLN H 47 12.74 46.71 23.34
C GLN H 47 11.59 46.93 22.40
N PRO H 48 11.33 45.96 21.52
CA PRO H 48 10.21 46.15 20.60
C PRO H 48 8.85 46.03 21.28
N PHE H 49 7.84 46.65 20.69
CA PHE H 49 6.47 46.63 21.20
C PHE H 49 5.51 46.20 20.11
N GLY H 50 4.63 45.25 20.42
CA GLY H 50 3.68 44.79 19.43
C GLY H 50 4.23 43.64 18.61
N SER H 51 3.34 42.84 18.04
CA SER H 51 3.73 41.68 17.26
C SER H 51 4.60 42.03 16.03
N GLU H 52 4.14 42.98 15.23
CA GLU H 52 4.85 43.37 14.01
C GLU H 52 6.29 43.84 14.23
N GLU H 53 6.53 44.68 15.23
CA GLU H 53 7.88 45.17 15.48
C GLU H 53 8.83 44.09 16.01
N THR H 54 8.33 43.20 16.86
CA THR H 54 9.17 42.13 17.41
C THR H 54 9.50 41.09 16.33
N ARG H 55 8.52 40.75 15.51
CA ARG H 55 8.76 39.78 14.44
C ARG H 55 9.78 40.35 13.46
N ALA H 56 9.59 41.62 13.09
CA ALA H 56 10.49 42.30 12.16
C ALA H 56 11.93 42.21 12.64
N GLY H 57 12.13 42.36 13.94
CA GLY H 57 13.47 42.30 14.52
C GLY H 57 14.12 40.95 14.26
N ALA H 58 13.35 39.89 14.46
CA ALA H 58 13.84 38.53 14.24
C ALA H 58 14.15 38.29 12.76
N ARG H 59 13.28 38.80 11.89
CA ARG H 59 13.51 38.62 10.46
C ARG H 59 14.79 39.30 10.01
N ASN H 60 15.05 40.50 10.54
CA ASN H 60 16.24 41.25 10.18
C ASN H 60 17.52 40.60 10.68
N ARG H 61 17.46 39.96 11.84
CA ARG H 61 18.63 39.29 12.38
C ARG H 61 18.93 38.10 11.48
N VAL H 62 17.89 37.38 11.08
CA VAL H 62 18.08 36.24 10.21
C VAL H 62 18.73 36.67 8.91
N ALA H 63 18.31 37.82 8.40
CA ALA H 63 18.85 38.34 7.16
C ALA H 63 20.35 38.61 7.28
N ASN H 64 20.75 39.32 8.33
CA ASN H 64 22.17 39.60 8.52
C ASN H 64 22.97 38.32 8.69
N ALA H 65 22.37 37.34 9.35
CA ALA H 65 23.01 36.05 9.59
C ALA H 65 23.22 35.33 8.28
N ARG H 66 22.26 35.47 7.37
CA ARG H 66 22.34 34.83 6.06
C ARG H 66 23.44 35.46 5.20
N ARG H 67 23.57 36.78 5.25
CA ARG H 67 24.60 37.49 4.48
C ARG H 67 26.01 37.19 5.00
N LEU H 68 26.14 37.04 6.31
CA LEU H 68 27.42 36.74 6.92
C LEU H 68 27.89 35.32 6.59
N LEU H 69 27.01 34.35 6.80
CA LEU H 69 27.33 32.94 6.52
C LEU H 69 26.38 32.40 5.47
N PRO H 70 26.55 32.84 4.20
CA PRO H 70 25.70 32.40 3.11
C PRO H 70 25.83 30.93 2.76
N GLU H 71 26.86 30.27 3.31
CA GLU H 71 27.07 28.85 3.02
C GLU H 71 26.38 27.90 3.99
N ALA H 72 25.69 28.43 5.00
CA ALA H 72 25.02 27.58 5.97
C ALA H 72 23.74 26.99 5.38
N ASP H 73 23.10 26.11 6.15
CA ASP H 73 21.86 25.48 5.71
C ASP H 73 20.62 26.13 6.32
N PHE H 74 20.74 26.61 7.56
CA PHE H 74 19.64 27.28 8.24
C PHE H 74 20.11 28.56 8.96
N TRP H 75 19.17 29.47 9.19
CA TRP H 75 19.43 30.71 9.90
C TRP H 75 18.22 30.96 10.80
N VAL H 76 18.47 31.10 12.10
CA VAL H 76 17.41 31.29 13.07
C VAL H 76 17.64 32.45 14.06
N ALA H 77 16.54 33.08 14.47
CA ALA H 77 16.58 34.19 15.41
C ALA H 77 15.34 34.18 16.31
N ILE H 78 15.48 34.76 17.50
CA ILE H 78 14.39 34.83 18.46
C ILE H 78 14.35 36.23 19.09
N GLU H 79 13.26 36.95 18.86
CA GLU H 79 13.12 38.28 19.41
C GLU H 79 11.99 38.40 20.43
N ALA H 80 12.25 39.10 21.53
CA ALA H 80 11.25 39.30 22.56
C ALA H 80 10.68 40.71 22.46
N GLY H 81 9.40 40.85 22.80
CA GLY H 81 8.73 42.14 22.78
C GLY H 81 7.58 42.16 23.77
N ILE H 82 7.02 43.33 24.01
CA ILE H 82 5.89 43.47 24.91
C ILE H 82 4.63 43.70 24.08
N ASP H 83 3.59 42.94 24.37
CA ASP H 83 2.31 43.08 23.67
C ASP H 83 1.24 43.19 24.74
N GLY H 84 0.70 44.39 24.91
CA GLY H 84 -0.32 44.60 25.92
C GLY H 84 0.26 44.47 27.32
N ASP H 85 -0.29 43.56 28.11
CA ASP H 85 0.20 43.35 29.48
C ASP H 85 1.09 42.13 29.68
N SER H 86 1.67 41.60 28.60
CA SER H 86 2.53 40.44 28.72
C SER H 86 3.76 40.51 27.81
N THR H 87 4.70 39.58 28.02
CA THR H 87 5.90 39.51 27.20
C THR H 87 5.93 38.16 26.47
N PHE H 88 6.46 38.15 25.25
CA PHE H 88 6.54 36.94 24.44
C PHE H 88 7.65 37.10 23.41
N SER H 89 7.85 36.10 22.56
CA SER H 89 8.88 36.20 21.53
C SER H 89 8.51 35.53 20.22
N TRP H 90 9.16 35.99 19.15
CA TRP H 90 8.95 35.46 17.81
C TRP H 90 10.19 34.70 17.37
N VAL H 91 9.98 33.53 16.76
CA VAL H 91 11.08 32.73 16.24
C VAL H 91 10.93 32.69 14.72
N VAL H 92 12.01 33.02 14.02
CA VAL H 92 12.01 33.03 12.57
C VAL H 92 13.06 32.03 12.07
N ILE H 93 12.64 31.11 11.21
CA ILE H 93 13.54 30.11 10.65
C ILE H 93 13.60 30.25 9.14
N GLU H 94 14.80 30.24 8.58
CA GLU H 94 14.94 30.34 7.14
C GLU H 94 16.04 29.43 6.59
N ASN H 95 15.75 28.76 5.48
CA ASN H 95 16.74 27.94 4.81
C ASN H 95 16.80 28.51 3.40
N ALA H 96 17.37 27.76 2.46
CA ALA H 96 17.49 28.23 1.08
C ALA H 96 16.24 28.90 0.51
N SER H 97 15.11 28.19 0.57
CA SER H 97 13.87 28.72 -0.01
C SER H 97 12.62 28.79 0.87
N GLN H 98 12.71 28.43 2.15
CA GLN H 98 11.54 28.50 3.01
C GLN H 98 11.69 29.39 4.25
N ARG H 99 10.54 29.77 4.80
CA ARG H 99 10.45 30.62 5.98
C ARG H 99 9.43 29.99 6.92
N GLY H 100 9.79 29.84 8.19
CA GLY H 100 8.89 29.26 9.16
C GLY H 100 8.91 30.12 10.41
N GLU H 101 7.74 30.66 10.78
CA GLU H 101 7.65 31.53 11.95
C GLU H 101 6.59 31.09 12.97
N ALA H 102 6.82 31.47 14.22
CA ALA H 102 5.90 31.14 15.29
C ALA H 102 6.23 31.96 16.53
N ARG H 103 5.23 32.22 17.36
CA ARG H 103 5.45 32.97 18.58
C ARG H 103 5.31 32.06 19.79
N SER H 104 6.03 32.38 20.85
CA SER H 104 6.00 31.61 22.09
C SER H 104 4.72 31.90 22.87
N ALA H 105 4.49 31.14 23.93
CA ALA H 105 3.32 31.41 24.76
C ALA H 105 3.60 32.74 25.46
N THR H 106 2.55 33.42 25.88
CA THR H 106 2.71 34.71 26.56
C THR H 106 2.85 34.59 28.06
N LEU H 107 3.58 35.53 28.64
CA LEU H 107 3.80 35.58 30.08
C LEU H 107 3.20 36.88 30.62
N PRO H 108 2.12 36.79 31.41
CA PRO H 108 1.49 37.99 31.97
C PRO H 108 2.49 38.67 32.90
N LEU H 109 2.60 39.99 32.83
CA LEU H 109 3.52 40.71 33.71
C LEU H 109 2.79 41.62 34.69
N PRO H 110 3.38 41.83 35.88
CA PRO H 110 2.75 42.69 36.89
C PRO H 110 2.74 44.14 36.42
N ALA H 111 1.69 44.87 36.75
CA ALA H 111 1.56 46.28 36.38
C ALA H 111 2.80 47.09 36.74
N VAL H 112 3.51 46.68 37.80
CA VAL H 112 4.69 47.39 38.23
C VAL H 112 5.82 47.28 37.21
N ILE H 113 6.00 46.08 36.66
CA ILE H 113 7.03 45.82 35.66
C ILE H 113 6.66 46.56 34.37
N LEU H 114 5.37 46.53 34.02
CA LEU H 114 4.86 47.18 32.83
C LEU H 114 5.09 48.70 32.79
N GLU H 115 4.75 49.39 33.88
CA GLU H 115 4.92 50.85 33.94
C GLU H 115 6.37 51.23 33.68
N LYS H 116 7.29 50.43 34.20
CA LYS H 116 8.72 50.70 34.02
C LYS H 116 9.20 50.56 32.59
N VAL H 117 8.94 49.42 31.95
CA VAL H 117 9.38 49.21 30.57
C VAL H 117 8.70 50.20 29.63
N ARG H 118 7.49 50.61 29.98
CA ARG H 118 6.74 51.56 29.16
C ARG H 118 7.29 52.98 29.28
N GLU H 119 8.07 53.23 30.34
CA GLU H 119 8.64 54.56 30.54
C GLU H 119 10.08 54.70 30.06
N GLY H 120 10.58 53.70 29.34
CA GLY H 120 11.93 53.81 28.82
C GLY H 120 12.90 52.64 28.91
N GLU H 121 12.83 51.85 29.98
CA GLU H 121 13.76 50.73 30.13
C GLU H 121 13.33 49.43 29.47
N ALA H 122 14.31 48.61 29.09
CA ALA H 122 14.06 47.33 28.46
C ALA H 122 13.71 46.31 29.56
N LEU H 123 12.94 45.29 29.19
CA LEU H 123 12.52 44.27 30.15
C LEU H 123 13.71 43.59 30.85
N GLY H 124 14.81 43.44 30.12
CA GLY H 124 15.99 42.82 30.70
C GLY H 124 16.49 43.51 31.96
N PRO H 125 16.96 44.77 31.85
CA PRO H 125 17.47 45.57 32.96
C PRO H 125 16.48 45.88 34.08
N VAL H 126 15.19 45.92 33.77
CA VAL H 126 14.19 46.20 34.79
C VAL H 126 14.01 44.95 35.67
N MET H 127 13.93 43.79 35.02
CA MET H 127 13.77 42.52 35.73
C MET H 127 15.04 42.17 36.47
N SER H 128 16.17 42.50 35.86
CA SER H 128 17.47 42.20 36.47
C SER H 128 17.72 43.09 37.68
N ARG H 129 17.02 44.22 37.75
CA ARG H 129 17.17 45.14 38.88
C ARG H 129 16.14 44.81 39.96
N TYR H 130 15.05 44.20 39.53
CA TYR H 130 13.98 43.81 40.44
C TYR H 130 14.28 42.44 41.06
N THR H 131 15.01 41.62 40.33
CA THR H 131 15.37 40.28 40.79
C THR H 131 16.64 40.28 41.62
N GLY H 132 17.74 40.71 41.01
CA GLY H 132 19.02 40.73 41.71
C GLY H 132 20.01 39.87 40.95
N ILE H 133 19.59 39.38 39.79
CA ILE H 133 20.43 38.55 38.95
C ILE H 133 20.71 39.25 37.61
N ASP H 134 21.96 39.66 37.44
CA ASP H 134 22.47 40.36 36.27
C ASP H 134 21.69 40.19 34.95
N GLU H 135 22.32 39.54 33.98
CA GLU H 135 21.68 39.31 32.69
C GLU H 135 20.66 38.18 32.80
N ILE H 136 19.52 38.47 33.41
CA ILE H 136 18.46 37.47 33.60
C ILE H 136 17.89 36.96 32.27
N GLY H 137 17.83 37.82 31.27
CA GLY H 137 17.32 37.43 29.98
C GLY H 137 18.14 36.33 29.32
N ARG H 138 19.41 36.23 29.71
CA ARG H 138 20.30 35.21 29.15
C ARG H 138 20.40 34.02 30.09
N LYS H 139 19.37 33.83 30.91
CA LYS H 139 19.34 32.72 31.87
C LYS H 139 17.92 32.14 31.98
N GLU H 140 17.35 32.18 33.17
CA GLU H 140 16.00 31.66 33.39
C GLU H 140 14.97 32.68 32.91
N GLY H 141 15.27 33.96 33.10
CA GLY H 141 14.39 35.02 32.66
C GLY H 141 13.16 35.32 33.49
N ALA H 142 12.43 36.37 33.09
CA ALA H 142 11.21 36.78 33.77
C ALA H 142 10.26 35.59 33.90
N ILE H 143 10.31 34.70 32.91
CA ILE H 143 9.50 33.49 32.90
C ILE H 143 9.89 32.62 34.09
N GLY H 144 11.20 32.49 34.31
CA GLY H 144 11.69 31.69 35.41
C GLY H 144 11.30 32.23 36.77
N VAL H 145 11.32 33.55 36.91
CA VAL H 145 10.97 34.15 38.20
C VAL H 145 9.49 34.19 38.52
N PHE H 146 8.64 34.32 37.50
CA PHE H 146 7.20 34.37 37.79
C PHE H 146 6.47 33.03 37.79
N THR H 147 7.12 31.98 37.30
CA THR H 147 6.52 30.66 37.29
C THR H 147 7.23 29.85 38.38
N ALA H 148 7.91 30.57 39.28
CA ALA H 148 8.66 29.96 40.37
C ALA H 148 9.60 28.88 39.87
N GLY H 149 10.24 29.14 38.74
CA GLY H 149 11.19 28.19 38.18
C GLY H 149 10.63 27.00 37.46
N LYS H 150 9.30 26.83 37.45
CA LYS H 150 8.69 25.68 36.78
C LYS H 150 8.89 25.73 35.27
N LEU H 151 9.13 26.94 34.76
CA LEU H 151 9.34 27.15 33.35
C LEU H 151 10.58 28.01 33.18
N THR H 152 11.27 27.81 32.07
CA THR H 152 12.48 28.55 31.76
C THR H 152 12.32 29.22 30.41
N ARG H 153 13.11 30.26 30.17
CA ARG H 153 13.08 30.96 28.91
C ARG H 153 13.38 29.90 27.84
N ALA H 154 14.35 29.04 28.14
CA ALA H 154 14.77 27.96 27.25
C ALA H 154 13.65 26.95 26.95
N SER H 155 13.05 26.39 28.00
CA SER H 155 12.00 25.41 27.79
C SER H 155 10.82 25.99 27.02
N VAL H 156 10.60 27.29 27.17
CA VAL H 156 9.50 27.95 26.48
C VAL H 156 9.85 28.23 25.02
N TYR H 157 11.05 28.75 24.79
CA TYR H 157 11.49 29.06 23.43
C TYR H 157 11.61 27.80 22.62
N HIS H 158 11.97 26.71 23.28
CA HIS H 158 12.12 25.42 22.62
C HIS H 158 10.81 25.03 21.95
N GLN H 159 9.71 25.09 22.68
CA GLN H 159 8.43 24.73 22.08
C GLN H 159 8.19 25.58 20.84
N ALA H 160 8.54 26.86 20.91
CA ALA H 160 8.35 27.75 19.76
C ALA H 160 9.20 27.40 18.55
N VAL H 161 10.47 27.06 18.76
CA VAL H 161 11.35 26.72 17.64
C VAL H 161 10.86 25.45 16.95
N ILE H 162 10.43 24.48 17.74
CA ILE H 162 9.90 23.23 17.22
C ILE H 162 8.71 23.54 16.32
N LEU H 163 7.83 24.41 16.80
CA LEU H 163 6.65 24.77 16.02
C LEU H 163 6.99 25.53 14.73
N ALA H 164 8.01 26.37 14.78
CA ALA H 164 8.42 27.13 13.60
C ALA H 164 9.16 26.27 12.56
N LEU H 165 9.52 25.04 12.94
CA LEU H 165 10.23 24.14 12.02
C LEU H 165 9.30 23.31 11.14
N SER H 166 8.00 23.39 11.41
CA SER H 166 7.00 22.63 10.67
C SER H 166 7.09 22.68 9.14
N PRO H 167 7.33 23.88 8.57
CA PRO H 167 7.43 23.99 7.11
C PRO H 167 8.61 23.24 6.50
N PHE H 168 9.57 22.86 7.33
CA PHE H 168 10.77 22.19 6.83
C PHE H 168 10.73 20.67 6.78
N HIS H 169 9.75 20.05 7.41
CA HIS H 169 9.61 18.59 7.37
C HIS H 169 8.19 18.15 6.99
N ASN H 170 7.43 19.08 6.41
CA ASN H 170 6.07 18.79 5.98
C ASN H 170 5.89 19.42 4.60
N ALA H 171 5.87 18.56 3.58
CA ALA H 171 5.73 19.01 2.19
C ALA H 171 4.45 19.79 1.89
N VAL H 172 3.38 19.53 2.63
CA VAL H 172 2.11 20.20 2.42
C VAL H 172 2.23 21.73 2.47
N TYR H 173 3.25 22.23 3.18
CA TYR H 173 3.47 23.66 3.27
C TYR H 173 3.99 24.18 1.93
#